data_8SIT
#
_entry.id   8SIT
#
_cell.length_a   101.394
_cell.length_b   105.980
_cell.length_c   247.040
_cell.angle_alpha   90.00
_cell.angle_beta   90.00
_cell.angle_gamma   90.00
#
_symmetry.space_group_name_H-M   'P 21 21 21'
#
loop_
_entity.id
_entity.type
_entity.pdbx_description
1 polymer 'Spike protein S1'
2 polymer 'CC84.24 fab heavy chain'
3 polymer 'CC84.24 fab light chain'
4 non-polymer 2-acetamido-2-deoxy-beta-D-glucopyranose
#
loop_
_entity_poly.entity_id
_entity_poly.type
_entity_poly.pdbx_seq_one_letter_code
_entity_poly.pdbx_strand_id
1 'polypeptide(L)'
;TNLCPFGEVFNATRFASVYAWNRKRISNCVADYSVLYNSASFSTFKCYGVSPTKLNDLCFTNVYADSFVIRGDEVRQIAP
GQTGKIADYNYKLPDDFTGCVIAWNSNNLDSKVGGNYNYLYRLFRKSNLKPFERDISTEIYQAGSTPCNGVEGFNCYFPL
QSYGFQPTNGVGYQPYRVVVLSFELLHAPATVCGPKKSGHHHHHH
;
A,B,C,D
2 'polypeptide(L)'
;EVQLVESGGGLVKPGGSLRLSCAASGFTFSPYSMNWVRQAPGKGLEWVSSIRSSGNYISYADSVKGRFTISRDNAKNSLY
LQMNSLRAEDMAVYYCARAGRDYYDRSGYQRFPGFDYWGQGTLVTVSSASTKGPSVFPLAPSSKSTSGGTAALGCLVKDY
FPEPVTVSWNSGALTSGVHTFPAVLQSSGLYSLSSVVTVPSSSLGTQTYICNVNHKPSNTKVDKRVEPKSC
;
H,M,O,Q
3 'polypeptide(L)'
;QSALTQPPSVSVAPGQTARITCGGNNIGSKGVQWYQQKPGQAPVLVVYDDSDRPSGIPERFSGSNSGNTATLTISRVEAG
DEADYYCQVWDSSSDHWVFGGGTKLTVLGQPKAAPSVTLFPPSSEELQANKATLVCLISDFYPGAVTVAWKADSSPVKAG
VETTTPSKQSNNKYAASSYLSLTPEQWKSHRSYSCQVTHEGSTVEKTVAPTECS
;
L,N,P,S
#
loop_
_chem_comp.id
_chem_comp.type
_chem_comp.name
_chem_comp.formula
NAG D-saccharide, beta linking 2-acetamido-2-deoxy-beta-D-glucopyranose 'C8 H15 N O6'
#
# COMPACT_ATOMS: atom_id res chain seq x y z
N ASN A 2 32.68 -27.61 -23.38
CA ASN A 2 31.42 -27.17 -23.97
C ASN A 2 30.45 -26.70 -22.89
N LEU A 3 29.32 -26.11 -23.31
CA LEU A 3 28.34 -25.55 -22.39
C LEU A 3 26.95 -25.68 -23.00
N CYS A 4 25.97 -25.92 -22.13
CA CYS A 4 24.60 -26.10 -22.58
C CYS A 4 24.01 -24.79 -23.10
N PRO A 5 23.20 -24.85 -24.17
CA PRO A 5 22.62 -23.64 -24.79
C PRO A 5 21.34 -23.17 -24.11
N PHE A 6 21.38 -22.96 -22.79
CA PHE A 6 20.20 -22.44 -22.11
C PHE A 6 19.89 -21.02 -22.57
N GLY A 7 20.91 -20.20 -22.81
CA GLY A 7 20.64 -18.83 -23.20
C GLY A 7 19.84 -18.77 -24.49
N GLU A 8 20.17 -19.66 -25.43
CA GLU A 8 19.46 -19.67 -26.70
C GLU A 8 17.98 -19.94 -26.49
N VAL A 9 17.65 -20.83 -25.56
CA VAL A 9 16.23 -21.07 -25.30
C VAL A 9 15.62 -19.86 -24.58
N PHE A 10 16.32 -19.28 -23.60
CA PHE A 10 15.71 -18.22 -22.80
C PHE A 10 15.67 -16.89 -23.55
N ASN A 11 16.76 -16.53 -24.22
CA ASN A 11 16.91 -15.24 -24.88
C ASN A 11 16.52 -15.28 -26.36
N ALA A 12 15.85 -16.35 -26.79
CA ALA A 12 15.47 -16.48 -28.19
C ALA A 12 14.63 -15.31 -28.67
N THR A 13 14.94 -14.81 -29.87
CA THR A 13 14.24 -13.66 -30.42
C THR A 13 12.76 -13.94 -30.60
N ARG A 14 12.41 -15.14 -31.08
CA ARG A 14 11.02 -15.53 -31.30
C ARG A 14 10.65 -16.71 -30.41
N PHE A 15 9.45 -16.65 -29.84
CA PHE A 15 8.88 -17.74 -29.06
C PHE A 15 7.70 -18.34 -29.81
N ALA A 16 7.29 -19.52 -29.37
CA ALA A 16 6.25 -20.30 -30.04
C ALA A 16 4.89 -20.09 -29.39
N SER A 17 3.84 -20.42 -30.14
CA SER A 17 2.48 -20.46 -29.63
C SER A 17 2.28 -21.71 -28.77
N VAL A 18 1.24 -21.67 -27.92
CA VAL A 18 1.04 -22.74 -26.96
C VAL A 18 0.71 -24.05 -27.66
N TYR A 19 -0.15 -23.99 -28.68
CA TYR A 19 -0.53 -25.21 -29.38
C TYR A 19 0.66 -25.84 -30.11
N ALA A 20 1.57 -25.01 -30.62
CA ALA A 20 2.80 -25.49 -31.24
C ALA A 20 4.02 -25.18 -30.40
N TRP A 21 3.98 -25.54 -29.12
CA TRP A 21 5.09 -25.26 -28.21
C TRP A 21 6.37 -25.93 -28.69
N ASN A 22 7.49 -25.23 -28.54
CA ASN A 22 8.76 -25.67 -29.10
C ASN A 22 9.58 -26.48 -28.10
N ARG A 23 10.19 -27.57 -28.56
CA ARG A 23 11.00 -28.44 -27.72
C ARG A 23 12.46 -28.35 -28.14
N LYS A 24 13.33 -28.09 -27.16
CA LYS A 24 14.78 -28.05 -27.34
C LYS A 24 15.41 -29.15 -26.50
N ARG A 25 16.25 -29.97 -27.12
CA ARG A 25 16.95 -31.05 -26.43
C ARG A 25 18.34 -30.58 -26.03
N ILE A 26 18.59 -30.50 -24.73
CA ILE A 26 19.88 -30.14 -24.17
C ILE A 26 20.56 -31.43 -23.71
N SER A 27 21.71 -31.74 -24.31
CA SER A 27 22.43 -32.95 -24.01
C SER A 27 23.91 -32.77 -24.32
N ASN A 28 24.73 -33.63 -23.71
CA ASN A 28 26.17 -33.67 -23.93
C ASN A 28 26.80 -32.29 -23.72
N CYS A 29 26.54 -31.72 -22.55
CA CYS A 29 27.09 -30.41 -22.19
C CYS A 29 27.04 -30.27 -20.68
N VAL A 30 27.76 -29.26 -20.18
CA VAL A 30 27.70 -28.88 -18.77
C VAL A 30 26.78 -27.68 -18.64
N ALA A 31 25.93 -27.70 -17.62
CA ALA A 31 24.88 -26.71 -17.45
C ALA A 31 25.14 -25.92 -16.17
N ASP A 32 25.24 -24.60 -16.30
CA ASP A 32 25.33 -23.71 -15.15
C ASP A 32 23.95 -23.11 -14.93
N TYR A 33 23.21 -23.66 -13.97
CA TYR A 33 21.87 -23.19 -13.65
C TYR A 33 21.87 -21.90 -12.87
N SER A 34 23.04 -21.45 -12.40
CA SER A 34 23.09 -20.27 -11.54
C SER A 34 22.48 -19.06 -12.23
N VAL A 35 22.77 -18.90 -13.53
CA VAL A 35 22.28 -17.75 -14.27
C VAL A 35 20.77 -17.68 -14.21
N LEU A 36 20.11 -18.83 -14.09
CA LEU A 36 18.66 -18.81 -13.96
C LEU A 36 18.23 -18.58 -12.52
N TYR A 37 18.86 -19.27 -11.56
CA TYR A 37 18.31 -19.24 -10.20
C TYR A 37 18.75 -18.01 -9.41
N ASN A 38 19.84 -17.36 -9.81
CA ASN A 38 20.22 -16.08 -9.24
C ASN A 38 19.68 -14.89 -10.01
N SER A 39 19.01 -15.11 -11.15
CA SER A 39 18.39 -14.03 -11.89
C SER A 39 17.13 -13.54 -11.19
N ALA A 40 16.82 -12.26 -11.40
CA ALA A 40 15.62 -11.65 -10.82
C ALA A 40 14.61 -11.18 -11.85
N SER A 41 14.88 -11.40 -13.14
CA SER A 41 13.92 -11.01 -14.18
C SER A 41 12.76 -12.00 -14.34
N PHE A 42 12.75 -13.09 -13.60
CA PHE A 42 11.70 -14.10 -13.74
C PHE A 42 10.57 -13.82 -12.75
N SER A 43 9.34 -13.80 -13.27
CA SER A 43 8.18 -13.58 -12.42
C SER A 43 7.70 -14.87 -11.77
N THR A 44 7.90 -16.01 -12.44
CA THR A 44 7.47 -17.30 -11.91
C THR A 44 8.65 -18.28 -11.97
N PHE A 45 8.92 -18.95 -10.85
CA PHE A 45 10.01 -19.91 -10.78
C PHE A 45 9.59 -21.02 -9.81
N LYS A 46 9.06 -22.11 -10.35
CA LYS A 46 8.54 -23.20 -9.52
C LYS A 46 9.24 -24.50 -9.91
N CYS A 47 9.96 -25.10 -8.98
CA CYS A 47 10.69 -26.34 -9.23
C CYS A 47 10.05 -27.49 -8.44
N TYR A 48 9.66 -28.53 -9.17
CA TYR A 48 8.99 -29.70 -8.61
C TYR A 48 9.93 -30.89 -8.63
N GLY A 49 10.07 -31.54 -7.48
CA GLY A 49 10.93 -32.71 -7.37
C GLY A 49 12.41 -32.43 -7.29
N VAL A 50 12.80 -31.15 -7.20
CA VAL A 50 14.21 -30.78 -7.19
C VAL A 50 14.31 -29.37 -6.64
N SER A 51 15.41 -29.08 -5.97
CA SER A 51 15.63 -27.72 -5.49
C SER A 51 16.54 -26.97 -6.46
N PRO A 52 16.23 -25.70 -6.75
CA PRO A 52 17.09 -24.94 -7.66
C PRO A 52 18.52 -24.83 -7.20
N THR A 53 18.73 -24.70 -5.88
CA THR A 53 20.09 -24.53 -5.37
C THR A 53 20.91 -25.80 -5.49
N LYS A 54 20.27 -26.97 -5.38
CA LYS A 54 21.00 -28.24 -5.46
C LYS A 54 21.23 -28.70 -6.90
N LEU A 55 20.60 -28.07 -7.88
CA LEU A 55 20.61 -28.58 -9.26
C LEU A 55 22.01 -28.70 -9.82
N ASN A 56 22.92 -27.79 -9.45
CA ASN A 56 24.27 -27.81 -9.99
C ASN A 56 25.03 -29.08 -9.61
N ASP A 57 24.60 -29.80 -8.58
CA ASP A 57 25.31 -31.00 -8.14
C ASP A 57 24.81 -32.27 -8.81
N LEU A 58 23.60 -32.29 -9.35
CA LEU A 58 23.07 -33.50 -9.96
C LEU A 58 23.46 -33.61 -11.42
N CYS A 59 23.34 -34.84 -11.94
CA CYS A 59 23.59 -35.15 -13.34
C CYS A 59 22.36 -35.86 -13.89
N PHE A 60 22.03 -35.56 -15.14
CA PHE A 60 20.86 -36.13 -15.78
C PHE A 60 21.22 -36.69 -17.15
N THR A 61 20.33 -37.52 -17.68
CA THR A 61 20.60 -38.12 -18.98
C THR A 61 20.22 -37.16 -20.11
N ASN A 62 19.17 -36.37 -19.92
CA ASN A 62 18.79 -35.38 -20.92
C ASN A 62 18.01 -34.27 -20.24
N VAL A 63 18.02 -33.10 -20.87
CA VAL A 63 17.20 -31.98 -20.41
C VAL A 63 16.34 -31.53 -21.58
N TYR A 64 15.07 -31.22 -21.30
CA TYR A 64 14.14 -30.76 -22.32
C TYR A 64 13.65 -29.38 -21.94
N ALA A 65 13.81 -28.43 -22.86
CA ALA A 65 13.33 -27.07 -22.65
C ALA A 65 12.15 -26.83 -23.57
N ASP A 66 10.99 -26.52 -23.00
CA ASP A 66 9.78 -26.29 -23.77
C ASP A 66 9.43 -24.81 -23.68
N SER A 67 9.21 -24.20 -24.83
CA SER A 67 9.07 -22.75 -24.94
C SER A 67 7.72 -22.41 -25.55
N PHE A 68 7.02 -21.47 -24.91
CA PHE A 68 5.74 -21.00 -25.45
C PHE A 68 5.39 -19.67 -24.77
N VAL A 69 4.35 -19.03 -25.30
CA VAL A 69 3.86 -17.75 -24.78
C VAL A 69 2.39 -17.89 -24.41
N ILE A 70 2.05 -17.50 -23.18
CA ILE A 70 0.68 -17.58 -22.69
C ILE A 70 0.38 -16.29 -21.92
N ARG A 71 -0.89 -16.05 -21.68
CA ARG A 71 -1.25 -14.92 -20.84
C ARG A 71 -0.88 -15.18 -19.38
N GLY A 72 -0.77 -14.10 -18.62
CA GLY A 72 -0.31 -14.22 -17.25
C GLY A 72 -1.22 -15.05 -16.36
N ASP A 73 -2.54 -14.91 -16.51
CA ASP A 73 -3.43 -15.70 -15.68
C ASP A 73 -3.34 -17.19 -15.98
N GLU A 74 -2.94 -17.56 -17.20
CA GLU A 74 -2.84 -18.97 -17.57
C GLU A 74 -1.56 -19.63 -17.08
N VAL A 75 -0.60 -18.88 -16.54
CA VAL A 75 0.68 -19.47 -16.11
C VAL A 75 0.47 -20.50 -15.02
N ARG A 76 -0.50 -20.27 -14.14
CA ARG A 76 -0.81 -21.26 -13.10
C ARG A 76 -1.16 -22.62 -13.71
N GLN A 77 -1.80 -22.64 -14.89
CA GLN A 77 -2.19 -23.90 -15.51
C GLN A 77 -0.99 -24.76 -15.90
N ILE A 78 0.15 -24.12 -16.22
CA ILE A 78 1.32 -24.88 -16.65
C ILE A 78 1.77 -25.84 -15.56
N ALA A 79 1.64 -25.43 -14.30
CA ALA A 79 2.02 -26.27 -13.18
C ALA A 79 1.18 -27.56 -13.18
N PRO A 80 1.74 -28.66 -12.67
CA PRO A 80 1.04 -29.95 -12.78
C PRO A 80 -0.30 -29.97 -12.04
N GLY A 81 -1.22 -30.77 -12.57
CA GLY A 81 -2.51 -31.00 -11.94
C GLY A 81 -3.50 -29.87 -12.01
N GLN A 82 -3.43 -29.03 -13.05
CA GLN A 82 -4.34 -27.91 -13.21
C GLN A 82 -5.18 -28.08 -14.47
N THR A 83 -6.44 -27.67 -14.38
CA THR A 83 -7.35 -27.67 -15.53
C THR A 83 -7.40 -26.29 -16.16
N GLY A 84 -7.61 -26.26 -17.46
CA GLY A 84 -7.73 -25.01 -18.19
C GLY A 84 -7.48 -25.23 -19.67
N LYS A 85 -7.94 -24.26 -20.46
CA LYS A 85 -7.81 -24.36 -21.91
C LYS A 85 -6.38 -24.67 -22.32
N ILE A 86 -5.40 -23.99 -21.71
CA ILE A 86 -4.00 -24.26 -22.00
C ILE A 86 -3.60 -25.63 -21.48
N ALA A 87 -4.00 -25.97 -20.26
CA ALA A 87 -3.61 -27.25 -19.68
C ALA A 87 -4.30 -28.43 -20.35
N ASP A 88 -5.59 -28.29 -20.67
CA ASP A 88 -6.33 -29.41 -21.23
C ASP A 88 -6.15 -29.54 -22.75
N TYR A 89 -5.97 -28.43 -23.45
CA TYR A 89 -5.96 -28.45 -24.91
C TYR A 89 -4.63 -28.04 -25.55
N ASN A 90 -3.73 -27.39 -24.82
CA ASN A 90 -2.52 -26.85 -25.44
C ASN A 90 -1.24 -27.45 -24.90
N TYR A 91 -1.00 -27.37 -23.58
CA TYR A 91 0.23 -27.89 -22.99
C TYR A 91 -0.10 -28.51 -21.65
N LYS A 92 0.23 -29.80 -21.49
CA LYS A 92 -0.03 -30.54 -20.26
C LYS A 92 1.27 -30.99 -19.64
N LEU A 93 1.35 -30.86 -18.31
CA LEU A 93 2.52 -31.35 -17.59
C LEU A 93 2.17 -32.62 -16.83
N PRO A 94 3.06 -33.61 -16.83
CA PRO A 94 2.74 -34.88 -16.17
C PRO A 94 2.56 -34.70 -14.67
N ASP A 95 1.72 -35.57 -14.08
CA ASP A 95 1.56 -35.56 -12.63
C ASP A 95 2.86 -35.90 -11.92
N ASP A 96 3.68 -36.76 -12.52
CA ASP A 96 4.98 -37.10 -11.95
C ASP A 96 6.09 -36.20 -12.51
N PHE A 97 5.81 -34.89 -12.55
CA PHE A 97 6.74 -33.95 -13.16
C PHE A 97 7.93 -33.71 -12.24
N THR A 98 9.13 -33.83 -12.80
CA THR A 98 10.38 -33.52 -12.11
C THR A 98 11.11 -32.47 -12.93
N GLY A 99 10.95 -31.20 -12.58
CA GLY A 99 11.57 -30.14 -13.36
C GLY A 99 11.11 -28.79 -12.87
N CYS A 100 11.51 -27.76 -13.63
CA CYS A 100 11.27 -26.38 -13.22
C CYS A 100 10.48 -25.63 -14.29
N VAL A 101 9.58 -24.78 -13.84
CA VAL A 101 8.78 -23.91 -14.72
C VAL A 101 9.22 -22.48 -14.45
N ILE A 102 9.62 -21.77 -15.50
CA ILE A 102 10.11 -20.40 -15.39
C ILE A 102 9.32 -19.53 -16.36
N ALA A 103 8.85 -18.39 -15.89
CA ALA A 103 8.03 -17.51 -16.71
C ALA A 103 8.37 -16.07 -16.41
N TRP A 104 8.31 -15.24 -17.44
CA TRP A 104 8.61 -13.82 -17.29
C TRP A 104 7.73 -13.00 -18.23
N ASN A 105 7.57 -11.73 -17.88
CA ASN A 105 6.72 -10.85 -18.67
C ASN A 105 7.40 -10.48 -19.97
N SER A 106 6.66 -10.56 -21.07
CA SER A 106 7.17 -10.24 -22.41
C SER A 106 6.31 -9.17 -23.08
N ASN A 107 5.66 -8.31 -22.28
CA ASN A 107 4.82 -7.26 -22.83
C ASN A 107 5.63 -6.29 -23.67
N ASN A 108 6.84 -5.94 -23.22
CA ASN A 108 7.72 -5.09 -24.00
C ASN A 108 8.13 -5.74 -25.31
N LEU A 109 8.10 -7.07 -25.36
CA LEU A 109 8.65 -7.86 -26.46
C LEU A 109 7.62 -8.44 -27.41
N ASP A 110 6.45 -8.84 -26.91
CA ASP A 110 5.46 -9.56 -27.70
C ASP A 110 4.15 -8.81 -27.88
N SER A 111 4.15 -7.50 -27.70
CA SER A 111 2.93 -6.70 -27.83
C SER A 111 3.15 -5.56 -28.82
N LYS A 112 2.07 -5.13 -29.44
CA LYS A 112 2.11 -4.05 -30.41
C LYS A 112 0.96 -3.08 -30.16
N VAL A 113 1.13 -1.85 -30.65
CA VAL A 113 0.15 -0.79 -30.42
C VAL A 113 -1.19 -1.17 -31.01
N GLY A 114 -1.20 -1.71 -32.23
CA GLY A 114 -2.42 -2.24 -32.80
C GLY A 114 -2.89 -3.53 -32.17
N GLY A 115 -1.98 -4.26 -31.53
CA GLY A 115 -2.24 -5.53 -30.88
C GLY A 115 -1.59 -6.66 -31.66
N ASN A 116 -1.02 -7.62 -30.93
CA ASN A 116 -0.41 -8.81 -31.50
C ASN A 116 -1.39 -9.97 -31.40
N TYR A 117 -1.95 -10.40 -32.53
CA TYR A 117 -2.84 -11.54 -32.57
C TYR A 117 -2.18 -12.80 -33.13
N ASN A 118 -0.85 -12.79 -33.25
CA ASN A 118 -0.13 -13.91 -33.86
C ASN A 118 0.12 -15.06 -32.90
N TYR A 119 -0.05 -14.86 -31.59
CA TYR A 119 0.07 -15.96 -30.64
C TYR A 119 -1.31 -16.60 -30.47
N LEU A 120 -1.36 -17.92 -30.62
CA LEU A 120 -2.62 -18.65 -30.68
C LEU A 120 -2.70 -19.69 -29.58
N TYR A 121 -3.92 -20.19 -29.37
CA TYR A 121 -4.20 -21.27 -28.44
C TYR A 121 -5.33 -22.11 -29.02
N ARG A 122 -5.56 -23.27 -28.43
CA ARG A 122 -6.60 -24.18 -28.90
C ARG A 122 -7.83 -24.05 -28.00
N LEU A 123 -8.94 -23.61 -28.59
CA LEU A 123 -10.19 -23.44 -27.85
C LEU A 123 -11.02 -24.71 -27.80
N PHE A 124 -10.89 -25.60 -28.78
CA PHE A 124 -11.79 -26.75 -28.89
C PHE A 124 -11.00 -28.00 -29.24
N ARG A 125 -11.26 -29.07 -28.52
CA ARG A 125 -10.69 -30.38 -28.82
C ARG A 125 -11.63 -31.45 -28.28
N LYS A 126 -11.70 -32.57 -29.01
CA LYS A 126 -12.58 -33.66 -28.59
C LYS A 126 -12.11 -34.28 -27.28
N SER A 127 -10.80 -34.47 -27.14
CA SER A 127 -10.22 -35.12 -25.97
C SER A 127 -9.16 -34.22 -25.35
N ASN A 128 -8.97 -34.36 -24.05
CA ASN A 128 -7.91 -33.63 -23.35
C ASN A 128 -6.54 -34.19 -23.69
N LEU A 129 -5.55 -33.31 -23.74
CA LEU A 129 -4.20 -33.69 -24.12
C LEU A 129 -3.54 -34.57 -23.06
N LYS A 130 -2.79 -35.57 -23.51
CA LYS A 130 -1.94 -36.37 -22.66
C LYS A 130 -0.67 -35.58 -22.33
N PRO A 131 0.03 -35.93 -21.25
CA PRO A 131 1.24 -35.19 -20.88
C PRO A 131 2.24 -35.15 -22.03
N PHE A 132 2.71 -33.93 -22.34
CA PHE A 132 3.72 -33.68 -23.37
C PHE A 132 3.22 -33.99 -24.78
N GLU A 133 1.91 -33.90 -25.00
CA GLU A 133 1.34 -34.09 -26.33
C GLU A 133 1.18 -32.75 -27.02
N ARG A 134 1.44 -32.73 -28.33
CA ARG A 134 1.31 -31.53 -29.15
C ARG A 134 0.31 -31.79 -30.27
N ASP A 135 -0.68 -30.91 -30.41
CA ASP A 135 -1.63 -30.95 -31.52
C ASP A 135 -1.41 -29.72 -32.38
N ILE A 136 -0.98 -29.92 -33.62
CA ILE A 136 -0.81 -28.84 -34.59
C ILE A 136 -1.94 -28.83 -35.62
N SER A 137 -2.99 -29.62 -35.38
CA SER A 137 -4.06 -29.74 -36.35
C SER A 137 -4.82 -28.43 -36.52
N THR A 138 -5.25 -28.16 -37.76
CA THR A 138 -6.11 -27.03 -38.07
C THR A 138 -7.49 -27.50 -38.53
N GLU A 139 -7.84 -28.75 -38.25
CA GLU A 139 -9.10 -29.32 -38.72
C GLU A 139 -10.28 -28.65 -38.04
N ILE A 140 -11.34 -28.41 -38.83
CA ILE A 140 -12.52 -27.74 -38.31
C ILE A 140 -13.21 -28.65 -37.31
N TYR A 141 -13.64 -28.07 -36.19
CA TYR A 141 -14.24 -28.84 -35.10
C TYR A 141 -15.69 -29.16 -35.42
N GLN A 142 -16.06 -30.43 -35.26
CA GLN A 142 -17.43 -30.88 -35.45
C GLN A 142 -18.15 -30.84 -34.11
N ALA A 143 -19.10 -29.92 -33.96
CA ALA A 143 -19.98 -29.89 -32.81
C ALA A 143 -21.27 -30.68 -33.01
N GLY A 144 -21.54 -31.13 -34.24
CA GLY A 144 -22.78 -31.84 -34.53
C GLY A 144 -22.54 -32.97 -35.51
N SER A 145 -23.63 -33.68 -35.82
CA SER A 145 -23.54 -34.83 -36.71
C SER A 145 -23.16 -34.43 -38.12
N THR A 146 -23.57 -33.24 -38.56
CA THR A 146 -23.36 -32.84 -39.95
C THR A 146 -21.88 -32.49 -40.19
N PRO A 147 -21.23 -33.12 -41.17
CA PRO A 147 -19.82 -32.80 -41.42
C PRO A 147 -19.64 -31.38 -41.94
N CYS A 148 -18.51 -30.78 -41.53
CA CYS A 148 -18.16 -29.43 -41.98
C CYS A 148 -17.70 -29.41 -43.43
N ASN A 149 -17.06 -30.49 -43.88
CA ASN A 149 -16.49 -30.58 -45.24
C ASN A 149 -15.46 -29.48 -45.48
N GLY A 150 -14.63 -29.22 -44.48
CA GLY A 150 -13.54 -28.28 -44.61
C GLY A 150 -13.93 -26.82 -44.63
N VAL A 151 -15.14 -26.48 -44.20
CA VAL A 151 -15.62 -25.11 -44.17
C VAL A 151 -16.16 -24.82 -42.78
N GLU A 152 -15.80 -23.66 -42.24
CA GLU A 152 -16.39 -23.22 -40.98
C GLU A 152 -17.86 -22.91 -41.20
N GLY A 153 -18.71 -23.37 -40.30
CA GLY A 153 -20.13 -23.17 -40.44
C GLY A 153 -20.85 -23.33 -39.12
N PHE A 154 -22.17 -23.36 -39.20
CA PHE A 154 -22.97 -23.65 -38.02
C PHE A 154 -22.64 -25.05 -37.52
N ASN A 155 -22.42 -25.16 -36.21
CA ASN A 155 -21.97 -26.40 -35.57
C ASN A 155 -20.63 -26.88 -36.11
N CYS A 156 -19.82 -25.97 -36.66
CA CYS A 156 -18.53 -26.34 -37.25
C CYS A 156 -17.58 -25.16 -37.10
N TYR A 157 -16.63 -25.25 -36.17
CA TYR A 157 -15.83 -24.11 -35.77
C TYR A 157 -14.34 -24.38 -35.94
N PHE A 158 -13.59 -23.30 -36.18
CA PHE A 158 -12.14 -23.36 -36.23
C PHE A 158 -11.58 -23.64 -34.83
N PRO A 159 -10.67 -24.61 -34.68
CA PRO A 159 -10.24 -24.99 -33.33
C PRO A 159 -9.36 -23.97 -32.64
N LEU A 160 -8.63 -23.15 -33.38
CA LEU A 160 -7.64 -22.25 -32.80
C LEU A 160 -8.18 -20.82 -32.69
N GLN A 161 -7.70 -20.12 -31.67
CA GLN A 161 -8.09 -18.73 -31.42
C GLN A 161 -6.85 -17.90 -31.10
N SER A 162 -6.97 -16.59 -31.30
CA SER A 162 -5.84 -15.68 -31.23
C SER A 162 -5.84 -14.91 -29.91
N TYR A 163 -4.67 -14.84 -29.27
CA TYR A 163 -4.49 -13.93 -28.15
C TYR A 163 -4.51 -12.49 -28.64
N GLY A 164 -5.09 -11.60 -27.84
CA GLY A 164 -4.96 -10.19 -28.12
C GLY A 164 -4.02 -9.53 -27.14
N PHE A 165 -2.81 -9.21 -27.59
CA PHE A 165 -1.78 -8.66 -26.71
C PHE A 165 -1.60 -7.19 -27.05
N GLN A 166 -1.93 -6.33 -26.09
CA GLN A 166 -1.82 -4.88 -26.20
C GLN A 166 -1.10 -4.36 -24.96
N PRO A 167 -0.30 -3.29 -25.12
CA PRO A 167 0.52 -2.84 -23.97
C PRO A 167 -0.26 -2.43 -22.72
N THR A 168 -1.41 -1.78 -22.88
CA THR A 168 -2.19 -1.35 -21.71
C THR A 168 -2.91 -2.50 -21.01
N ASN A 169 -3.11 -3.63 -21.67
CA ASN A 169 -3.85 -4.72 -21.06
C ASN A 169 -3.18 -5.15 -19.76
N GLY A 170 -3.98 -5.64 -18.83
CA GLY A 170 -3.49 -5.98 -17.51
C GLY A 170 -2.50 -7.13 -17.55
N VAL A 171 -1.80 -7.30 -16.41
CA VAL A 171 -0.67 -8.22 -16.37
C VAL A 171 -1.09 -9.66 -16.67
N GLY A 172 -2.28 -10.08 -16.20
CA GLY A 172 -2.75 -11.42 -16.54
C GLY A 172 -2.99 -11.55 -18.04
N TYR A 173 -3.52 -10.50 -18.64
CA TYR A 173 -3.94 -10.24 -20.00
C TYR A 173 -2.76 -9.94 -20.92
N GLN A 174 -1.60 -9.62 -20.32
CA GLN A 174 -0.30 -9.34 -20.91
C GLN A 174 0.43 -10.64 -21.23
N PRO A 175 1.23 -10.64 -22.30
CA PRO A 175 1.93 -11.89 -22.69
C PRO A 175 3.08 -12.22 -21.75
N TYR A 176 3.21 -13.50 -21.44
CA TYR A 176 4.29 -14.03 -20.62
C TYR A 176 4.96 -15.17 -21.37
N ARG A 177 6.29 -15.15 -21.38
CA ARG A 177 7.07 -16.21 -22.01
C ARG A 177 7.41 -17.25 -20.95
N VAL A 178 7.17 -18.51 -21.28
CA VAL A 178 7.33 -19.63 -20.36
C VAL A 178 8.28 -20.64 -20.96
N VAL A 179 9.25 -21.08 -20.15
CA VAL A 179 10.17 -22.16 -20.46
C VAL A 179 10.06 -23.21 -19.35
N VAL A 180 9.84 -24.45 -19.75
CA VAL A 180 9.72 -25.57 -18.84
C VAL A 180 10.92 -26.49 -19.05
N LEU A 181 11.70 -26.70 -17.99
CA LEU A 181 12.90 -27.53 -18.02
C LEU A 181 12.56 -28.85 -17.36
N SER A 182 12.57 -29.93 -18.13
CA SER A 182 12.32 -31.28 -17.64
C SER A 182 13.66 -32.02 -17.60
N PHE A 183 14.01 -32.52 -16.42
CA PHE A 183 15.29 -33.21 -16.21
C PHE A 183 15.01 -34.72 -16.24
N GLU A 184 15.37 -35.36 -17.35
CA GLU A 184 15.11 -36.77 -17.60
C GLU A 184 16.31 -37.63 -17.23
N LEU A 185 16.07 -38.65 -16.39
CA LEU A 185 17.06 -39.60 -15.88
C LEU A 185 16.77 -41.02 -16.38
N LEU A 186 17.36 -41.38 -17.52
CA LEU A 186 17.19 -42.71 -18.10
C LEU A 186 18.27 -43.66 -17.57
N HIS A 187 18.09 -44.95 -17.86
CA HIS A 187 19.11 -45.97 -17.56
C HIS A 187 20.13 -45.96 -18.69
N ALA A 188 20.92 -44.88 -18.72
CA ALA A 188 21.88 -44.64 -19.79
C ALA A 188 22.91 -43.66 -19.29
N PRO A 189 24.03 -43.52 -20.00
CA PRO A 189 25.04 -42.54 -19.57
C PRO A 189 24.48 -41.13 -19.48
N ALA A 190 24.83 -40.44 -18.40
CA ALA A 190 24.36 -39.08 -18.16
C ALA A 190 25.19 -38.09 -18.97
N THR A 191 24.51 -37.27 -19.77
CA THR A 191 25.19 -36.34 -20.66
C THR A 191 25.04 -34.87 -20.26
N VAL A 192 24.12 -34.55 -19.36
CA VAL A 192 23.96 -33.18 -18.87
C VAL A 192 24.32 -33.17 -17.39
N CYS A 193 25.31 -32.36 -17.03
CA CYS A 193 25.78 -32.26 -15.65
C CYS A 193 25.97 -30.80 -15.30
N GLY A 194 25.86 -30.50 -14.01
CA GLY A 194 26.13 -29.17 -13.51
C GLY A 194 27.62 -28.92 -13.42
N PRO A 195 28.01 -27.78 -12.86
CA PRO A 195 29.45 -27.52 -12.67
C PRO A 195 30.14 -28.59 -11.85
N LYS A 196 29.45 -29.17 -10.87
CA LYS A 196 30.00 -30.28 -10.10
C LYS A 196 29.42 -31.60 -10.59
N ASN B 2 59.93 8.74 -18.68
CA ASN B 2 59.31 8.08 -17.53
C ASN B 2 57.78 8.05 -17.66
N LEU B 3 57.13 7.43 -16.67
CA LEU B 3 55.69 7.17 -16.74
C LEU B 3 55.14 7.11 -15.31
N CYS B 4 54.05 7.83 -15.07
CA CYS B 4 53.48 7.86 -13.73
C CYS B 4 52.96 6.47 -13.35
N PRO B 5 53.13 6.07 -12.09
CA PRO B 5 52.78 4.70 -11.65
C PRO B 5 51.32 4.55 -11.24
N PHE B 6 50.41 4.89 -12.15
CA PHE B 6 48.99 4.66 -11.88
C PHE B 6 48.68 3.16 -11.77
N GLY B 7 49.31 2.35 -12.62
CA GLY B 7 49.03 0.92 -12.61
C GLY B 7 49.37 0.23 -11.30
N GLU B 8 50.44 0.67 -10.64
CA GLU B 8 50.88 0.03 -9.40
C GLU B 8 49.82 0.14 -8.30
N VAL B 9 49.12 1.27 -8.24
CA VAL B 9 48.08 1.43 -7.22
C VAL B 9 46.93 0.48 -7.49
N PHE B 10 46.51 0.34 -8.74
CA PHE B 10 45.37 -0.50 -9.08
C PHE B 10 45.71 -1.98 -8.97
N ASN B 11 46.93 -2.35 -9.36
CA ASN B 11 47.35 -3.75 -9.38
C ASN B 11 48.01 -4.18 -8.09
N ALA B 12 47.93 -3.37 -7.02
CA ALA B 12 48.49 -3.74 -5.74
C ALA B 12 47.89 -5.04 -5.24
N THR B 13 48.76 -5.95 -4.75
CA THR B 13 48.28 -7.25 -4.29
C THR B 13 47.34 -7.10 -3.09
N ARG B 14 47.69 -6.23 -2.15
CA ARG B 14 46.88 -5.99 -0.95
C ARG B 14 46.44 -4.53 -0.93
N PHE B 15 45.20 -4.31 -0.49
CA PHE B 15 44.65 -2.98 -0.31
C PHE B 15 44.53 -2.66 1.18
N ALA B 16 44.30 -1.39 1.48
CA ALA B 16 44.27 -0.91 2.85
C ALA B 16 42.84 -0.82 3.37
N SER B 17 42.72 -0.78 4.69
CA SER B 17 41.44 -0.56 5.36
C SER B 17 41.06 0.92 5.25
N VAL B 18 39.76 1.19 5.45
CA VAL B 18 39.26 2.54 5.25
C VAL B 18 39.84 3.50 6.28
N TYR B 19 39.93 3.05 7.54
CA TYR B 19 40.46 3.93 8.58
C TYR B 19 41.93 4.27 8.33
N ALA B 20 42.69 3.34 7.75
CA ALA B 20 44.08 3.59 7.37
C ALA B 20 44.23 3.63 5.86
N TRP B 21 43.38 4.44 5.21
CA TRP B 21 43.40 4.54 3.75
C TRP B 21 44.76 5.02 3.25
N ASN B 22 45.19 4.43 2.14
CA ASN B 22 46.58 4.53 1.75
C ASN B 22 46.76 5.65 0.72
N ARG B 23 47.79 6.49 0.89
CA ARG B 23 48.02 7.64 0.02
C ARG B 23 49.33 7.50 -0.78
N LYS B 24 49.23 7.65 -2.11
CA LYS B 24 50.38 7.65 -3.00
C LYS B 24 50.47 9.00 -3.72
N ARG B 25 51.64 9.64 -3.67
CA ARG B 25 51.86 10.92 -4.31
C ARG B 25 52.54 10.74 -5.67
N ILE B 26 51.84 11.14 -6.73
CA ILE B 26 52.35 11.08 -8.10
C ILE B 26 52.76 12.47 -8.55
N SER B 27 54.05 12.62 -8.89
CA SER B 27 54.58 13.89 -9.34
C SER B 27 55.80 13.65 -10.23
N ASN B 28 56.12 14.65 -11.05
CA ASN B 28 57.29 14.67 -11.92
C ASN B 28 57.36 13.43 -12.82
N CYS B 29 56.28 13.22 -13.56
CA CYS B 29 56.17 12.11 -14.50
C CYS B 29 55.08 12.46 -15.50
N VAL B 30 55.03 11.68 -16.59
CA VAL B 30 53.96 11.80 -17.58
C VAL B 30 52.91 10.75 -17.29
N ALA B 31 51.65 11.15 -17.34
CA ALA B 31 50.53 10.32 -16.90
C ALA B 31 49.62 10.00 -18.08
N ASP B 32 49.45 8.71 -18.35
CA ASP B 32 48.48 8.24 -19.34
C ASP B 32 47.27 7.70 -18.58
N TYR B 33 46.22 8.52 -18.48
CA TYR B 33 44.99 8.11 -17.80
C TYR B 33 44.12 7.19 -18.63
N SER B 34 44.44 7.01 -19.92
CA SER B 34 43.59 6.21 -20.80
C SER B 34 43.43 4.80 -20.28
N VAL B 35 44.51 4.21 -19.77
CA VAL B 35 44.49 2.84 -19.29
C VAL B 35 43.40 2.67 -18.23
N LEU B 36 43.06 3.74 -17.53
CA LEU B 36 41.97 3.67 -16.56
C LEU B 36 40.62 3.89 -17.24
N TYR B 37 40.51 4.93 -18.07
CA TYR B 37 39.20 5.34 -18.56
C TYR B 37 38.74 4.55 -19.77
N ASN B 38 39.64 3.83 -20.44
CA ASN B 38 39.24 2.91 -21.49
C ASN B 38 38.95 1.50 -20.99
N SER B 39 39.22 1.22 -19.71
CA SER B 39 38.90 -0.06 -19.11
C SER B 39 37.41 -0.18 -18.81
N ALA B 40 36.91 -1.42 -18.82
CA ALA B 40 35.52 -1.71 -18.52
C ALA B 40 35.33 -2.54 -17.25
N SER B 41 36.40 -2.87 -16.54
CA SER B 41 36.32 -3.63 -15.30
C SER B 41 35.88 -2.78 -14.10
N PHE B 42 35.66 -1.49 -14.28
CA PHE B 42 35.32 -0.61 -13.17
C PHE B 42 33.81 -0.51 -12.98
N SER B 43 33.37 -0.70 -11.74
CA SER B 43 31.94 -0.58 -11.44
C SER B 43 31.54 0.87 -11.21
N THR B 44 32.46 1.70 -10.72
CA THR B 44 32.18 3.11 -10.48
C THR B 44 33.29 3.95 -11.10
N PHE B 45 32.91 4.97 -11.87
CA PHE B 45 33.86 5.88 -12.51
C PHE B 45 33.19 7.25 -12.55
N LYS B 46 33.45 8.06 -11.52
CA LYS B 46 32.82 9.37 -11.39
C LYS B 46 33.90 10.44 -11.25
N CYS B 47 33.95 11.37 -12.19
CA CYS B 47 34.94 12.43 -12.20
C CYS B 47 34.25 13.78 -11.98
N TYR B 48 34.67 14.48 -10.92
CA TYR B 48 34.10 15.76 -10.53
C TYR B 48 35.09 16.87 -10.85
N GLY B 49 34.61 17.88 -11.56
CA GLY B 49 35.43 19.01 -11.96
C GLY B 49 36.35 18.75 -13.14
N VAL B 50 36.28 17.59 -13.77
CA VAL B 50 37.18 17.24 -14.86
C VAL B 50 36.55 16.07 -15.61
N SER B 51 36.81 16.02 -16.92
CA SER B 51 36.36 14.90 -17.74
C SER B 51 37.48 13.90 -17.95
N PRO B 52 37.21 12.60 -17.84
CA PRO B 52 38.27 11.61 -18.10
C PRO B 52 38.86 11.69 -19.49
N THR B 53 38.04 12.00 -20.49
CA THR B 53 38.53 12.04 -21.87
C THR B 53 39.47 13.22 -22.08
N LYS B 54 39.22 14.34 -21.39
CA LYS B 54 40.08 15.52 -21.50
C LYS B 54 41.31 15.45 -20.61
N LEU B 55 41.41 14.44 -19.74
CA LEU B 55 42.46 14.41 -18.73
C LEU B 55 43.85 14.34 -19.36
N ASN B 56 43.99 13.63 -20.49
CA ASN B 56 45.29 13.47 -21.11
C ASN B 56 45.86 14.79 -21.59
N ASP B 57 45.02 15.81 -21.78
CA ASP B 57 45.47 17.11 -22.25
C ASP B 57 45.82 18.07 -21.13
N LEU B 58 45.31 17.84 -19.93
CA LEU B 58 45.53 18.77 -18.83
C LEU B 58 46.83 18.47 -18.10
N CYS B 59 47.29 19.46 -17.35
CA CYS B 59 48.47 19.33 -16.51
C CYS B 59 48.09 19.76 -15.10
N PHE B 60 48.61 19.06 -14.09
CA PHE B 60 48.27 19.37 -12.72
C PHE B 60 49.55 19.55 -11.93
N THR B 61 49.45 20.19 -10.77
CA THR B 61 50.75 20.48 -10.21
C THR B 61 51.20 19.27 -9.36
N ASN B 62 50.24 18.48 -8.81
CA ASN B 62 50.48 17.22 -8.08
C ASN B 62 49.26 16.31 -8.20
N VAL B 63 49.45 14.99 -8.00
CA VAL B 63 48.35 14.02 -7.98
C VAL B 63 48.42 13.17 -6.71
N TYR B 64 47.26 12.88 -6.11
CA TYR B 64 47.17 12.02 -4.92
C TYR B 64 46.24 10.85 -5.22
N ALA B 65 46.71 9.63 -5.04
CA ALA B 65 45.90 8.43 -5.24
C ALA B 65 45.65 7.76 -3.90
N ASP B 66 44.37 7.60 -3.55
CA ASP B 66 43.97 7.03 -2.28
C ASP B 66 43.34 5.66 -2.52
N SER B 67 43.80 4.66 -1.78
CA SER B 67 43.43 3.28 -2.01
C SER B 67 42.80 2.72 -0.74
N PHE B 68 41.65 2.06 -0.88
CA PHE B 68 41.00 1.40 0.25
C PHE B 68 39.95 0.41 -0.26
N VAL B 69 39.40 -0.37 0.67
CA VAL B 69 38.35 -1.34 0.39
C VAL B 69 37.16 -1.05 1.27
N ILE B 70 35.98 -0.96 0.67
CA ILE B 70 34.74 -0.65 1.39
C ILE B 70 33.61 -1.54 0.88
N ARG B 71 32.49 -1.49 1.60
CA ARG B 71 31.30 -2.19 1.19
C ARG B 71 30.72 -1.55 -0.07
N GLY B 72 29.95 -2.32 -0.82
CA GLY B 72 29.44 -1.85 -2.10
C GLY B 72 28.52 -0.66 -2.00
N ASP B 73 27.59 -0.68 -1.04
CA ASP B 73 26.68 0.45 -0.87
C ASP B 73 27.42 1.69 -0.41
N GLU B 74 28.55 1.53 0.26
CA GLU B 74 29.30 2.64 0.81
C GLU B 74 30.11 3.40 -0.25
N VAL B 75 30.21 2.89 -1.48
CA VAL B 75 30.97 3.59 -2.51
C VAL B 75 30.35 4.94 -2.78
N ARG B 76 29.01 5.02 -2.76
CA ARG B 76 28.34 6.30 -2.91
C ARG B 76 28.75 7.29 -1.81
N GLN B 77 29.02 6.80 -0.59
CA GLN B 77 29.41 7.69 0.49
C GLN B 77 30.74 8.36 0.18
N ILE B 78 31.61 7.69 -0.57
CA ILE B 78 32.92 8.25 -0.91
C ILE B 78 32.75 9.54 -1.71
N ALA B 79 31.73 9.60 -2.55
CA ALA B 79 31.50 10.76 -3.40
C ALA B 79 31.31 12.02 -2.54
N PRO B 80 31.68 13.19 -3.06
CA PRO B 80 31.68 14.40 -2.22
C PRO B 80 30.29 14.74 -1.72
N GLY B 81 30.26 15.32 -0.52
CA GLY B 81 29.02 15.80 0.06
C GLY B 81 28.04 14.74 0.48
N GLN B 82 28.52 13.56 0.86
CA GLN B 82 27.67 12.45 1.25
C GLN B 82 27.90 12.12 2.71
N THR B 83 26.82 11.81 3.43
CA THR B 83 26.89 11.41 4.82
C THR B 83 26.89 9.89 4.93
N GLY B 84 27.56 9.39 5.95
CA GLY B 84 27.63 7.96 6.19
C GLY B 84 28.80 7.64 7.10
N LYS B 85 28.77 6.42 7.61
CA LYS B 85 29.80 5.99 8.56
C LYS B 85 31.19 6.09 7.95
N ILE B 86 31.35 5.58 6.73
CA ILE B 86 32.64 5.63 6.05
C ILE B 86 33.03 7.07 5.73
N ALA B 87 32.07 7.87 5.24
CA ALA B 87 32.36 9.24 4.87
C ALA B 87 32.63 10.11 6.10
N ASP B 88 31.87 9.89 7.17
CA ASP B 88 32.01 10.76 8.34
C ASP B 88 33.16 10.36 9.24
N TYR B 89 33.52 9.08 9.31
CA TYR B 89 34.52 8.63 10.27
C TYR B 89 35.77 8.02 9.63
N ASN B 90 35.75 7.67 8.36
CA ASN B 90 36.88 6.97 7.74
C ASN B 90 37.53 7.74 6.61
N TYR B 91 36.78 8.16 5.60
CA TYR B 91 37.34 8.87 4.45
C TYR B 91 36.37 9.96 4.04
N LYS B 92 36.83 11.21 4.05
CA LYS B 92 36.01 12.35 3.70
C LYS B 92 36.59 13.02 2.45
N LEU B 93 35.72 13.36 1.52
CA LEU B 93 36.16 14.11 0.35
C LEU B 93 35.63 15.53 0.41
N PRO B 94 36.44 16.52 0.03
CA PRO B 94 36.00 17.91 0.13
C PRO B 94 34.81 18.20 -0.77
N ASP B 95 33.99 19.17 -0.34
CA ASP B 95 32.89 19.61 -1.18
C ASP B 95 33.40 20.19 -2.50
N ASP B 96 34.59 20.79 -2.50
CA ASP B 96 35.20 21.32 -3.70
C ASP B 96 36.13 20.33 -4.37
N PHE B 97 35.75 19.05 -4.36
CA PHE B 97 36.65 18.00 -4.84
C PHE B 97 36.80 18.05 -6.36
N THR B 98 38.05 18.00 -6.82
CA THR B 98 38.38 17.95 -8.24
C THR B 98 39.17 16.67 -8.48
N GLY B 99 38.49 15.62 -8.93
CA GLY B 99 39.17 14.35 -9.14
C GLY B 99 38.18 13.25 -9.49
N CYS B 100 38.70 12.03 -9.56
CA CYS B 100 37.94 10.89 -10.04
C CYS B 100 37.91 9.78 -9.00
N VAL B 101 36.75 9.14 -8.87
CA VAL B 101 36.57 7.99 -7.99
C VAL B 101 36.31 6.76 -8.86
N ILE B 102 37.10 5.71 -8.66
CA ILE B 102 37.01 4.50 -9.43
C ILE B 102 36.89 3.33 -8.48
N ALA B 103 35.95 2.43 -8.73
CA ALA B 103 35.71 1.30 -7.85
C ALA B 103 35.38 0.05 -8.66
N TRP B 104 35.82 -1.09 -8.13
CA TRP B 104 35.61 -2.37 -8.80
C TRP B 104 35.39 -3.48 -7.77
N ASN B 105 34.77 -4.56 -8.22
CA ASN B 105 34.45 -5.68 -7.33
C ASN B 105 35.71 -6.48 -7.01
N SER B 106 35.86 -6.83 -5.73
CA SER B 106 37.01 -7.56 -5.23
C SER B 106 36.61 -8.85 -4.52
N ASN B 107 35.48 -9.44 -4.92
CA ASN B 107 35.03 -10.68 -4.28
C ASN B 107 36.02 -11.82 -4.50
N ASN B 108 36.60 -11.91 -5.70
CA ASN B 108 37.57 -12.97 -5.97
C ASN B 108 38.83 -12.82 -5.12
N LEU B 109 39.20 -11.60 -4.77
CA LEU B 109 40.47 -11.37 -4.07
C LEU B 109 40.31 -11.13 -2.59
N ASP B 110 39.21 -10.52 -2.15
CA ASP B 110 39.05 -10.12 -0.75
C ASP B 110 37.93 -10.89 -0.05
N SER B 111 37.47 -12.00 -0.63
CA SER B 111 36.44 -12.80 0.01
C SER B 111 36.87 -14.25 0.08
N LYS B 112 36.41 -14.94 1.14
CA LYS B 112 36.68 -16.34 1.35
C LYS B 112 35.43 -16.99 1.90
N VAL B 113 35.33 -18.31 1.75
CA VAL B 113 34.15 -19.04 2.20
C VAL B 113 33.95 -18.84 3.69
N GLY B 114 35.03 -18.91 4.47
CA GLY B 114 34.94 -18.56 5.87
C GLY B 114 34.80 -17.08 6.13
N GLY B 115 35.20 -16.25 5.18
CA GLY B 115 35.06 -14.81 5.33
C GLY B 115 36.38 -14.12 5.60
N ASN B 116 36.55 -12.93 5.01
CA ASN B 116 37.70 -12.07 5.28
C ASN B 116 37.28 -11.05 6.32
N TYR B 117 37.77 -11.21 7.55
CA TYR B 117 37.49 -10.29 8.63
C TYR B 117 38.69 -9.39 8.93
N ASN B 118 39.66 -9.34 8.02
CA ASN B 118 40.86 -8.53 8.18
C ASN B 118 40.66 -7.08 7.75
N TYR B 119 39.58 -6.76 7.03
CA TYR B 119 39.28 -5.39 6.66
C TYR B 119 38.46 -4.74 7.76
N LEU B 120 38.92 -3.59 8.25
CA LEU B 120 38.34 -2.95 9.41
C LEU B 120 37.87 -1.56 9.05
N TYR B 121 37.01 -1.00 9.90
CA TYR B 121 36.51 0.36 9.74
C TYR B 121 36.24 0.95 11.11
N ARG B 122 35.98 2.25 11.15
CA ARG B 122 35.71 2.95 12.40
C ARG B 122 34.21 3.13 12.57
N LEU B 123 33.67 2.50 13.61
CA LEU B 123 32.25 2.57 13.96
C LEU B 123 31.93 3.74 14.87
N PHE B 124 32.89 4.22 15.66
CA PHE B 124 32.64 5.21 16.70
C PHE B 124 33.71 6.29 16.63
N ARG B 125 33.29 7.55 16.67
CA ARG B 125 34.24 8.65 16.74
C ARG B 125 33.54 9.87 17.35
N LYS B 126 34.30 10.65 18.12
CA LYS B 126 33.72 11.80 18.82
C LYS B 126 33.25 12.89 17.85
N SER B 127 34.06 13.20 16.84
CA SER B 127 33.77 14.28 15.90
C SER B 127 33.82 13.74 14.48
N ASN B 128 33.10 14.39 13.57
CA ASN B 128 33.15 13.97 12.18
C ASN B 128 34.53 14.28 11.59
N LEU B 129 34.97 13.40 10.70
CA LEU B 129 36.30 13.53 10.12
C LEU B 129 36.40 14.76 9.24
N LYS B 130 37.54 15.44 9.30
CA LYS B 130 37.79 16.57 8.42
C LYS B 130 38.16 16.08 7.03
N PRO B 131 37.97 16.92 6.01
CA PRO B 131 38.28 16.49 4.64
C PRO B 131 39.73 16.04 4.49
N PHE B 132 39.91 14.83 3.94
CA PHE B 132 41.21 14.23 3.66
C PHE B 132 42.02 13.93 4.93
N GLU B 133 41.34 13.72 6.04
CA GLU B 133 41.97 13.37 7.32
C GLU B 133 41.96 11.87 7.53
N ARG B 134 43.03 11.35 8.13
CA ARG B 134 43.16 9.93 8.46
C ARG B 134 43.35 9.75 9.96
N ASP B 135 42.54 8.89 10.57
CA ASP B 135 42.67 8.51 11.98
C ASP B 135 43.02 7.03 12.09
N ILE B 136 44.19 6.72 12.63
CA ILE B 136 44.61 5.35 12.89
C ILE B 136 44.53 4.99 14.38
N SER B 137 43.91 5.84 15.19
CA SER B 137 43.88 5.64 16.64
C SER B 137 43.07 4.39 17.02
N THR B 138 43.53 3.71 18.06
CA THR B 138 42.83 2.57 18.64
C THR B 138 42.30 2.85 20.06
N GLU B 139 42.22 4.13 20.44
CA GLU B 139 41.80 4.47 21.80
C GLU B 139 40.35 4.11 22.04
N ILE B 140 40.06 3.63 23.26
CA ILE B 140 38.69 3.20 23.62
C ILE B 140 37.78 4.43 23.72
N TYR B 141 36.58 4.32 23.11
CA TYR B 141 35.63 5.43 23.02
C TYR B 141 34.68 5.56 24.21
N GLN B 142 34.49 6.78 24.65
CA GLN B 142 33.53 7.15 25.68
C GLN B 142 32.21 7.59 25.04
N ALA B 143 31.15 6.80 25.22
CA ALA B 143 29.78 7.21 24.97
C ALA B 143 29.17 7.78 26.24
N GLY B 144 29.86 7.63 27.39
CA GLY B 144 29.31 8.02 28.67
C GLY B 144 30.33 8.71 29.55
N SER B 145 29.90 9.08 30.76
CA SER B 145 30.72 9.92 31.64
C SER B 145 31.99 9.21 32.15
N THR B 146 31.94 7.91 32.40
CA THR B 146 33.07 7.18 33.03
C THR B 146 34.20 6.89 32.04
N PRO B 147 35.44 7.33 32.32
CA PRO B 147 36.56 7.00 31.42
C PRO B 147 36.85 5.50 31.36
N CYS B 148 37.23 5.04 30.17
CA CYS B 148 37.57 3.64 29.94
C CYS B 148 38.91 3.25 30.55
N ASN B 149 39.87 4.17 30.60
CA ASN B 149 41.22 3.90 31.09
C ASN B 149 41.88 2.78 30.28
N GLY B 150 41.68 2.82 28.96
CA GLY B 150 42.32 1.87 28.07
C GLY B 150 41.73 0.47 28.10
N VAL B 151 40.53 0.31 28.64
CA VAL B 151 39.87 -0.98 28.74
C VAL B 151 38.45 -0.86 28.20
N GLU B 152 38.04 -1.84 27.40
CA GLU B 152 36.64 -1.90 26.98
C GLU B 152 35.75 -2.18 28.18
N GLY B 153 34.66 -1.44 28.29
CA GLY B 153 33.77 -1.60 29.42
C GLY B 153 32.41 -1.02 29.11
N PHE B 154 31.56 -1.05 30.13
CA PHE B 154 30.25 -0.42 30.03
C PHE B 154 30.41 1.04 29.63
N ASN B 155 29.70 1.44 28.57
CA ASN B 155 29.77 2.80 28.03
C ASN B 155 31.17 3.12 27.49
N CYS B 156 31.92 2.10 27.08
CA CYS B 156 33.30 2.29 26.62
C CYS B 156 33.64 1.21 25.60
N TYR B 157 33.73 1.60 24.33
CA TYR B 157 33.80 0.63 23.24
C TYR B 157 35.06 0.82 22.40
N PHE B 158 35.52 -0.29 21.83
CA PHE B 158 36.62 -0.26 20.87
C PHE B 158 36.17 0.46 19.60
N PRO B 159 36.93 1.42 19.09
CA PRO B 159 36.44 2.21 17.96
C PRO B 159 36.33 1.46 16.65
N LEU B 160 37.13 0.41 16.47
CA LEU B 160 37.19 -0.28 15.19
C LEU B 160 36.33 -1.53 15.21
N GLN B 161 35.77 -1.85 14.05
CA GLN B 161 34.97 -3.04 13.88
C GLN B 161 35.38 -3.70 12.58
N SER B 162 35.19 -5.02 12.51
CA SER B 162 35.57 -5.78 11.34
C SER B 162 34.31 -6.06 10.56
N TYR B 163 34.32 -5.78 9.27
CA TYR B 163 33.25 -6.25 8.41
C TYR B 163 33.36 -7.77 8.26
N GLY B 164 32.21 -8.41 8.08
CA GLY B 164 32.19 -9.81 7.69
C GLY B 164 31.84 -9.95 6.22
N PHE B 165 32.84 -10.28 5.40
CA PHE B 165 32.69 -10.34 3.94
C PHE B 165 32.65 -11.79 3.48
N GLN B 166 31.55 -12.18 2.84
CA GLN B 166 31.40 -13.55 2.35
C GLN B 166 31.00 -13.58 0.87
N PRO B 167 31.51 -14.56 0.10
CA PRO B 167 31.10 -14.65 -1.32
C PRO B 167 29.61 -14.88 -1.48
N THR B 168 28.99 -15.64 -0.57
CA THR B 168 27.56 -15.88 -0.65
C THR B 168 26.77 -14.62 -0.34
N ASN B 169 27.36 -13.68 0.40
CA ASN B 169 26.70 -12.43 0.72
C ASN B 169 26.43 -11.64 -0.57
N GLY B 170 25.36 -10.83 -0.53
CA GLY B 170 24.95 -10.10 -1.71
C GLY B 170 25.96 -9.07 -2.15
N VAL B 171 25.73 -8.57 -3.38
CA VAL B 171 26.70 -7.71 -4.05
C VAL B 171 26.92 -6.42 -3.27
N GLY B 172 25.90 -5.91 -2.59
CA GLY B 172 26.09 -4.73 -1.75
C GLY B 172 27.10 -4.97 -0.65
N TYR B 173 27.04 -6.12 -0.01
CA TYR B 173 27.97 -6.49 1.04
C TYR B 173 29.31 -7.05 0.50
N GLN B 174 29.42 -7.27 -0.82
CA GLN B 174 30.60 -7.74 -1.44
C GLN B 174 31.69 -6.68 -1.46
N PRO B 175 32.95 -7.08 -1.28
CA PRO B 175 34.04 -6.08 -1.05
C PRO B 175 34.27 -5.33 -2.37
N TYR B 176 34.43 -4.03 -2.30
CA TYR B 176 34.77 -3.25 -3.47
C TYR B 176 36.03 -2.43 -3.20
N ARG B 177 36.99 -2.49 -4.13
CA ARG B 177 38.22 -1.73 -4.01
C ARG B 177 38.03 -0.38 -4.70
N VAL B 178 38.39 0.69 -4.00
CA VAL B 178 38.19 2.05 -4.46
C VAL B 178 39.52 2.77 -4.48
N VAL B 179 39.77 3.46 -5.58
CA VAL B 179 40.93 4.34 -5.76
C VAL B 179 40.40 5.72 -6.13
N VAL B 180 40.82 6.73 -5.38
CA VAL B 180 40.40 8.11 -5.56
C VAL B 180 41.60 8.91 -6.03
N LEU B 181 41.48 9.54 -7.18
CA LEU B 181 42.52 10.36 -7.78
C LEU B 181 42.14 11.82 -7.55
N SER B 182 42.94 12.53 -6.76
CA SER B 182 42.74 13.94 -6.51
C SER B 182 43.81 14.69 -7.29
N PHE B 183 43.37 15.60 -8.17
CA PHE B 183 44.27 16.34 -9.03
C PHE B 183 44.46 17.74 -8.43
N GLU B 184 45.61 17.98 -7.82
CA GLU B 184 45.91 19.24 -7.16
C GLU B 184 46.56 20.20 -8.13
N LEU B 185 45.97 21.39 -8.27
CA LEU B 185 46.42 22.47 -9.14
C LEU B 185 46.82 23.67 -8.27
N LEU B 186 48.02 23.60 -7.71
CA LEU B 186 48.57 24.66 -6.87
C LEU B 186 49.36 25.66 -7.72
N HIS B 187 49.74 26.77 -7.09
CA HIS B 187 50.53 27.81 -7.74
C HIS B 187 52.00 27.41 -7.74
N ALA B 188 52.33 26.47 -8.61
CA ALA B 188 53.68 25.91 -8.70
C ALA B 188 53.84 25.28 -10.08
N PRO B 189 55.07 25.00 -10.51
CA PRO B 189 55.26 24.33 -11.80
C PRO B 189 54.52 23.00 -11.84
N ALA B 190 53.85 22.74 -12.94
CA ALA B 190 53.07 21.51 -13.08
C ALA B 190 54.02 20.36 -13.39
N THR B 191 53.96 19.31 -12.57
CA THR B 191 54.86 18.18 -12.70
C THR B 191 54.19 16.92 -13.22
N VAL B 192 52.86 16.87 -13.27
CA VAL B 192 52.15 15.76 -13.88
C VAL B 192 51.47 16.30 -15.13
N CYS B 193 51.84 15.76 -16.28
CA CYS B 193 51.32 16.23 -17.56
C CYS B 193 50.98 15.04 -18.44
N GLY B 194 50.16 15.31 -19.46
CA GLY B 194 49.79 14.30 -20.41
C GLY B 194 50.95 13.88 -21.30
N PRO B 195 50.79 12.74 -21.96
CA PRO B 195 51.91 12.22 -22.78
C PRO B 195 52.28 13.12 -23.95
N LYS B 196 51.34 13.90 -24.47
CA LYS B 196 51.54 14.73 -25.66
C LYS B 196 52.83 15.54 -25.61
N ASN C 2 -1.24 8.99 -17.71
CA ASN C 2 -1.59 9.73 -18.91
C ASN C 2 -3.07 9.59 -19.25
N LEU C 3 -3.39 9.68 -20.54
CA LEU C 3 -4.77 9.57 -20.99
C LEU C 3 -5.26 8.13 -20.86
N CYS C 4 -6.55 7.99 -20.54
CA CYS C 4 -7.13 6.66 -20.40
C CYS C 4 -7.20 5.96 -21.77
N PRO C 5 -6.98 4.64 -21.81
CA PRO C 5 -6.91 3.91 -23.09
C PRO C 5 -8.29 3.48 -23.63
N PHE C 6 -9.19 4.45 -23.79
CA PHE C 6 -10.48 4.16 -24.42
C PHE C 6 -10.31 3.77 -25.88
N GLY C 7 -9.39 4.41 -26.58
CA GLY C 7 -9.23 4.18 -28.01
C GLY C 7 -8.89 2.75 -28.34
N GLU C 8 -8.09 2.10 -27.50
CA GLU C 8 -7.73 0.71 -27.77
C GLU C 8 -8.94 -0.21 -27.66
N VAL C 9 -9.84 0.05 -26.72
CA VAL C 9 -11.05 -0.76 -26.60
C VAL C 9 -11.97 -0.53 -27.78
N PHE C 10 -12.17 0.74 -28.16
CA PHE C 10 -13.15 1.03 -29.21
C PHE C 10 -12.62 0.67 -30.60
N ASN C 11 -11.36 0.99 -30.87
CA ASN C 11 -10.74 0.83 -32.19
C ASN C 11 -9.96 -0.47 -32.33
N ALA C 12 -10.11 -1.41 -31.40
CA ALA C 12 -9.38 -2.68 -31.48
C ALA C 12 -9.70 -3.38 -32.80
N THR C 13 -8.65 -3.92 -33.43
CA THR C 13 -8.83 -4.56 -34.73
C THR C 13 -9.78 -5.75 -34.63
N ARG C 14 -9.63 -6.55 -33.57
CA ARG C 14 -10.49 -7.71 -33.34
C ARG C 14 -11.24 -7.53 -32.04
N PHE C 15 -12.51 -7.89 -32.05
CA PHE C 15 -13.35 -7.92 -30.86
C PHE C 15 -13.62 -9.36 -30.47
N ALA C 16 -14.14 -9.54 -29.27
CA ALA C 16 -14.36 -10.87 -28.71
C ALA C 16 -15.79 -11.34 -28.96
N SER C 17 -15.97 -12.65 -28.84
CA SER C 17 -17.32 -13.22 -28.91
C SER C 17 -18.07 -12.90 -27.61
N VAL C 18 -19.39 -12.97 -27.69
CA VAL C 18 -20.22 -12.54 -26.56
C VAL C 18 -20.00 -13.45 -25.36
N TYR C 19 -19.92 -14.75 -25.59
CA TYR C 19 -19.75 -15.67 -24.46
C TYR C 19 -18.41 -15.44 -23.77
N ALA C 20 -17.37 -15.13 -24.53
CA ALA C 20 -16.09 -14.72 -23.96
C ALA C 20 -15.89 -13.21 -24.07
N TRP C 21 -16.84 -12.45 -23.52
CA TRP C 21 -16.76 -10.99 -23.59
C TRP C 21 -15.52 -10.49 -22.85
N ASN C 22 -14.84 -9.50 -23.44
CA ASN C 22 -13.56 -9.06 -22.89
C ASN C 22 -13.73 -7.83 -21.99
N ARG C 23 -13.07 -7.84 -20.84
CA ARG C 23 -13.15 -6.77 -19.87
C ARG C 23 -11.78 -6.09 -19.72
N LYS C 24 -11.78 -4.75 -19.81
CA LYS C 24 -10.60 -3.94 -19.58
C LYS C 24 -10.85 -3.04 -18.38
N ARG C 25 -9.90 -3.01 -17.44
CA ARG C 25 -10.00 -2.16 -16.27
C ARG C 25 -9.26 -0.86 -16.53
N ILE C 26 -9.99 0.25 -16.52
CA ILE C 26 -9.44 1.58 -16.71
C ILE C 26 -9.27 2.20 -15.33
N SER C 27 -8.02 2.52 -15.01
CA SER C 27 -7.65 3.08 -13.71
C SER C 27 -6.40 3.92 -13.86
N ASN C 28 -6.23 4.84 -12.91
CA ASN C 28 -5.04 5.68 -12.78
C ASN C 28 -4.69 6.39 -14.09
N CYS C 29 -5.66 7.15 -14.57
CA CYS C 29 -5.50 7.95 -15.77
C CYS C 29 -6.55 9.05 -15.74
N VAL C 30 -6.36 10.06 -16.58
CA VAL C 30 -7.36 11.10 -16.77
C VAL C 30 -8.11 10.77 -18.05
N ALA C 31 -9.43 10.91 -18.02
CA ALA C 31 -10.29 10.44 -19.10
C ALA C 31 -10.96 11.63 -19.76
N ASP C 32 -10.74 11.78 -21.06
CA ASP C 32 -11.48 12.74 -21.88
C ASP C 32 -12.54 11.95 -22.62
N TYR C 33 -13.76 11.99 -22.10
CA TYR C 33 -14.87 11.26 -22.70
C TYR C 33 -15.42 11.93 -23.95
N SER C 34 -14.97 13.16 -24.25
CA SER C 34 -15.52 13.91 -25.36
C SER C 34 -15.35 13.15 -26.67
N VAL C 35 -14.21 12.48 -26.85
CA VAL C 35 -13.91 11.76 -28.08
C VAL C 35 -15.04 10.79 -28.42
N LEU C 36 -15.77 10.34 -27.40
CA LEU C 36 -16.90 9.45 -27.64
C LEU C 36 -18.19 10.19 -27.95
N TYR C 37 -18.54 11.26 -27.22
CA TYR C 37 -19.94 11.71 -27.32
C TYR C 37 -20.25 12.60 -28.51
N ASN C 38 -19.28 13.29 -29.11
CA ASN C 38 -19.58 13.93 -30.40
C ASN C 38 -19.13 13.12 -31.60
N SER C 39 -18.60 11.91 -31.39
CA SER C 39 -18.43 11.07 -32.56
C SER C 39 -19.81 10.66 -33.03
N ALA C 40 -19.96 10.49 -34.34
CA ALA C 40 -21.25 10.14 -34.89
C ALA C 40 -21.25 8.77 -35.53
N SER C 41 -20.15 8.04 -35.45
CA SER C 41 -20.07 6.69 -35.98
C SER C 41 -20.79 5.68 -35.10
N PHE C 42 -21.32 6.11 -33.95
CA PHE C 42 -22.01 5.20 -33.05
C PHE C 42 -23.50 5.19 -33.39
N SER C 43 -24.05 4.00 -33.59
CA SER C 43 -25.47 3.89 -33.88
C SER C 43 -26.30 3.85 -32.61
N THR C 44 -25.72 3.36 -31.51
CA THR C 44 -26.41 3.26 -30.23
C THR C 44 -25.55 3.89 -29.15
N PHE C 45 -26.17 4.78 -28.35
CA PHE C 45 -25.47 5.47 -27.26
C PHE C 45 -26.51 5.71 -26.15
N LYS C 46 -26.55 4.79 -25.18
CA LYS C 46 -27.51 4.85 -24.10
C LYS C 46 -26.78 4.87 -22.76
N CYS C 47 -26.95 5.95 -22.00
CA CYS C 47 -26.29 6.11 -20.71
C CYS C 47 -27.33 6.08 -19.60
N TYR C 48 -27.15 5.15 -18.66
CA TYR C 48 -28.07 4.93 -17.55
C TYR C 48 -27.42 5.42 -16.26
N GLY C 49 -28.14 6.27 -15.53
CA GLY C 49 -27.68 6.83 -14.28
C GLY C 49 -26.69 7.96 -14.40
N VAL C 50 -26.41 8.44 -15.61
CA VAL C 50 -25.41 9.48 -15.82
C VAL C 50 -25.63 10.10 -17.19
N SER C 51 -25.27 11.37 -17.32
CA SER C 51 -25.31 12.04 -18.61
C SER C 51 -23.91 12.04 -19.24
N PRO C 52 -23.81 11.75 -20.53
CA PRO C 52 -22.48 11.76 -21.17
C PRO C 52 -21.80 13.11 -21.10
N THR C 53 -22.56 14.20 -21.25
CA THR C 53 -21.95 15.52 -21.30
C THR C 53 -21.35 15.91 -19.95
N LYS C 54 -21.93 15.43 -18.86
CA LYS C 54 -21.38 15.67 -17.54
C LYS C 54 -20.27 14.70 -17.18
N LEU C 55 -20.05 13.66 -18.00
CA LEU C 55 -19.11 12.61 -17.62
C LEU C 55 -17.70 13.14 -17.43
N ASN C 56 -17.32 14.14 -18.22
CA ASN C 56 -15.98 14.71 -18.11
C ASN C 56 -15.74 15.37 -16.75
N ASP C 57 -16.80 15.72 -16.02
CA ASP C 57 -16.62 16.43 -14.76
C ASP C 57 -16.55 15.54 -13.52
N LEU C 58 -17.11 14.33 -13.55
CA LEU C 58 -17.08 13.50 -12.35
C LEU C 58 -15.82 12.65 -12.29
N CYS C 59 -15.56 12.13 -11.10
CA CYS C 59 -14.45 11.22 -10.84
C CYS C 59 -15.01 9.94 -10.24
N PHE C 60 -14.44 8.81 -10.64
CA PHE C 60 -14.89 7.50 -10.18
C PHE C 60 -13.70 6.69 -9.70
N THR C 61 -14.00 5.60 -8.99
CA THR C 61 -12.94 4.77 -8.46
C THR C 61 -12.38 3.84 -9.52
N ASN C 62 -13.23 3.36 -10.43
CA ASN C 62 -12.74 2.50 -11.51
C ASN C 62 -13.70 2.59 -12.68
N VAL C 63 -13.19 2.28 -13.88
CA VAL C 63 -14.03 2.17 -15.06
C VAL C 63 -13.80 0.80 -15.68
N TYR C 64 -14.88 0.18 -16.16
CA TYR C 64 -14.78 -1.12 -16.81
C TYR C 64 -15.31 -1.01 -18.23
N ALA C 65 -14.49 -1.41 -19.19
CA ALA C 65 -14.88 -1.40 -20.60
C ALA C 65 -15.05 -2.84 -21.07
N ASP C 66 -16.25 -3.18 -21.52
CA ASP C 66 -16.58 -4.53 -21.97
C ASP C 66 -16.79 -4.51 -23.47
N SER C 67 -16.13 -5.43 -24.16
CA SER C 67 -16.09 -5.46 -25.62
C SER C 67 -16.63 -6.79 -26.12
N PHE C 68 -17.55 -6.72 -27.09
CA PHE C 68 -18.07 -7.92 -27.75
C PHE C 68 -18.78 -7.51 -29.04
N VAL C 69 -19.17 -8.51 -29.83
CA VAL C 69 -19.88 -8.33 -31.09
C VAL C 69 -21.19 -9.11 -31.04
N ILE C 70 -22.30 -8.42 -31.35
CA ILE C 70 -23.63 -9.01 -31.29
C ILE C 70 -24.46 -8.58 -32.49
N ARG C 71 -25.63 -9.16 -32.63
CA ARG C 71 -26.58 -8.78 -33.66
C ARG C 71 -27.13 -7.38 -33.41
N GLY C 72 -27.60 -6.75 -34.48
CA GLY C 72 -28.21 -5.44 -34.34
C GLY C 72 -29.47 -5.50 -33.49
N ASP C 73 -30.28 -6.55 -33.71
CA ASP C 73 -31.49 -6.73 -32.92
C ASP C 73 -31.19 -7.04 -31.45
N GLU C 74 -30.05 -7.67 -31.16
CA GLU C 74 -29.71 -8.05 -29.80
C GLU C 74 -29.12 -6.92 -28.96
N VAL C 75 -28.78 -5.77 -29.56
CA VAL C 75 -28.17 -4.69 -28.79
C VAL C 75 -29.12 -4.20 -27.70
N ARG C 76 -30.42 -4.16 -28.00
CA ARG C 76 -31.41 -3.78 -26.98
C ARG C 76 -31.34 -4.70 -25.76
N GLN C 77 -31.00 -5.97 -25.96
CA GLN C 77 -30.92 -6.92 -24.85
C GLN C 77 -29.84 -6.52 -23.85
N ILE C 78 -28.79 -5.85 -24.31
CA ILE C 78 -27.69 -5.46 -23.43
C ILE C 78 -28.19 -4.53 -22.33
N ALA C 79 -29.18 -3.69 -22.64
CA ALA C 79 -29.70 -2.74 -21.67
C ALA C 79 -30.26 -3.47 -20.45
N PRO C 80 -30.22 -2.82 -19.28
CA PRO C 80 -30.60 -3.53 -18.04
C PRO C 80 -32.05 -3.98 -18.06
N GLY C 81 -32.30 -5.11 -17.40
CA GLY C 81 -33.66 -5.60 -17.26
C GLY C 81 -34.28 -6.13 -18.54
N GLN C 82 -33.46 -6.67 -19.44
CA GLN C 82 -33.95 -7.19 -20.71
C GLN C 82 -33.74 -8.69 -20.77
N THR C 83 -34.72 -9.39 -21.34
CA THR C 83 -34.65 -10.83 -21.54
C THR C 83 -34.18 -11.14 -22.96
N GLY C 84 -33.48 -12.24 -23.10
CA GLY C 84 -33.01 -12.67 -24.39
C GLY C 84 -31.86 -13.64 -24.26
N LYS C 85 -31.53 -14.27 -25.40
CA LYS C 85 -30.44 -15.24 -25.42
C LYS C 85 -29.12 -14.61 -25.00
N ILE C 86 -28.80 -13.44 -25.56
CA ILE C 86 -27.57 -12.75 -25.19
C ILE C 86 -27.63 -12.30 -23.74
N ALA C 87 -28.77 -11.76 -23.30
CA ALA C 87 -28.89 -11.28 -21.93
C ALA C 87 -28.90 -12.41 -20.92
N ASP C 88 -29.60 -13.51 -21.24
CA ASP C 88 -29.74 -14.58 -20.25
C ASP C 88 -28.55 -15.53 -20.23
N TYR C 89 -27.87 -15.74 -21.36
CA TYR C 89 -26.82 -16.75 -21.43
C TYR C 89 -25.44 -16.21 -21.76
N ASN C 90 -25.32 -14.96 -22.24
CA ASN C 90 -24.02 -14.47 -22.68
C ASN C 90 -23.55 -13.26 -21.89
N TYR C 91 -24.31 -12.17 -21.84
CA TYR C 91 -23.88 -10.96 -21.15
C TYR C 91 -25.09 -10.32 -20.47
N LYS C 92 -25.01 -10.15 -19.16
CA LYS C 92 -26.10 -9.57 -18.37
C LYS C 92 -25.64 -8.28 -17.71
N LEU C 93 -26.52 -7.27 -17.74
CA LEU C 93 -26.27 -6.02 -17.05
C LEU C 93 -27.15 -5.89 -15.81
N PRO C 94 -26.62 -5.40 -14.70
CA PRO C 94 -27.40 -5.30 -13.47
C PRO C 94 -28.56 -4.33 -13.61
N ASP C 95 -29.63 -4.59 -12.85
CA ASP C 95 -30.76 -3.68 -12.81
C ASP C 95 -30.36 -2.31 -12.30
N ASP C 96 -29.39 -2.25 -11.40
CA ASP C 96 -28.87 -0.97 -10.87
C ASP C 96 -27.66 -0.50 -11.63
N PHE C 97 -27.67 -0.67 -12.95
CA PHE C 97 -26.50 -0.36 -13.77
C PHE C 97 -26.30 1.14 -13.88
N THR C 98 -25.06 1.58 -13.64
CA THR C 98 -24.66 2.98 -13.79
C THR C 98 -23.54 3.02 -14.82
N GLY C 99 -23.90 3.29 -16.08
CA GLY C 99 -22.91 3.30 -17.13
C GLY C 99 -23.55 3.48 -18.49
N CYS C 100 -22.72 3.36 -19.52
CA CYS C 100 -23.13 3.65 -20.89
C CYS C 100 -22.90 2.45 -21.80
N VAL C 101 -23.83 2.24 -22.73
CA VAL C 101 -23.72 1.21 -23.75
C VAL C 101 -23.57 1.91 -25.09
N ILE C 102 -22.51 1.58 -25.82
CA ILE C 102 -22.22 2.20 -27.11
C ILE C 102 -22.05 1.10 -28.14
N ALA C 103 -22.70 1.26 -29.29
CA ALA C 103 -22.68 0.23 -30.32
C ALA C 103 -22.62 0.87 -31.69
N TRP C 104 -21.94 0.19 -32.61
CA TRP C 104 -21.83 0.68 -33.98
C TRP C 104 -21.80 -0.50 -34.95
N ASN C 105 -22.14 -0.23 -36.20
CA ASN C 105 -22.21 -1.28 -37.19
C ASN C 105 -20.80 -1.72 -37.60
N SER C 106 -20.59 -3.03 -37.67
CA SER C 106 -19.28 -3.60 -37.98
C SER C 106 -19.36 -4.55 -39.18
N ASN C 107 -20.31 -4.32 -40.08
CA ASN C 107 -20.42 -5.17 -41.27
C ASN C 107 -19.18 -5.06 -42.14
N ASN C 108 -18.57 -3.88 -42.21
CA ASN C 108 -17.36 -3.71 -43.01
C ASN C 108 -16.20 -4.56 -42.50
N LEU C 109 -16.13 -4.80 -41.19
CA LEU C 109 -15.00 -5.50 -40.58
C LEU C 109 -15.30 -6.92 -40.16
N ASP C 110 -16.53 -7.24 -39.76
CA ASP C 110 -16.84 -8.52 -39.16
C ASP C 110 -17.72 -9.40 -40.05
N SER C 111 -17.78 -9.10 -41.35
CA SER C 111 -18.56 -9.88 -42.29
C SER C 111 -17.67 -10.31 -43.46
N LYS C 112 -18.03 -11.44 -44.07
CA LYS C 112 -17.29 -11.97 -45.21
C LYS C 112 -18.28 -12.45 -46.26
N VAL C 113 -17.80 -12.53 -47.50
CA VAL C 113 -18.66 -12.89 -48.63
C VAL C 113 -19.27 -14.27 -48.42
N GLY C 114 -18.44 -15.23 -48.01
CA GLY C 114 -18.95 -16.54 -47.64
C GLY C 114 -19.68 -16.54 -46.32
N GLY C 115 -19.43 -15.55 -45.48
CA GLY C 115 -19.99 -15.40 -44.15
C GLY C 115 -18.89 -15.63 -43.12
N ASN C 116 -18.93 -14.85 -42.05
CA ASN C 116 -17.98 -14.97 -40.96
C ASN C 116 -18.62 -15.78 -39.84
N TYR C 117 -18.09 -16.98 -39.61
CA TYR C 117 -18.57 -17.86 -38.57
C TYR C 117 -17.64 -17.85 -37.35
N ASN C 118 -16.81 -16.81 -37.23
CA ASN C 118 -15.87 -16.67 -36.14
C ASN C 118 -16.48 -16.12 -34.85
N TYR C 119 -17.64 -15.47 -34.94
CA TYR C 119 -18.32 -14.96 -33.75
C TYR C 119 -19.34 -15.97 -33.24
N LEU C 120 -19.24 -16.29 -31.95
CA LEU C 120 -20.04 -17.35 -31.35
C LEU C 120 -20.86 -16.79 -30.18
N TYR C 121 -21.88 -17.55 -29.78
CA TYR C 121 -22.72 -17.20 -28.65
C TYR C 121 -23.18 -18.48 -27.97
N ARG C 122 -23.76 -18.33 -26.79
CA ARG C 122 -24.25 -19.45 -25.99
C ARG C 122 -25.76 -19.59 -26.18
N LEU C 123 -26.19 -20.69 -26.79
CA LEU C 123 -27.59 -20.97 -27.04
C LEU C 123 -28.28 -21.72 -25.90
N PHE C 124 -27.54 -22.51 -25.11
CA PHE C 124 -28.13 -23.41 -24.13
C PHE C 124 -27.38 -23.27 -22.81
N ARG C 125 -28.14 -23.10 -21.72
CA ARG C 125 -27.58 -23.10 -20.38
C ARG C 125 -28.66 -23.47 -19.38
N LYS C 126 -28.26 -24.17 -18.31
CA LYS C 126 -29.22 -24.58 -17.29
C LYS C 126 -29.82 -23.38 -16.57
N SER C 127 -28.98 -22.39 -16.22
CA SER C 127 -29.41 -21.22 -15.46
C SER C 127 -29.00 -19.96 -16.21
N ASN C 128 -29.78 -18.89 -15.99
CA ASN C 128 -29.44 -17.60 -16.55
C ASN C 128 -28.25 -16.99 -15.82
N LEU C 129 -27.43 -16.26 -16.57
CA LEU C 129 -26.22 -15.66 -16.01
C LEU C 129 -26.57 -14.54 -15.04
N LYS C 130 -25.81 -14.47 -13.96
CA LYS C 130 -25.92 -13.36 -13.02
C LYS C 130 -25.22 -12.13 -13.61
N PRO C 131 -25.55 -10.94 -13.13
CA PRO C 131 -24.95 -9.72 -13.71
C PRO C 131 -23.44 -9.75 -13.69
N PHE C 132 -22.85 -9.48 -14.87
CA PHE C 132 -21.41 -9.39 -15.07
C PHE C 132 -20.69 -10.74 -14.92
N GLU C 133 -21.40 -11.84 -15.15
CA GLU C 133 -20.83 -13.17 -15.12
C GLU C 133 -20.43 -13.62 -16.53
N ARG C 134 -19.30 -14.32 -16.62
CA ARG C 134 -18.81 -14.87 -17.88
C ARG C 134 -18.68 -16.39 -17.76
N ASP C 135 -19.27 -17.11 -18.71
CA ASP C 135 -19.12 -18.56 -18.83
C ASP C 135 -18.39 -18.88 -20.13
N ILE C 136 -17.20 -19.47 -20.01
CA ILE C 136 -16.42 -19.89 -21.17
C ILE C 136 -16.46 -21.40 -21.38
N SER C 137 -17.34 -22.10 -20.66
CA SER C 137 -17.39 -23.55 -20.69
C SER C 137 -17.83 -24.08 -22.06
N THR C 138 -17.27 -25.22 -22.44
CA THR C 138 -17.66 -25.94 -23.64
C THR C 138 -18.36 -27.26 -23.31
N GLU C 139 -18.83 -27.42 -22.07
CA GLU C 139 -19.44 -28.66 -21.63
C GLU C 139 -20.76 -28.90 -22.37
N ILE C 140 -21.00 -30.17 -22.70
CA ILE C 140 -22.20 -30.53 -23.47
C ILE C 140 -23.44 -30.33 -22.61
N TYR C 141 -24.46 -29.71 -23.20
CA TYR C 141 -25.71 -29.42 -22.50
C TYR C 141 -26.62 -30.65 -22.55
N GLN C 142 -27.17 -31.02 -21.40
CA GLN C 142 -28.12 -32.13 -21.30
C GLN C 142 -29.52 -31.58 -21.45
N ALA C 143 -30.17 -31.91 -22.57
CA ALA C 143 -31.59 -31.62 -22.76
C ALA C 143 -32.51 -32.76 -22.33
N GLY C 144 -31.96 -33.93 -22.02
CA GLY C 144 -32.75 -35.08 -21.67
C GLY C 144 -32.10 -35.90 -20.58
N SER C 145 -32.79 -36.99 -20.22
CA SER C 145 -32.31 -37.85 -19.13
C SER C 145 -30.99 -38.53 -19.49
N THR C 146 -30.75 -38.78 -20.76
CA THR C 146 -29.58 -39.56 -21.15
C THR C 146 -28.31 -38.74 -20.91
N PRO C 147 -27.34 -39.24 -20.16
CA PRO C 147 -26.13 -38.46 -19.89
C PRO C 147 -25.34 -38.22 -21.16
N CYS C 148 -24.81 -37.01 -21.29
CA CYS C 148 -23.99 -36.70 -22.46
C CYS C 148 -22.62 -37.32 -22.38
N ASN C 149 -21.98 -37.27 -21.20
CA ASN C 149 -20.65 -37.82 -21.00
C ASN C 149 -19.66 -37.30 -22.03
N GLY C 150 -19.76 -36.01 -22.35
CA GLY C 150 -18.82 -35.41 -23.27
C GLY C 150 -19.01 -35.77 -24.74
N VAL C 151 -20.18 -36.24 -25.13
CA VAL C 151 -20.45 -36.61 -26.53
C VAL C 151 -21.71 -35.91 -26.99
N GLU C 152 -21.69 -35.39 -28.21
CA GLU C 152 -22.90 -34.86 -28.81
C GLU C 152 -23.87 -36.00 -29.04
N GLY C 153 -25.12 -35.81 -28.68
CA GLY C 153 -26.05 -36.90 -28.85
C GLY C 153 -27.49 -36.49 -28.83
N PHE C 154 -28.33 -37.50 -28.97
CA PHE C 154 -29.75 -37.41 -28.65
C PHE C 154 -29.95 -36.77 -27.29
N ASN C 155 -30.61 -35.61 -27.28
CA ASN C 155 -30.87 -34.85 -26.05
C ASN C 155 -29.57 -34.34 -25.41
N CYS C 156 -28.54 -34.13 -26.23
CA CYS C 156 -27.23 -33.70 -25.73
C CYS C 156 -26.57 -32.84 -26.80
N TYR C 157 -26.50 -31.54 -26.54
CA TYR C 157 -26.16 -30.58 -27.58
C TYR C 157 -24.93 -29.75 -27.20
N PHE C 158 -24.19 -29.33 -28.22
CA PHE C 158 -23.08 -28.42 -27.99
C PHE C 158 -23.61 -27.06 -27.53
N PRO C 159 -23.06 -26.48 -26.46
CA PRO C 159 -23.66 -25.24 -25.92
C PRO C 159 -23.49 -24.02 -26.80
N LEU C 160 -22.47 -23.98 -27.64
CA LEU C 160 -22.15 -22.79 -28.42
C LEU C 160 -22.66 -22.91 -29.85
N GLN C 161 -23.01 -21.76 -30.42
CA GLN C 161 -23.46 -21.67 -31.80
C GLN C 161 -22.75 -20.50 -32.46
N SER C 162 -22.62 -20.56 -33.78
CA SER C 162 -21.85 -19.57 -34.54
C SER C 162 -22.79 -18.59 -35.22
N TYR C 163 -22.49 -17.30 -35.12
CA TYR C 163 -23.18 -16.32 -35.94
C TYR C 163 -22.78 -16.48 -37.40
N GLY C 164 -23.75 -16.30 -38.29
CA GLY C 164 -23.46 -16.19 -39.70
C GLY C 164 -23.67 -14.77 -40.17
N PHE C 165 -22.57 -14.05 -40.41
CA PHE C 165 -22.64 -12.64 -40.76
C PHE C 165 -22.31 -12.48 -42.24
N GLN C 166 -23.27 -12.00 -43.03
CA GLN C 166 -23.07 -11.83 -44.45
C GLN C 166 -23.46 -10.41 -44.85
N PRO C 167 -22.72 -9.80 -45.79
CA PRO C 167 -23.04 -8.41 -46.17
C PRO C 167 -24.43 -8.24 -46.76
N THR C 168 -24.93 -9.23 -47.49
CA THR C 168 -26.27 -9.11 -48.07
C THR C 168 -27.36 -9.16 -47.03
N ASN C 169 -27.11 -9.81 -45.89
CA ASN C 169 -28.12 -9.93 -44.84
C ASN C 169 -28.48 -8.57 -44.27
N GLY C 170 -29.72 -8.47 -43.80
CA GLY C 170 -30.24 -7.22 -43.28
C GLY C 170 -29.56 -6.76 -42.01
N VAL C 171 -29.83 -5.50 -41.65
CA VAL C 171 -29.11 -4.84 -40.56
C VAL C 171 -29.30 -5.59 -39.25
N GLY C 172 -30.47 -6.21 -39.04
CA GLY C 172 -30.64 -7.05 -37.88
C GLY C 172 -29.67 -8.21 -37.87
N TYR C 173 -29.45 -8.83 -39.04
CA TYR C 173 -28.49 -9.92 -39.16
C TYR C 173 -27.04 -9.44 -39.29
N GLN C 174 -26.81 -8.13 -39.48
CA GLN C 174 -25.45 -7.61 -39.61
C GLN C 174 -24.77 -7.47 -38.25
N PRO C 175 -23.45 -7.67 -38.21
CA PRO C 175 -22.72 -7.61 -36.94
C PRO C 175 -22.55 -6.17 -36.44
N TYR C 176 -22.71 -6.00 -35.13
CA TYR C 176 -22.51 -4.72 -34.45
C TYR C 176 -21.52 -4.90 -33.31
N ARG C 177 -20.58 -3.96 -33.19
CA ARG C 177 -19.62 -3.97 -32.11
C ARG C 177 -20.16 -3.14 -30.95
N VAL C 178 -20.12 -3.73 -29.75
CA VAL C 178 -20.70 -3.12 -28.54
C VAL C 178 -19.62 -3.03 -27.47
N VAL C 179 -19.53 -1.86 -26.85
CA VAL C 179 -18.68 -1.60 -25.70
C VAL C 179 -19.55 -1.03 -24.58
N VAL C 180 -19.43 -1.61 -23.39
CA VAL C 180 -20.18 -1.21 -22.21
C VAL C 180 -19.20 -0.60 -21.21
N LEU C 181 -19.44 0.65 -20.84
CA LEU C 181 -18.60 1.39 -19.90
C LEU C 181 -19.35 1.43 -18.57
N SER C 182 -18.81 0.76 -17.56
CA SER C 182 -19.38 0.74 -16.22
C SER C 182 -18.53 1.62 -15.32
N PHE C 183 -19.16 2.61 -14.69
CA PHE C 183 -18.46 3.57 -13.85
C PHE C 183 -18.67 3.15 -12.39
N GLU C 184 -17.64 2.56 -11.79
CA GLU C 184 -17.70 2.08 -10.42
C GLU C 184 -17.22 3.17 -9.46
N LEU C 185 -18.06 3.51 -8.49
CA LEU C 185 -17.78 4.48 -7.44
C LEU C 185 -17.81 3.74 -6.11
N LEU C 186 -16.70 3.09 -5.77
CA LEU C 186 -16.63 2.40 -4.50
C LEU C 186 -16.19 3.39 -3.42
N HIS C 187 -16.31 2.98 -2.16
CA HIS C 187 -15.87 3.83 -1.05
C HIS C 187 -14.36 3.65 -0.90
N ALA C 188 -13.63 4.23 -1.85
CA ALA C 188 -12.19 4.05 -1.96
C ALA C 188 -11.62 5.21 -2.77
N PRO C 189 -10.31 5.39 -2.76
CA PRO C 189 -9.70 6.46 -3.57
C PRO C 189 -10.04 6.34 -5.05
N ALA C 190 -10.41 7.47 -5.66
CA ALA C 190 -10.77 7.54 -7.06
C ALA C 190 -9.53 7.64 -7.95
N THR C 191 -9.42 6.75 -8.92
CA THR C 191 -8.27 6.71 -9.82
C THR C 191 -8.59 7.15 -11.24
N VAL C 192 -9.87 7.29 -11.60
CA VAL C 192 -10.28 7.79 -12.90
C VAL C 192 -10.94 9.15 -12.70
N CYS C 193 -10.39 10.18 -13.32
CA CYS C 193 -10.87 11.54 -13.17
C CYS C 193 -10.94 12.21 -14.53
N GLY C 194 -11.79 13.23 -14.63
CA GLY C 194 -11.95 13.98 -15.85
C GLY C 194 -10.76 14.86 -16.15
N PRO C 195 -10.71 15.40 -17.37
CA PRO C 195 -9.54 16.20 -17.76
C PRO C 195 -9.33 17.43 -16.91
N LYS C 196 -10.41 18.06 -16.45
CA LYS C 196 -10.44 19.30 -15.66
C LYS C 196 -9.09 19.86 -15.21
N LEU D 3 87.45 -8.45 17.44
CA LEU D 3 86.89 -9.19 16.32
C LEU D 3 85.43 -9.55 16.57
N CYS D 4 84.67 -8.59 17.07
CA CYS D 4 83.26 -8.84 17.34
C CYS D 4 82.50 -9.04 16.04
N PRO D 5 81.52 -9.93 16.00
CA PRO D 5 80.79 -10.18 14.75
C PRO D 5 79.73 -9.11 14.51
N PHE D 6 80.17 -7.84 14.55
CA PHE D 6 79.29 -6.73 14.19
C PHE D 6 78.89 -6.84 12.74
N GLY D 7 79.82 -7.31 11.89
CA GLY D 7 79.55 -7.41 10.47
C GLY D 7 78.41 -8.35 10.13
N GLU D 8 78.24 -9.42 10.91
CA GLU D 8 77.18 -10.38 10.64
C GLU D 8 75.80 -9.73 10.74
N VAL D 9 75.61 -8.85 11.72
CA VAL D 9 74.33 -8.16 11.87
C VAL D 9 74.13 -7.14 10.75
N PHE D 10 75.16 -6.37 10.42
CA PHE D 10 75.00 -5.27 9.47
C PHE D 10 74.79 -5.78 8.06
N ASN D 11 75.57 -6.78 7.65
CA ASN D 11 75.47 -7.31 6.29
C ASN D 11 74.54 -8.51 6.19
N ALA D 12 73.79 -8.80 7.25
CA ALA D 12 72.88 -9.93 7.19
C ALA D 12 71.92 -9.74 6.03
N THR D 13 71.79 -10.77 5.21
CA THR D 13 70.93 -10.67 4.02
C THR D 13 69.47 -10.47 4.43
N ARG D 14 69.03 -11.18 5.47
CA ARG D 14 67.66 -11.07 5.93
C ARG D 14 67.64 -10.48 7.34
N PHE D 15 66.73 -9.54 7.56
CA PHE D 15 66.43 -8.95 8.85
C PHE D 15 65.06 -9.44 9.27
N ALA D 16 64.74 -9.25 10.55
CA ALA D 16 63.50 -9.77 11.10
C ALA D 16 62.42 -8.71 11.08
N SER D 17 61.17 -9.15 11.23
CA SER D 17 60.09 -8.20 11.40
C SER D 17 60.18 -7.57 12.79
N VAL D 18 59.56 -6.41 12.94
CA VAL D 18 59.78 -5.62 14.15
C VAL D 18 59.24 -6.34 15.38
N TYR D 19 58.06 -6.96 15.26
CA TYR D 19 57.49 -7.63 16.43
C TYR D 19 58.38 -8.78 16.89
N ALA D 20 59.01 -9.47 15.95
CA ALA D 20 59.98 -10.51 16.25
C ALA D 20 61.39 -9.98 16.08
N TRP D 21 61.70 -8.95 16.86
CA TRP D 21 63.01 -8.31 16.77
C TRP D 21 64.09 -9.33 17.09
N ASN D 22 65.16 -9.32 16.32
CA ASN D 22 66.21 -10.30 16.49
C ASN D 22 67.35 -9.66 17.28
N ARG D 23 67.87 -10.41 18.24
CA ARG D 23 68.92 -9.93 19.13
C ARG D 23 70.21 -10.68 18.84
N LYS D 24 71.31 -9.93 18.70
CA LYS D 24 72.62 -10.52 18.50
C LYS D 24 73.47 -10.24 19.73
N ARG D 25 74.02 -11.30 20.30
CA ARG D 25 74.87 -11.21 21.47
C ARG D 25 76.33 -11.19 21.01
N ILE D 26 77.01 -10.07 21.25
CA ILE D 26 78.42 -9.94 20.91
C ILE D 26 79.22 -10.19 22.17
N SER D 27 80.04 -11.23 22.16
CA SER D 27 80.80 -11.63 23.32
C SER D 27 82.08 -12.32 22.85
N ASN D 28 83.05 -12.38 23.75
CA ASN D 28 84.35 -13.01 23.49
C ASN D 28 84.98 -12.39 22.24
N CYS D 29 85.08 -11.06 22.23
CA CYS D 29 85.62 -10.40 21.06
C CYS D 29 86.07 -8.98 21.40
N VAL D 30 86.82 -8.40 20.46
CA VAL D 30 87.25 -7.01 20.45
C VAL D 30 86.35 -6.25 19.48
N ALA D 31 86.06 -5.00 19.79
CA ALA D 31 85.05 -4.23 19.06
C ALA D 31 85.73 -3.16 18.21
N ASP D 32 85.49 -3.20 16.91
CA ASP D 32 85.95 -2.17 15.98
C ASP D 32 84.76 -1.26 15.64
N TYR D 33 84.67 -0.13 16.34
CA TYR D 33 83.59 0.82 16.07
C TYR D 33 83.88 1.70 14.86
N SER D 34 85.12 1.71 14.36
CA SER D 34 85.47 2.59 13.26
C SER D 34 84.69 2.26 11.99
N VAL D 35 84.52 0.97 11.70
CA VAL D 35 83.85 0.57 10.46
C VAL D 35 82.44 1.12 10.38
N LEU D 36 81.76 1.24 11.52
CA LEU D 36 80.42 1.80 11.56
C LEU D 36 80.41 3.32 11.75
N TYR D 37 81.22 3.82 12.68
CA TYR D 37 81.07 5.20 13.13
C TYR D 37 81.68 6.21 12.18
N ASN D 38 82.66 5.82 11.36
CA ASN D 38 83.13 6.68 10.28
C ASN D 38 82.43 6.38 8.97
N SER D 39 81.60 5.33 8.93
CA SER D 39 80.85 4.99 7.73
C SER D 39 79.69 5.93 7.49
N ALA D 40 79.33 6.06 6.20
CA ALA D 40 78.21 6.91 5.79
C ALA D 40 77.07 6.28 4.98
N SER D 41 77.04 4.99 4.63
CA SER D 41 75.74 4.69 4.01
C SER D 41 74.62 4.62 5.01
N PHE D 42 74.84 4.97 6.29
CA PHE D 42 73.78 4.83 7.29
C PHE D 42 72.96 6.11 7.22
N SER D 43 71.64 5.95 7.14
CA SER D 43 70.76 7.10 7.05
C SER D 43 70.44 7.74 8.40
N THR D 44 70.43 6.96 9.48
CA THR D 44 70.15 7.48 10.82
C THR D 44 71.23 7.02 11.78
N PHE D 45 71.75 7.94 12.58
CA PHE D 45 72.80 7.61 13.54
C PHE D 45 72.62 8.48 14.77
N LYS D 46 71.94 7.94 15.79
CA LYS D 46 71.66 8.67 17.03
C LYS D 46 72.23 7.88 18.20
N CYS D 47 73.16 8.49 18.92
CA CYS D 47 73.82 7.87 20.05
C CYS D 47 73.40 8.59 21.33
N TYR D 48 72.84 7.84 22.27
CA TYR D 48 72.34 8.38 23.52
C TYR D 48 73.26 7.98 24.67
N GLY D 49 73.71 8.96 25.43
CA GLY D 49 74.60 8.69 26.55
C GLY D 49 76.04 8.43 26.19
N VAL D 50 76.39 8.57 24.91
CA VAL D 50 77.74 8.26 24.45
C VAL D 50 77.96 8.96 23.12
N SER D 51 79.21 9.33 22.85
CA SER D 51 79.69 9.92 21.60
C SER D 51 80.35 8.87 20.73
N PRO D 52 80.10 8.89 19.42
CA PRO D 52 80.77 7.92 18.53
C PRO D 52 82.29 8.03 18.57
N THR D 53 82.81 9.25 18.69
CA THR D 53 84.26 9.44 18.70
C THR D 53 84.89 8.92 19.99
N LYS D 54 84.17 9.02 21.11
CA LYS D 54 84.70 8.54 22.38
C LYS D 54 84.52 7.04 22.58
N LEU D 55 83.75 6.37 21.72
CA LEU D 55 83.43 4.97 21.94
C LEU D 55 84.66 4.08 21.87
N ASN D 56 85.62 4.41 20.99
CA ASN D 56 86.79 3.57 20.82
C ASN D 56 87.65 3.45 22.06
N ASP D 57 87.57 4.42 22.98
CA ASP D 57 88.40 4.39 24.17
C ASP D 57 87.72 3.75 25.38
N LEU D 58 86.39 3.72 25.40
CA LEU D 58 85.66 3.19 26.55
C LEU D 58 85.45 1.69 26.42
N CYS D 59 85.15 1.05 27.56
CA CYS D 59 84.89 -0.38 27.62
C CYS D 59 83.57 -0.64 28.32
N PHE D 60 82.86 -1.67 27.86
CA PHE D 60 81.55 -2.06 28.38
C PHE D 60 81.55 -3.55 28.69
N THR D 61 80.54 -3.99 29.44
CA THR D 61 80.48 -5.38 29.89
C THR D 61 79.90 -6.31 28.82
N ASN D 62 78.92 -5.86 28.05
CA ASN D 62 78.33 -6.69 27.00
C ASN D 62 77.74 -5.78 25.93
N VAL D 63 77.62 -6.32 24.73
CA VAL D 63 77.03 -5.60 23.60
C VAL D 63 75.88 -6.44 23.03
N TYR D 64 74.76 -5.79 22.76
CA TYR D 64 73.59 -6.41 22.16
C TYR D 64 73.20 -5.66 20.89
N ALA D 65 73.09 -6.38 19.78
CA ALA D 65 72.67 -5.83 18.50
C ALA D 65 71.29 -6.37 18.15
N ASP D 66 70.34 -5.46 17.92
CA ASP D 66 68.95 -5.82 17.67
C ASP D 66 68.59 -5.60 16.20
N SER D 67 67.90 -6.57 15.61
CA SER D 67 67.67 -6.67 14.18
C SER D 67 66.18 -6.63 13.83
N PHE D 68 65.80 -5.67 12.98
CA PHE D 68 64.42 -5.55 12.46
C PHE D 68 64.38 -4.50 11.34
N VAL D 69 63.24 -4.43 10.65
CA VAL D 69 63.00 -3.49 9.54
C VAL D 69 61.75 -2.66 9.80
N ILE D 70 61.86 -1.34 9.69
CA ILE D 70 60.73 -0.44 9.91
C ILE D 70 60.71 0.65 8.84
N ARG D 71 59.57 1.35 8.76
CA ARG D 71 59.41 2.48 7.86
C ARG D 71 60.18 3.71 8.36
N GLY D 72 60.46 4.63 7.42
CA GLY D 72 61.23 5.81 7.76
C GLY D 72 60.56 6.70 8.80
N ASP D 73 59.24 6.90 8.67
CA ASP D 73 58.53 7.72 9.64
C ASP D 73 58.56 7.09 11.03
N GLU D 74 58.64 5.76 11.10
CA GLU D 74 58.70 5.07 12.38
C GLU D 74 60.09 5.08 12.99
N VAL D 75 61.12 5.48 12.24
CA VAL D 75 62.48 5.48 12.77
C VAL D 75 62.58 6.42 13.96
N ARG D 76 61.88 7.56 13.88
CA ARG D 76 61.81 8.47 15.01
C ARG D 76 61.22 7.80 16.25
N GLN D 77 60.27 6.87 16.07
CA GLN D 77 59.64 6.22 17.20
C GLN D 77 60.63 5.39 18.02
N ILE D 78 61.64 4.82 17.36
CA ILE D 78 62.60 3.97 18.06
C ILE D 78 63.34 4.73 19.14
N ALA D 79 63.62 6.02 18.90
CA ALA D 79 64.34 6.79 19.90
C ALA D 79 63.53 6.82 21.20
N PRO D 80 64.21 6.85 22.35
CA PRO D 80 63.51 6.68 23.62
C PRO D 80 62.49 7.79 23.88
N GLY D 81 61.45 7.43 24.62
CA GLY D 81 60.44 8.39 25.03
C GLY D 81 59.51 8.87 23.94
N GLN D 82 59.26 8.04 22.93
CA GLN D 82 58.40 8.41 21.82
C GLN D 82 57.16 7.52 21.83
N THR D 83 56.01 8.12 21.50
CA THR D 83 54.77 7.38 21.40
C THR D 83 54.54 6.96 19.96
N GLY D 84 53.91 5.80 19.79
CA GLY D 84 53.61 5.30 18.47
C GLY D 84 53.36 3.81 18.53
N LYS D 85 52.87 3.28 17.40
CA LYS D 85 52.57 1.85 17.34
C LYS D 85 53.84 1.02 17.51
N ILE D 86 54.91 1.38 16.80
CA ILE D 86 56.15 0.61 16.90
C ILE D 86 56.69 0.68 18.33
N ALA D 87 56.67 1.86 18.93
CA ALA D 87 57.18 1.99 20.29
C ALA D 87 56.25 1.30 21.28
N ASP D 88 54.94 1.45 21.11
CA ASP D 88 53.98 0.88 22.05
C ASP D 88 53.64 -0.57 21.74
N TYR D 89 53.66 -0.99 20.46
CA TYR D 89 53.25 -2.34 20.12
C TYR D 89 54.36 -3.21 19.54
N ASN D 90 55.48 -2.63 19.09
CA ASN D 90 56.51 -3.43 18.42
C ASN D 90 57.87 -3.39 19.09
N TYR D 91 58.48 -2.21 19.30
CA TYR D 91 59.81 -2.12 19.89
C TYR D 91 59.88 -0.93 20.84
N LYS D 92 60.21 -1.20 22.10
CA LYS D 92 60.36 -0.15 23.10
C LYS D 92 61.82 -0.12 23.56
N LEU D 93 62.36 1.09 23.66
CA LEU D 93 63.69 1.36 24.17
C LEU D 93 63.60 2.02 25.54
N PRO D 94 64.47 1.65 26.48
CA PRO D 94 64.39 2.21 27.83
C PRO D 94 64.63 3.72 27.83
N ASP D 95 63.99 4.40 28.78
CA ASP D 95 64.22 5.83 28.95
C ASP D 95 65.68 6.10 29.34
N ASP D 96 66.29 5.19 30.08
CA ASP D 96 67.70 5.29 30.47
C ASP D 96 68.58 4.56 29.46
N PHE D 97 68.37 4.87 28.19
CA PHE D 97 69.00 4.15 27.10
C PHE D 97 70.50 4.43 27.07
N THR D 98 71.29 3.36 27.00
CA THR D 98 72.74 3.43 26.86
C THR D 98 73.11 2.69 25.58
N GLY D 99 73.18 3.43 24.48
CA GLY D 99 73.49 2.80 23.21
C GLY D 99 73.28 3.77 22.06
N CYS D 100 73.38 3.21 20.85
CA CYS D 100 73.28 3.94 19.60
C CYS D 100 72.24 3.29 18.70
N VAL D 101 71.50 4.11 17.95
CA VAL D 101 70.51 3.65 16.99
C VAL D 101 71.00 3.99 15.58
N ILE D 102 71.05 2.97 14.71
CA ILE D 102 71.56 3.11 13.35
C ILE D 102 70.52 2.59 12.36
N ALA D 103 70.30 3.33 11.28
CA ALA D 103 69.30 2.98 10.28
C ALA D 103 69.79 3.33 8.88
N TRP D 104 69.36 2.52 7.91
CA TRP D 104 69.70 2.76 6.50
C TRP D 104 68.54 2.33 5.63
N ASN D 105 68.49 2.89 4.42
CA ASN D 105 67.40 2.62 3.48
C ASN D 105 67.57 1.24 2.87
N SER D 106 66.46 0.49 2.80
CA SER D 106 66.49 -0.87 2.27
C SER D 106 65.44 -1.07 1.18
N ASN D 107 65.04 0.00 0.47
CA ASN D 107 64.06 -0.15 -0.60
C ASN D 107 64.60 -0.97 -1.76
N ASN D 108 65.87 -0.79 -2.10
CA ASN D 108 66.46 -1.55 -3.20
C ASN D 108 66.48 -3.04 -2.92
N LEU D 109 66.53 -3.42 -1.64
CA LEU D 109 66.74 -4.79 -1.21
C LEU D 109 65.46 -5.47 -0.73
N ASP D 110 64.53 -4.71 -0.14
CA ASP D 110 63.34 -5.26 0.51
C ASP D 110 62.04 -4.91 -0.20
N SER D 111 62.09 -4.61 -1.50
CA SER D 111 60.90 -4.24 -2.24
C SER D 111 60.68 -5.17 -3.43
N LYS D 112 59.42 -5.34 -3.80
CA LYS D 112 59.02 -6.20 -4.91
C LYS D 112 57.97 -5.46 -5.73
N VAL D 113 57.80 -5.90 -6.98
CA VAL D 113 56.88 -5.23 -7.89
C VAL D 113 55.47 -5.23 -7.31
N GLY D 114 55.02 -6.38 -6.81
CA GLY D 114 53.78 -6.42 -6.06
C GLY D 114 53.89 -5.83 -4.67
N GLY D 115 55.10 -5.74 -4.15
CA GLY D 115 55.29 -5.28 -2.79
C GLY D 115 55.75 -6.41 -1.90
N ASN D 116 56.57 -6.08 -0.90
CA ASN D 116 57.02 -7.05 0.08
C ASN D 116 56.09 -6.96 1.29
N TYR D 117 55.22 -7.96 1.44
CA TYR D 117 54.30 -8.05 2.56
C TYR D 117 54.76 -9.08 3.59
N ASN D 118 56.01 -9.50 3.51
CA ASN D 118 56.55 -10.47 4.45
C ASN D 118 57.02 -9.81 5.75
N TYR D 119 57.19 -8.49 5.75
CA TYR D 119 57.54 -7.76 6.96
C TYR D 119 56.26 -7.32 7.65
N LEU D 120 56.15 -7.61 8.94
CA LEU D 120 54.90 -7.46 9.68
C LEU D 120 55.07 -6.52 10.87
N TYR D 121 53.92 -6.11 11.41
CA TYR D 121 53.84 -5.29 12.61
C TYR D 121 52.65 -5.75 13.43
N ARG D 122 52.56 -5.25 14.65
CA ARG D 122 51.45 -5.55 15.55
C ARG D 122 50.48 -4.39 15.49
N LEU D 123 49.23 -4.67 15.11
CA LEU D 123 48.27 -3.58 14.98
C LEU D 123 47.70 -3.16 16.33
N PHE D 124 47.56 -4.10 17.26
CA PHE D 124 46.92 -3.77 18.53
C PHE D 124 47.18 -4.87 19.54
N ARG D 125 47.48 -4.45 20.77
CA ARG D 125 47.57 -5.32 21.93
C ARG D 125 47.12 -4.50 23.12
N LYS D 126 46.58 -5.20 24.13
CA LYS D 126 45.96 -4.53 25.26
C LYS D 126 46.93 -3.60 25.98
N SER D 127 48.19 -4.02 26.12
CA SER D 127 49.15 -3.23 26.86
C SER D 127 50.33 -2.85 25.97
N ASN D 128 50.91 -1.69 26.26
CA ASN D 128 52.11 -1.26 25.56
C ASN D 128 53.30 -2.10 25.98
N LEU D 129 54.20 -2.33 25.03
CA LEU D 129 55.36 -3.17 25.32
C LEU D 129 56.26 -2.49 26.33
N LYS D 130 56.79 -3.27 27.26
CA LYS D 130 57.76 -2.77 28.20
C LYS D 130 59.12 -2.67 27.53
N PRO D 131 60.02 -1.84 28.06
CA PRO D 131 61.36 -1.74 27.47
C PRO D 131 62.01 -3.13 27.47
N PHE D 132 62.50 -3.53 26.30
CA PHE D 132 63.12 -4.82 26.05
C PHE D 132 62.13 -5.96 26.17
N GLU D 133 60.84 -5.69 26.00
CA GLU D 133 59.84 -6.75 26.01
C GLU D 133 59.57 -7.17 24.57
N ARG D 134 59.48 -8.47 24.36
CA ARG D 134 59.23 -9.01 23.04
C ARG D 134 57.88 -9.71 23.08
N ASP D 135 57.01 -9.34 22.16
CA ASP D 135 55.72 -9.99 22.03
C ASP D 135 55.71 -10.73 20.71
N ILE D 136 55.70 -12.06 20.79
CA ILE D 136 55.53 -12.94 19.66
C ILE D 136 54.14 -13.53 19.64
N SER D 137 53.25 -13.02 20.48
CA SER D 137 51.93 -13.63 20.61
C SER D 137 51.15 -13.46 19.32
N THR D 138 50.46 -14.52 18.95
CA THR D 138 49.55 -14.50 17.80
C THR D 138 48.11 -14.65 18.24
N GLU D 139 47.85 -14.46 19.54
CA GLU D 139 46.51 -14.64 20.07
C GLU D 139 45.59 -13.55 19.53
N ILE D 140 44.36 -13.93 19.21
CA ILE D 140 43.40 -13.00 18.65
C ILE D 140 43.02 -11.96 19.68
N TYR D 141 42.91 -10.71 19.25
CA TYR D 141 42.61 -9.62 20.17
C TYR D 141 41.11 -9.62 20.46
N GLN D 142 40.77 -9.60 21.74
CA GLN D 142 39.38 -9.52 22.17
C GLN D 142 39.03 -8.06 22.43
N ALA D 143 38.15 -7.51 21.60
CA ALA D 143 37.58 -6.20 21.90
C ALA D 143 36.31 -6.29 22.73
N GLY D 144 35.78 -7.50 22.93
CA GLY D 144 34.57 -7.70 23.69
C GLY D 144 34.64 -8.98 24.49
N SER D 145 33.57 -9.24 25.24
CA SER D 145 33.52 -10.43 26.09
C SER D 145 33.50 -11.71 25.26
N THR D 146 32.96 -11.65 24.05
CA THR D 146 32.74 -12.86 23.27
C THR D 146 34.07 -13.45 22.80
N PRO D 147 34.33 -14.72 23.09
CA PRO D 147 35.62 -15.33 22.67
C PRO D 147 35.75 -15.47 21.17
N CYS D 148 36.98 -15.27 20.69
CA CYS D 148 37.29 -15.47 19.28
C CYS D 148 37.35 -16.95 18.94
N ASN D 149 37.80 -17.78 19.89
CA ASN D 149 37.94 -19.23 19.70
C ASN D 149 38.86 -19.56 18.53
N GLY D 150 39.95 -18.80 18.41
CA GLY D 150 40.94 -19.07 17.39
C GLY D 150 40.53 -18.70 15.98
N VAL D 151 39.49 -17.89 15.82
CA VAL D 151 39.02 -17.47 14.51
C VAL D 151 38.87 -15.97 14.51
N GLU D 152 39.36 -15.33 13.46
CA GLU D 152 39.11 -13.90 13.26
C GLU D 152 37.63 -13.67 12.96
N GLY D 153 37.04 -12.69 13.62
CA GLY D 153 35.64 -12.41 13.44
C GLY D 153 35.26 -11.03 13.90
N PHE D 154 33.96 -10.83 14.11
CA PHE D 154 33.47 -9.57 14.63
C PHE D 154 33.98 -9.35 16.05
N ASN D 155 34.62 -8.20 16.27
CA ASN D 155 35.24 -7.85 17.55
C ASN D 155 36.36 -8.82 17.94
N CYS D 156 36.97 -9.47 16.95
CA CYS D 156 38.04 -10.43 17.21
C CYS D 156 38.96 -10.44 16.00
N TYR D 157 40.14 -9.83 16.14
CA TYR D 157 41.01 -9.54 15.00
C TYR D 157 42.40 -10.12 15.19
N PHE D 158 43.05 -10.43 14.06
CA PHE D 158 44.45 -10.84 14.07
C PHE D 158 45.29 -9.66 14.50
N PRO D 159 46.18 -9.80 15.49
CA PRO D 159 46.92 -8.63 15.96
C PRO D 159 47.96 -8.12 14.97
N LEU D 160 48.48 -8.97 14.09
CA LEU D 160 49.56 -8.58 13.21
C LEU D 160 49.06 -8.31 11.79
N GLN D 161 49.69 -7.34 11.14
CA GLN D 161 49.42 -6.99 9.74
C GLN D 161 50.75 -6.69 9.05
N SER D 162 50.72 -6.70 7.72
CA SER D 162 51.91 -6.65 6.89
C SER D 162 52.20 -5.25 6.32
N TYR D 163 53.48 -4.86 6.36
CA TYR D 163 53.93 -3.68 5.64
C TYR D 163 53.86 -3.90 4.14
N GLY D 164 53.57 -2.83 3.39
CA GLY D 164 53.68 -2.87 1.95
C GLY D 164 54.83 -2.04 1.39
N PHE D 165 55.89 -2.71 0.93
CA PHE D 165 57.09 -2.02 0.44
C PHE D 165 57.18 -2.17 -1.08
N GLN D 166 57.08 -1.04 -1.79
CA GLN D 166 57.16 -1.00 -3.24
C GLN D 166 58.11 0.11 -3.66
N PRO D 167 58.80 -0.06 -4.79
CA PRO D 167 59.73 1.00 -5.23
C PRO D 167 59.04 2.35 -5.40
N THR D 168 57.77 2.34 -5.80
CA THR D 168 57.01 3.57 -5.97
C THR D 168 56.70 4.25 -4.64
N ASN D 169 56.73 3.51 -3.53
CA ASN D 169 56.41 4.09 -2.23
C ASN D 169 57.39 5.19 -1.87
N GLY D 170 56.90 6.18 -1.13
CA GLY D 170 57.75 7.28 -0.72
C GLY D 170 58.76 6.84 0.31
N VAL D 171 59.78 7.68 0.53
CA VAL D 171 60.90 7.29 1.38
C VAL D 171 60.42 7.00 2.79
N GLY D 172 59.42 7.75 3.27
CA GLY D 172 58.83 7.43 4.56
C GLY D 172 58.19 6.05 4.57
N TYR D 173 57.49 5.70 3.50
CA TYR D 173 56.90 4.37 3.37
C TYR D 173 57.89 3.32 2.89
N GLN D 174 59.09 3.72 2.47
CA GLN D 174 60.10 2.77 2.02
C GLN D 174 60.72 2.07 3.23
N PRO D 175 61.12 0.80 3.07
CA PRO D 175 61.65 0.05 4.21
C PRO D 175 63.03 0.53 4.60
N TYR D 176 63.24 0.67 5.92
CA TYR D 176 64.53 1.05 6.48
C TYR D 176 64.93 -0.01 7.50
N ARG D 177 66.17 -0.45 7.44
CA ARG D 177 66.69 -1.46 8.36
C ARG D 177 67.37 -0.76 9.54
N VAL D 178 67.03 -1.18 10.76
CA VAL D 178 67.49 -0.52 11.97
C VAL D 178 68.22 -1.52 12.85
N VAL D 179 69.38 -1.13 13.36
CA VAL D 179 70.11 -1.88 14.37
C VAL D 179 70.37 -0.96 15.56
N VAL D 180 69.97 -1.39 16.74
CA VAL D 180 70.19 -0.65 17.99
C VAL D 180 71.16 -1.45 18.85
N LEU D 181 72.27 -0.83 19.21
CA LEU D 181 73.31 -1.47 20.01
C LEU D 181 73.25 -0.95 21.45
N SER D 182 72.94 -1.84 22.39
CA SER D 182 72.91 -1.52 23.81
C SER D 182 74.13 -2.12 24.49
N PHE D 183 74.93 -1.29 25.15
CA PHE D 183 76.19 -1.68 25.77
C PHE D 183 76.00 -1.83 27.28
N GLU D 184 76.19 -3.05 27.79
CA GLU D 184 75.95 -3.33 29.20
C GLU D 184 77.08 -2.75 30.05
N LEU D 185 76.71 -2.00 31.07
CA LEU D 185 77.66 -1.35 31.98
C LEU D 185 77.54 -1.92 33.40
N LEU D 186 77.53 -3.25 33.52
CA LEU D 186 77.39 -3.88 34.82
C LEU D 186 78.74 -4.13 35.48
N HIS D 187 78.68 -4.48 36.77
CA HIS D 187 79.85 -4.81 37.60
C HIS D 187 80.21 -6.28 37.42
N ALA D 188 80.87 -6.56 36.31
CA ALA D 188 81.24 -7.91 35.91
C ALA D 188 82.44 -7.82 34.98
N PRO D 189 83.13 -8.93 34.73
CA PRO D 189 84.28 -8.85 33.82
C PRO D 189 83.86 -8.30 32.48
N ALA D 190 84.62 -7.31 32.00
CA ALA D 190 84.32 -6.69 30.72
C ALA D 190 84.86 -7.56 29.60
N THR D 191 83.99 -7.98 28.70
CA THR D 191 84.38 -8.87 27.62
C THR D 191 84.38 -8.18 26.27
N VAL D 192 83.77 -7.01 26.16
CA VAL D 192 83.81 -6.21 24.94
C VAL D 192 84.62 -4.95 25.22
N CYS D 193 85.73 -4.81 24.52
CA CYS D 193 86.61 -3.65 24.68
C CYS D 193 87.07 -3.17 23.32
N GLU E 1 -13.90 -34.32 -14.71
CA GLU E 1 -12.52 -34.77 -14.83
C GLU E 1 -12.08 -35.57 -13.60
N VAL E 2 -11.77 -34.85 -12.53
CA VAL E 2 -11.24 -35.43 -11.30
C VAL E 2 -12.37 -35.50 -10.27
N GLN E 3 -12.64 -36.69 -9.77
CA GLN E 3 -13.67 -36.90 -8.77
C GLN E 3 -13.15 -37.83 -7.70
N LEU E 4 -13.35 -37.46 -6.44
CA LEU E 4 -12.98 -38.27 -5.28
C LEU E 4 -14.26 -38.66 -4.58
N VAL E 5 -14.50 -39.97 -4.47
CA VAL E 5 -15.71 -40.51 -3.88
C VAL E 5 -15.34 -41.25 -2.61
N GLU E 6 -16.04 -40.93 -1.52
CA GLU E 6 -15.76 -41.49 -0.20
C GLU E 6 -16.86 -42.48 0.19
N SER E 7 -16.46 -43.71 0.51
CA SER E 7 -17.38 -44.76 0.89
C SER E 7 -17.28 -44.98 2.40
N GLY E 8 -17.96 -46.02 2.88
CA GLY E 8 -17.86 -46.36 4.29
C GLY E 8 -18.69 -45.42 5.15
N GLY E 9 -18.34 -45.38 6.44
CA GLY E 9 -19.05 -44.55 7.37
C GLY E 9 -20.37 -45.17 7.81
N GLY E 10 -21.13 -44.37 8.55
CA GLY E 10 -22.40 -44.83 9.08
C GLY E 10 -22.52 -44.59 10.58
N LEU E 11 -23.13 -45.54 11.28
CA LEU E 11 -23.26 -45.46 12.74
C LEU E 11 -22.20 -46.33 13.39
N VAL E 12 -21.55 -45.79 14.41
CA VAL E 12 -20.53 -46.50 15.17
C VAL E 12 -20.84 -46.33 16.65
N LYS E 13 -20.66 -47.39 17.41
CA LYS E 13 -20.90 -47.29 18.84
C LYS E 13 -19.72 -46.62 19.54
N PRO E 14 -19.95 -45.98 20.68
CA PRO E 14 -18.84 -45.37 21.42
C PRO E 14 -17.79 -46.42 21.72
N GLY E 15 -16.53 -46.08 21.43
CA GLY E 15 -15.50 -47.07 21.49
C GLY E 15 -15.46 -47.98 20.29
N GLY E 16 -16.38 -47.80 19.32
CA GLY E 16 -16.39 -48.65 18.16
C GLY E 16 -15.32 -48.23 17.18
N SER E 17 -15.12 -49.06 16.16
CA SER E 17 -14.03 -48.86 15.22
C SER E 17 -14.55 -48.88 13.79
N LEU E 18 -14.13 -47.89 13.00
CA LEU E 18 -14.69 -47.65 11.66
C LEU E 18 -13.62 -47.36 10.61
N ARG E 19 -13.58 -48.17 9.55
CA ARG E 19 -12.73 -47.89 8.38
C ARG E 19 -13.46 -47.10 7.30
N LEU E 20 -12.73 -46.24 6.59
CA LEU E 20 -13.26 -45.41 5.51
C LEU E 20 -12.37 -45.53 4.27
N SER E 21 -12.97 -45.32 3.10
CA SER E 21 -12.28 -45.45 1.83
C SER E 21 -12.57 -44.25 0.94
N CYS E 22 -11.57 -43.86 0.15
CA CYS E 22 -11.70 -42.77 -0.81
C CYS E 22 -11.16 -43.24 -2.14
N ALA E 23 -12.06 -43.47 -3.10
CA ALA E 23 -11.67 -43.87 -4.45
C ALA E 23 -11.47 -42.63 -5.32
N ALA E 24 -10.47 -42.69 -6.19
CA ALA E 24 -10.05 -41.53 -6.96
C ALA E 24 -10.05 -41.85 -8.44
N SER E 25 -10.45 -40.87 -9.25
CA SER E 25 -10.46 -41.00 -10.69
C SER E 25 -9.96 -39.71 -11.32
N GLY E 26 -9.30 -39.83 -12.47
CA GLY E 26 -8.86 -38.69 -13.24
C GLY E 26 -7.43 -38.24 -12.99
N PHE E 27 -6.75 -38.75 -11.96
CA PHE E 27 -5.36 -38.39 -11.71
C PHE E 27 -4.59 -39.59 -11.17
N THR E 28 -3.29 -39.61 -11.48
CA THR E 28 -2.39 -40.63 -10.95
C THR E 28 -2.09 -40.37 -9.48
N PHE E 29 -2.27 -41.39 -8.65
CA PHE E 29 -2.36 -41.18 -7.20
C PHE E 29 -1.02 -40.87 -6.54
N SER E 30 0.01 -41.67 -6.81
CA SER E 30 1.22 -41.58 -5.99
C SER E 30 1.88 -40.20 -5.97
N PRO E 31 2.03 -39.46 -7.09
CA PRO E 31 2.74 -38.17 -7.00
C PRO E 31 2.05 -37.17 -6.09
N TYR E 32 0.74 -37.25 -5.91
CA TYR E 32 0.01 -36.29 -5.11
C TYR E 32 -0.15 -36.77 -3.69
N SER E 33 0.08 -35.86 -2.73
CA SER E 33 -0.17 -36.14 -1.32
C SER E 33 -1.65 -36.04 -1.01
N MET E 34 -2.19 -37.05 -0.32
CA MET E 34 -3.61 -37.14 -0.02
C MET E 34 -3.87 -37.04 1.47
N ASN E 35 -4.89 -36.27 1.84
CA ASN E 35 -5.17 -35.90 3.22
C ASN E 35 -6.65 -36.16 3.54
N TRP E 36 -6.93 -36.28 4.84
CA TRP E 36 -8.28 -36.44 5.36
C TRP E 36 -8.66 -35.21 6.18
N VAL E 37 -9.87 -34.70 5.98
CA VAL E 37 -10.36 -33.53 6.69
C VAL E 37 -11.77 -33.79 7.19
N ARG E 38 -12.07 -33.30 8.40
CA ARG E 38 -13.37 -33.50 9.02
C ARG E 38 -13.96 -32.16 9.47
N GLN E 39 -15.28 -32.03 9.36
CA GLN E 39 -15.99 -30.86 9.87
C GLN E 39 -17.12 -31.35 10.77
N ALA E 40 -17.05 -30.96 12.04
CA ALA E 40 -18.08 -31.35 12.98
C ALA E 40 -19.37 -30.55 12.73
N PRO E 41 -20.52 -31.08 13.15
CA PRO E 41 -21.77 -30.33 12.98
C PRO E 41 -21.73 -29.00 13.70
N GLY E 42 -22.05 -27.93 12.96
CA GLY E 42 -21.99 -26.59 13.51
C GLY E 42 -20.62 -26.16 13.97
N LYS E 43 -19.56 -26.72 13.39
CA LYS E 43 -18.20 -26.42 13.78
C LYS E 43 -17.34 -26.20 12.54
N GLY E 44 -16.08 -25.81 12.77
CA GLY E 44 -15.16 -25.52 11.70
C GLY E 44 -14.43 -26.74 11.17
N LEU E 45 -13.68 -26.54 10.09
CA LEU E 45 -12.92 -27.61 9.46
C LEU E 45 -11.75 -28.03 10.34
N GLU E 46 -11.46 -29.33 10.35
CA GLU E 46 -10.33 -29.88 11.09
C GLU E 46 -9.62 -30.90 10.22
N TRP E 47 -8.28 -30.86 10.23
CA TRP E 47 -7.45 -31.75 9.44
C TRP E 47 -7.13 -33.00 10.26
N VAL E 48 -7.50 -34.16 9.75
CA VAL E 48 -7.27 -35.41 10.48
C VAL E 48 -5.85 -35.91 10.27
N SER E 49 -5.47 -36.14 9.02
CA SER E 49 -4.19 -36.76 8.71
C SER E 49 -3.84 -36.51 7.26
N SER E 50 -2.58 -36.80 6.92
CA SER E 50 -2.06 -36.67 5.58
C SER E 50 -1.10 -37.81 5.31
N ILE E 51 -1.05 -38.26 4.06
CA ILE E 51 -0.09 -39.27 3.63
C ILE E 51 0.68 -38.73 2.44
N ARG E 52 1.97 -39.07 2.37
CA ARG E 52 2.83 -38.73 1.25
C ARG E 52 3.52 -40.00 0.78
N SER E 53 3.51 -40.23 -0.53
CA SER E 53 3.93 -41.52 -1.07
C SER E 53 5.45 -41.71 -1.06
N SER E 54 6.21 -40.62 -1.18
CA SER E 54 7.64 -40.74 -1.47
C SER E 54 8.38 -41.55 -0.41
N GLY E 55 8.22 -41.17 0.85
CA GLY E 55 8.86 -41.91 1.93
C GLY E 55 7.86 -42.56 2.85
N ASN E 56 6.64 -42.75 2.33
CA ASN E 56 5.48 -43.04 3.16
C ASN E 56 5.51 -42.10 4.36
N TYR E 57 5.30 -40.81 4.09
CA TYR E 57 5.33 -39.81 5.15
C TYR E 57 3.92 -39.62 5.67
N ILE E 58 3.77 -39.75 6.98
CA ILE E 58 2.46 -39.79 7.62
C ILE E 58 2.43 -38.75 8.72
N SER E 59 1.38 -37.93 8.73
CA SER E 59 1.20 -36.91 9.74
C SER E 59 -0.23 -37.01 10.26
N TYR E 60 -0.37 -36.89 11.57
CA TYR E 60 -1.66 -37.01 12.19
C TYR E 60 -1.95 -35.80 13.03
N ALA E 61 -3.25 -35.53 13.14
CA ALA E 61 -3.62 -34.49 14.10
C ALA E 61 -3.38 -34.97 15.52
N ASP E 62 -3.15 -33.96 16.36
CA ASP E 62 -2.85 -34.06 17.74
C ASP E 62 -4.01 -34.72 18.50
N SER E 63 -5.21 -34.44 18.07
CA SER E 63 -6.42 -35.04 18.65
C SER E 63 -6.58 -36.53 18.30
N VAL E 64 -6.12 -36.94 17.12
CA VAL E 64 -6.07 -38.36 16.78
C VAL E 64 -4.73 -38.89 17.30
N LYS E 65 -4.80 -39.90 18.16
CA LYS E 65 -3.57 -40.36 18.82
C LYS E 65 -3.69 -41.85 19.07
N GLY E 66 -3.04 -42.65 18.23
CA GLY E 66 -3.02 -44.08 18.39
C GLY E 66 -4.31 -44.77 18.06
N ARG E 67 -5.34 -44.02 17.67
CA ARG E 67 -6.63 -44.60 17.32
C ARG E 67 -6.96 -44.53 15.84
N PHE E 68 -6.19 -43.77 15.06
CA PHE E 68 -6.46 -43.58 13.64
C PHE E 68 -5.21 -43.96 12.85
N THR E 69 -5.41 -44.63 11.72
CA THR E 69 -4.31 -44.99 10.84
C THR E 69 -4.70 -44.69 9.40
N ILE E 70 -3.76 -44.11 8.65
CA ILE E 70 -4.00 -43.66 7.28
C ILE E 70 -3.21 -44.57 6.36
N SER E 71 -3.90 -45.11 5.34
CA SER E 71 -3.32 -46.06 4.42
C SER E 71 -3.65 -45.63 3.00
N ARG E 72 -2.73 -45.87 2.09
CA ARG E 72 -2.90 -45.51 0.68
C ARG E 72 -2.48 -46.68 -0.19
N ASP E 73 -3.32 -47.01 -1.16
CA ASP E 73 -2.97 -47.97 -2.20
C ASP E 73 -2.90 -47.18 -3.50
N ASN E 74 -1.68 -46.95 -3.97
CA ASN E 74 -1.47 -46.14 -5.15
C ASN E 74 -1.93 -46.86 -6.41
N ALA E 75 -1.71 -48.18 -6.48
CA ALA E 75 -2.16 -48.95 -7.62
C ALA E 75 -3.68 -48.91 -7.74
N LYS E 76 -4.39 -49.01 -6.62
CA LYS E 76 -5.84 -48.90 -6.60
C LYS E 76 -6.34 -47.47 -6.63
N ASN E 77 -5.45 -46.48 -6.47
CA ASN E 77 -5.84 -45.06 -6.39
C ASN E 77 -6.88 -44.83 -5.28
N SER E 78 -6.63 -45.43 -4.11
CA SER E 78 -7.58 -45.37 -3.01
C SER E 78 -6.88 -44.95 -1.73
N LEU E 79 -7.62 -44.29 -0.85
CA LEU E 79 -7.14 -43.81 0.43
C LEU E 79 -8.01 -44.38 1.55
N TYR E 80 -7.37 -44.81 2.64
CA TYR E 80 -8.07 -45.47 3.73
C TYR E 80 -7.75 -44.79 5.05
N LEU E 81 -8.78 -44.69 5.91
CA LEU E 81 -8.62 -44.18 7.28
C LEU E 81 -9.32 -45.16 8.23
N GLN E 82 -8.53 -45.88 9.02
CA GLN E 82 -9.08 -46.77 10.04
C GLN E 82 -9.23 -46.00 11.34
N MET E 83 -10.46 -45.92 11.85
CA MET E 83 -10.74 -45.21 13.08
C MET E 83 -11.13 -46.20 14.17
N ASN E 84 -10.33 -46.28 15.22
CA ASN E 84 -10.61 -47.08 16.41
C ASN E 84 -10.91 -46.17 17.58
N SER E 85 -11.54 -46.74 18.62
CA SER E 85 -11.79 -46.05 19.89
C SER E 85 -12.37 -44.65 19.66
N LEU E 86 -13.63 -44.64 19.23
CA LEU E 86 -14.26 -43.41 18.78
C LEU E 86 -15.17 -42.82 19.85
N ARG E 87 -15.15 -41.49 19.95
CA ARG E 87 -15.92 -40.73 20.91
C ARG E 87 -16.90 -39.81 20.19
N ALA E 88 -17.66 -39.05 20.98
CA ALA E 88 -18.65 -38.13 20.40
C ALA E 88 -17.96 -37.01 19.62
N GLU E 89 -16.81 -36.53 20.08
CA GLU E 89 -16.10 -35.47 19.37
C GLU E 89 -15.66 -35.89 17.98
N ASP E 90 -15.51 -37.19 17.73
CA ASP E 90 -15.13 -37.70 16.42
C ASP E 90 -16.32 -37.82 15.46
N MET E 91 -17.49 -37.33 15.86
CA MET E 91 -18.67 -37.31 15.01
C MET E 91 -18.59 -36.10 14.09
N ALA E 92 -18.43 -36.33 12.80
CA ALA E 92 -18.24 -35.25 11.84
C ALA E 92 -18.41 -35.79 10.44
N VAL E 93 -18.53 -34.88 9.48
CA VAL E 93 -18.44 -35.23 8.06
C VAL E 93 -16.96 -35.27 7.69
N TYR E 94 -16.51 -36.40 7.15
CA TYR E 94 -15.09 -36.59 6.84
C TYR E 94 -14.89 -36.49 5.34
N TYR E 95 -13.91 -35.68 4.93
CA TYR E 95 -13.64 -35.42 3.53
C TYR E 95 -12.27 -35.94 3.17
N CYS E 96 -12.18 -36.60 2.01
CA CYS E 96 -10.90 -36.95 1.42
C CYS E 96 -10.60 -35.93 0.34
N ALA E 97 -9.38 -35.41 0.33
CA ALA E 97 -9.02 -34.35 -0.58
C ALA E 97 -7.60 -34.55 -1.09
N ARG E 98 -7.38 -34.16 -2.34
CA ARG E 98 -6.04 -34.14 -2.92
C ARG E 98 -5.39 -32.79 -2.69
N ALA E 99 -4.07 -32.80 -2.54
CA ALA E 99 -3.31 -31.59 -2.27
C ALA E 99 -2.34 -31.33 -3.41
N GLY E 100 -2.15 -30.06 -3.74
CA GLY E 100 -1.23 -29.72 -4.81
C GLY E 100 0.19 -30.08 -4.47
N ARG E 101 0.98 -30.36 -5.51
CA ARG E 101 2.34 -30.83 -5.31
C ARG E 101 3.19 -29.72 -4.71
N ASP E 102 3.95 -30.05 -3.67
CA ASP E 102 4.86 -29.08 -3.09
C ASP E 102 5.97 -28.76 -4.08
N TYR E 103 6.38 -27.49 -4.11
CA TYR E 103 7.40 -27.03 -5.03
C TYR E 103 8.41 -26.18 -4.29
N TYR E 104 9.61 -26.09 -4.85
CA TYR E 104 10.69 -25.31 -4.27
C TYR E 104 10.82 -24.02 -5.05
N ASP E 105 10.86 -22.89 -4.34
CA ASP E 105 11.02 -21.60 -5.00
C ASP E 105 12.45 -21.44 -5.50
N ARG E 106 12.69 -20.34 -6.21
CA ARG E 106 14.01 -20.07 -6.77
C ARG E 106 15.09 -20.04 -5.68
N SER E 107 14.76 -19.48 -4.51
CA SER E 107 15.66 -19.54 -3.38
C SER E 107 15.86 -20.96 -2.85
N GLY E 108 14.96 -21.88 -3.20
CA GLY E 108 15.01 -23.25 -2.72
C GLY E 108 14.09 -23.55 -1.56
N TYR E 109 13.33 -22.56 -1.09
CA TYR E 109 12.36 -22.79 -0.04
C TYR E 109 11.18 -23.60 -0.58
N GLN E 110 10.75 -24.60 0.18
CA GLN E 110 9.64 -25.45 -0.25
C GLN E 110 8.32 -24.78 0.08
N ARG E 111 7.44 -24.68 -0.91
CA ARG E 111 6.11 -24.10 -0.75
C ARG E 111 5.06 -25.15 -1.06
N PHE E 112 4.04 -25.25 -0.21
CA PHE E 112 3.04 -26.30 -0.31
C PHE E 112 1.69 -25.71 -0.72
N PRO E 113 1.20 -25.96 -1.93
CA PRO E 113 -0.19 -25.57 -2.25
C PRO E 113 -1.19 -26.46 -1.52
N GLY E 114 -2.42 -25.96 -1.42
CA GLY E 114 -3.43 -26.63 -0.61
C GLY E 114 -4.76 -27.07 -1.19
N PHE E 115 -5.02 -28.37 -1.17
CA PHE E 115 -6.33 -28.99 -1.38
C PHE E 115 -7.10 -28.42 -2.59
N ASP E 116 -6.67 -28.82 -3.78
CA ASP E 116 -7.35 -28.38 -4.99
C ASP E 116 -8.63 -29.18 -5.29
N TYR E 117 -8.74 -30.43 -4.80
CA TYR E 117 -9.86 -31.29 -5.11
C TYR E 117 -10.38 -31.94 -3.83
N TRP E 118 -11.64 -31.70 -3.51
CA TRP E 118 -12.30 -32.28 -2.35
C TRP E 118 -13.33 -33.33 -2.77
N GLY E 119 -13.87 -34.03 -1.77
CA GLY E 119 -14.91 -35.00 -1.99
C GLY E 119 -16.23 -34.53 -1.37
N GLN E 120 -17.29 -35.27 -1.69
CA GLN E 120 -18.61 -34.92 -1.16
C GLN E 120 -18.66 -35.06 0.35
N GLY E 121 -18.04 -36.10 0.89
CA GLY E 121 -17.93 -36.33 2.31
C GLY E 121 -18.84 -37.45 2.78
N THR E 122 -18.47 -38.03 3.91
CA THR E 122 -19.25 -39.07 4.57
C THR E 122 -19.38 -38.74 6.06
N LEU E 123 -20.54 -39.01 6.63
CA LEU E 123 -20.83 -38.70 8.02
C LEU E 123 -20.65 -39.95 8.88
N VAL E 124 -19.86 -39.82 9.94
CA VAL E 124 -19.72 -40.85 10.96
C VAL E 124 -20.48 -40.36 12.19
N THR E 125 -21.45 -41.16 12.63
CA THR E 125 -22.29 -40.83 13.77
C THR E 125 -21.95 -41.75 14.93
N VAL E 126 -21.68 -41.15 16.09
CA VAL E 126 -21.28 -41.93 17.27
C VAL E 126 -22.38 -41.89 18.31
N SER E 127 -23.38 -42.75 18.14
CA SER E 127 -24.46 -42.91 19.10
C SER E 127 -24.53 -44.35 19.56
N SER E 128 -25.06 -44.55 20.77
CA SER E 128 -25.37 -45.89 21.26
C SER E 128 -26.82 -46.27 20.95
N ALA E 129 -27.31 -45.83 19.80
CA ALA E 129 -28.69 -46.04 19.38
C ALA E 129 -28.72 -46.90 18.12
N SER E 130 -29.81 -47.64 17.96
CA SER E 130 -29.95 -48.57 16.86
C SER E 130 -30.40 -47.87 15.58
N THR E 131 -29.95 -48.40 14.45
CA THR E 131 -30.34 -47.88 13.15
C THR E 131 -31.79 -48.24 12.83
N LYS E 132 -32.57 -47.25 12.41
CA LYS E 132 -33.98 -47.46 12.09
C LYS E 132 -34.22 -47.06 10.63
N GLY E 133 -34.94 -47.92 9.90
CA GLY E 133 -35.20 -47.71 8.50
C GLY E 133 -36.30 -46.70 8.22
N PRO E 134 -36.23 -46.08 7.05
CA PRO E 134 -37.25 -45.11 6.63
C PRO E 134 -38.46 -45.76 5.98
N SER E 135 -39.57 -45.04 6.03
CA SER E 135 -40.84 -45.47 5.44
C SER E 135 -41.19 -44.43 4.40
N VAL E 136 -41.18 -44.84 3.13
CA VAL E 136 -41.33 -43.90 2.03
C VAL E 136 -42.79 -43.87 1.62
N PHE E 137 -43.42 -42.69 1.72
CA PHE E 137 -44.81 -42.47 1.44
C PHE E 137 -44.99 -41.38 0.36
N PRO E 138 -45.95 -41.53 -0.53
CA PRO E 138 -46.12 -40.59 -1.65
C PRO E 138 -46.84 -39.31 -1.25
N LEU E 139 -46.46 -38.22 -1.89
CA LEU E 139 -47.19 -36.96 -1.77
C LEU E 139 -47.97 -36.78 -3.07
N ALA E 140 -49.30 -36.86 -2.97
CA ALA E 140 -50.16 -36.71 -4.15
C ALA E 140 -49.96 -35.30 -4.71
N PRO E 141 -50.16 -35.09 -6.02
CA PRO E 141 -49.80 -33.79 -6.61
C PRO E 141 -50.51 -32.62 -5.95
N SER E 142 -49.77 -31.52 -5.81
CA SER E 142 -50.18 -30.40 -4.98
C SER E 142 -51.39 -29.69 -5.55
N SER E 143 -52.15 -29.06 -4.67
CA SER E 143 -53.33 -28.30 -5.05
C SER E 143 -53.08 -26.80 -4.94
N GLY E 148 -51.08 -21.94 -5.82
CA GLY E 148 -50.99 -23.34 -6.19
C GLY E 148 -50.72 -23.55 -7.66
N GLY E 149 -49.45 -23.83 -8.00
CA GLY E 149 -49.09 -24.06 -9.39
C GLY E 149 -49.62 -25.36 -9.96
N THR E 150 -50.03 -26.29 -9.10
CA THR E 150 -50.52 -27.61 -9.52
C THR E 150 -49.51 -28.31 -10.42
N ALA E 151 -48.23 -28.15 -10.09
CA ALA E 151 -47.15 -28.64 -10.94
C ALA E 151 -46.03 -29.26 -10.11
N ALA E 152 -46.36 -29.86 -8.97
CA ALA E 152 -45.32 -30.37 -8.07
C ALA E 152 -45.83 -31.57 -7.30
N LEU E 153 -45.07 -32.66 -7.36
CA LEU E 153 -45.32 -33.87 -6.58
C LEU E 153 -44.10 -34.12 -5.69
N GLY E 154 -44.23 -35.08 -4.78
CA GLY E 154 -43.10 -35.39 -3.93
C GLY E 154 -43.24 -36.72 -3.21
N CYS E 155 -42.20 -37.05 -2.44
CA CYS E 155 -42.16 -38.24 -1.60
C CYS E 155 -41.75 -37.87 -0.19
N LEU E 156 -42.25 -38.65 0.78
CA LEU E 156 -42.01 -38.41 2.19
C LEU E 156 -41.19 -39.57 2.78
N VAL E 157 -40.14 -39.23 3.51
CA VAL E 157 -39.28 -40.20 4.17
C VAL E 157 -39.43 -39.99 5.67
N LYS E 158 -40.06 -40.95 6.34
CA LYS E 158 -40.43 -40.82 7.75
C LYS E 158 -39.59 -41.72 8.65
N ASP E 159 -39.23 -41.20 9.82
CA ASP E 159 -38.63 -41.98 10.91
C ASP E 159 -37.39 -42.77 10.46
N TYR E 160 -36.31 -42.05 10.21
CA TYR E 160 -35.04 -42.70 9.90
C TYR E 160 -33.94 -42.14 10.80
N PHE E 161 -33.22 -43.03 11.47
CA PHE E 161 -31.97 -42.77 12.15
C PHE E 161 -30.99 -43.90 11.85
N PRO E 162 -29.69 -43.59 11.74
CA PRO E 162 -29.05 -42.28 11.58
C PRO E 162 -29.06 -41.84 10.13
N GLU E 163 -28.95 -40.55 9.86
CA GLU E 163 -28.79 -40.08 8.50
C GLU E 163 -27.30 -40.15 8.11
N PRO E 164 -26.97 -40.05 6.81
CA PRO E 164 -27.77 -39.51 5.71
C PRO E 164 -28.78 -40.47 5.10
N VAL E 165 -29.61 -39.88 4.25
CA VAL E 165 -30.52 -40.59 3.36
C VAL E 165 -30.40 -39.91 2.01
N THR E 166 -30.32 -40.71 0.95
CA THR E 166 -30.17 -40.19 -0.40
C THR E 166 -31.51 -40.36 -1.10
N VAL E 167 -32.03 -39.28 -1.63
CA VAL E 167 -33.38 -39.25 -2.20
C VAL E 167 -33.23 -38.98 -3.69
N SER E 168 -33.65 -39.95 -4.49
CA SER E 168 -33.56 -39.89 -5.93
C SER E 168 -34.94 -39.81 -6.57
N TRP E 169 -34.97 -39.28 -7.79
CA TRP E 169 -36.18 -39.19 -8.59
C TRP E 169 -35.91 -39.91 -9.90
N ASN E 170 -36.72 -40.94 -10.19
CA ASN E 170 -36.61 -41.79 -11.38
C ASN E 170 -35.18 -42.33 -11.39
N SER E 171 -34.44 -42.26 -12.49
CA SER E 171 -33.09 -42.78 -12.52
C SER E 171 -32.03 -41.77 -12.07
N GLY E 172 -32.44 -40.66 -11.46
CA GLY E 172 -31.51 -39.63 -11.04
C GLY E 172 -31.10 -38.67 -12.14
N ALA E 173 -31.48 -38.95 -13.39
CA ALA E 173 -31.22 -38.06 -14.51
C ALA E 173 -32.06 -36.81 -14.46
N LEU E 174 -33.26 -36.94 -13.89
CA LEU E 174 -34.19 -35.84 -13.68
C LEU E 174 -33.63 -34.84 -12.69
N THR E 175 -33.43 -33.62 -13.18
CA THR E 175 -32.92 -32.47 -12.46
C THR E 175 -33.87 -31.29 -12.65
N SER E 176 -35.17 -31.57 -12.67
CA SER E 176 -36.16 -30.55 -12.97
C SER E 176 -36.69 -30.01 -11.64
N GLY E 177 -35.87 -29.17 -11.01
CA GLY E 177 -36.27 -28.52 -9.79
C GLY E 177 -36.42 -29.43 -8.58
N VAL E 178 -35.67 -30.52 -8.51
CA VAL E 178 -35.71 -31.31 -7.30
C VAL E 178 -35.05 -30.57 -6.15
N HIS E 179 -35.81 -30.50 -5.08
CA HIS E 179 -35.48 -29.88 -3.83
C HIS E 179 -35.63 -30.94 -2.75
N THR E 180 -34.52 -31.32 -2.13
CA THR E 180 -34.51 -32.23 -1.00
C THR E 180 -34.48 -31.35 0.24
N PHE E 181 -35.62 -31.22 0.91
CA PHE E 181 -35.70 -30.33 2.05
C PHE E 181 -34.93 -30.92 3.24
N PRO E 182 -34.39 -30.07 4.10
CA PRO E 182 -33.65 -30.58 5.27
C PRO E 182 -34.57 -31.35 6.21
N ALA E 183 -33.99 -32.32 6.91
CA ALA E 183 -34.72 -33.21 7.78
C ALA E 183 -35.02 -32.54 9.12
N VAL E 184 -35.87 -33.19 9.92
CA VAL E 184 -36.23 -32.72 11.26
C VAL E 184 -35.76 -33.74 12.27
N LEU E 185 -35.21 -33.24 13.38
CA LEU E 185 -34.92 -34.09 14.54
C LEU E 185 -36.14 -34.03 15.46
N GLN E 186 -36.86 -35.13 15.56
CA GLN E 186 -38.02 -35.20 16.45
C GLN E 186 -37.58 -35.54 17.86
N SER E 187 -38.53 -35.40 18.80
CA SER E 187 -38.24 -35.77 20.18
C SER E 187 -37.83 -37.23 20.28
N SER E 188 -38.34 -38.08 19.38
CA SER E 188 -37.90 -39.46 19.32
C SER E 188 -36.43 -39.60 18.95
N GLY E 189 -35.83 -38.55 18.38
CA GLY E 189 -34.48 -38.66 17.87
C GLY E 189 -34.40 -39.14 16.43
N LEU E 190 -35.53 -39.45 15.81
CA LEU E 190 -35.58 -39.89 14.43
C LEU E 190 -35.72 -38.71 13.48
N TYR E 191 -35.15 -38.85 12.29
CA TYR E 191 -35.18 -37.81 11.27
C TYR E 191 -36.29 -38.09 10.28
N SER E 192 -36.88 -37.01 9.75
CA SER E 192 -37.93 -37.10 8.74
C SER E 192 -37.66 -36.10 7.62
N LEU E 193 -37.71 -36.57 6.38
CA LEU E 193 -37.35 -35.75 5.23
C LEU E 193 -38.45 -35.80 4.17
N SER E 194 -38.58 -34.70 3.42
CA SER E 194 -39.57 -34.57 2.36
C SER E 194 -38.87 -34.00 1.13
N SER E 195 -39.06 -34.65 -0.01
CA SER E 195 -38.55 -34.18 -1.28
C SER E 195 -39.70 -33.87 -2.23
N VAL E 196 -39.56 -32.78 -2.98
CA VAL E 196 -40.59 -32.33 -3.94
C VAL E 196 -39.89 -31.92 -5.23
N VAL E 197 -40.53 -32.25 -6.36
CA VAL E 197 -40.01 -31.95 -7.69
C VAL E 197 -41.08 -31.23 -8.50
N THR E 198 -40.70 -30.13 -9.14
CA THR E 198 -41.62 -29.41 -10.02
C THR E 198 -41.72 -30.15 -11.35
N VAL E 199 -42.95 -30.43 -11.77
CA VAL E 199 -43.22 -31.23 -12.96
C VAL E 199 -44.24 -30.50 -13.83
N PRO E 200 -44.24 -30.69 -15.14
CA PRO E 200 -45.25 -30.05 -15.98
C PRO E 200 -46.67 -30.45 -15.60
N SER E 201 -47.57 -29.47 -15.60
CA SER E 201 -48.97 -29.73 -15.27
C SER E 201 -49.65 -30.51 -16.38
N SER E 202 -49.23 -30.29 -17.63
CA SER E 202 -49.83 -30.99 -18.76
C SER E 202 -49.62 -32.49 -18.65
N SER E 203 -48.42 -32.91 -18.23
CA SER E 203 -48.13 -34.32 -18.04
C SER E 203 -49.03 -34.89 -16.94
N GLN E 207 -46.10 -38.49 -17.74
CA GLN E 207 -45.01 -39.41 -17.42
C GLN E 207 -45.07 -39.85 -15.97
N THR E 208 -44.78 -41.12 -15.72
CA THR E 208 -44.73 -41.65 -14.37
C THR E 208 -43.44 -41.22 -13.70
N TYR E 209 -43.52 -40.92 -12.40
CA TYR E 209 -42.39 -40.46 -11.61
C TYR E 209 -42.23 -41.38 -10.41
N ILE E 210 -41.00 -41.85 -10.20
CA ILE E 210 -40.69 -42.76 -9.10
C ILE E 210 -39.59 -42.14 -8.27
N CYS E 211 -39.78 -42.09 -6.95
CA CYS E 211 -38.78 -41.57 -6.04
C CYS E 211 -37.97 -42.75 -5.50
N ASN E 212 -36.66 -42.72 -5.71
CA ASN E 212 -35.76 -43.76 -5.24
C ASN E 212 -35.09 -43.29 -3.96
N VAL E 213 -35.47 -43.88 -2.83
CA VAL E 213 -34.96 -43.50 -1.53
C VAL E 213 -34.00 -44.58 -1.08
N ASN E 214 -32.77 -44.16 -0.75
CA ASN E 214 -31.73 -45.09 -0.29
C ASN E 214 -31.23 -44.62 1.05
N HIS E 215 -31.29 -45.51 2.05
CA HIS E 215 -30.71 -45.27 3.36
C HIS E 215 -29.64 -46.32 3.58
N LYS E 216 -28.38 -45.94 3.32
CA LYS E 216 -27.27 -46.87 3.52
C LYS E 216 -27.14 -47.37 4.96
N PRO E 217 -27.26 -46.53 6.00
CA PRO E 217 -27.10 -47.06 7.37
C PRO E 217 -28.10 -48.15 7.73
N SER E 218 -29.33 -48.08 7.22
CA SER E 218 -30.35 -49.07 7.53
C SER E 218 -30.42 -50.19 6.50
N ASN E 219 -29.56 -50.15 5.47
CA ASN E 219 -29.59 -51.12 4.37
C ASN E 219 -30.95 -51.13 3.69
N THR E 220 -31.63 -49.98 3.65
CA THR E 220 -32.97 -49.86 3.09
C THR E 220 -32.91 -49.03 1.81
N LYS E 221 -33.21 -49.66 0.68
CA LYS E 221 -33.37 -48.97 -0.60
C LYS E 221 -34.80 -49.17 -1.05
N VAL E 222 -35.54 -48.07 -1.16
CA VAL E 222 -36.96 -48.11 -1.52
C VAL E 222 -37.22 -47.10 -2.62
N ASP E 223 -37.93 -47.53 -3.65
CA ASP E 223 -38.37 -46.66 -4.71
C ASP E 223 -39.88 -46.62 -4.77
N LYS E 224 -40.44 -45.42 -4.73
CA LYS E 224 -41.88 -45.37 -4.97
C LYS E 224 -42.25 -44.48 -6.12
N ARG E 225 -43.27 -44.91 -6.88
CA ARG E 225 -43.93 -44.11 -7.91
C ARG E 225 -45.07 -43.27 -7.33
N VAL E 226 -45.01 -41.95 -7.53
CA VAL E 226 -46.07 -41.03 -7.10
C VAL E 226 -47.16 -40.97 -8.17
N GLU E 227 -48.41 -41.20 -7.76
CA GLU E 227 -49.51 -41.26 -8.69
C GLU E 227 -50.52 -40.15 -8.44
N PRO E 228 -51.10 -39.57 -9.51
CA PRO E 228 -52.08 -38.48 -9.46
C PRO E 228 -53.35 -38.85 -8.69
N GLN F 1 2.92 -20.25 12.34
CA GLN F 1 2.20 -21.00 11.33
C GLN F 1 1.24 -22.02 11.97
N SER F 2 1.59 -22.49 13.16
CA SER F 2 0.75 -23.47 13.84
C SER F 2 -0.60 -22.91 14.26
N ALA F 3 -0.78 -21.59 14.19
CA ALA F 3 -2.07 -20.98 14.46
C ALA F 3 -2.36 -19.94 13.42
N LEU F 4 -3.57 -19.99 12.85
CA LEU F 4 -4.06 -18.98 11.91
C LEU F 4 -5.27 -18.28 12.51
N THR F 5 -5.24 -16.96 12.56
CA THR F 5 -6.33 -16.18 13.12
C THR F 5 -7.12 -15.53 11.99
N GLN F 6 -8.45 -15.65 12.06
CA GLN F 6 -9.38 -15.16 11.05
C GLN F 6 -10.47 -14.36 11.73
N PRO F 7 -11.03 -13.36 11.06
CA PRO F 7 -12.11 -12.58 11.67
C PRO F 7 -13.36 -13.43 11.85
N PRO F 8 -14.05 -13.30 12.98
CA PRO F 8 -15.26 -14.10 13.18
C PRO F 8 -16.32 -13.82 12.14
N SER F 9 -16.52 -12.56 11.79
CA SER F 9 -17.48 -12.20 10.76
C SER F 9 -17.11 -10.86 10.17
N VAL F 10 -17.46 -10.73 8.91
CA VAL F 10 -17.34 -9.49 8.16
C VAL F 10 -18.57 -9.31 7.26
N SER F 11 -19.14 -8.10 7.28
CA SER F 11 -20.35 -7.68 6.58
C SER F 11 -20.00 -6.68 5.50
N VAL F 12 -20.59 -6.87 4.32
CA VAL F 12 -20.22 -6.11 3.14
C VAL F 12 -21.47 -5.65 2.42
N ALA F 13 -21.37 -4.49 1.77
CA ALA F 13 -22.44 -4.00 0.92
C ALA F 13 -22.47 -4.80 -0.37
N PRO F 14 -23.61 -4.81 -1.08
CA PRO F 14 -23.73 -5.70 -2.25
C PRO F 14 -22.71 -5.43 -3.34
N GLY F 15 -22.26 -4.18 -3.53
CA GLY F 15 -21.35 -3.91 -4.63
C GLY F 15 -19.90 -3.63 -4.27
N GLN F 16 -19.57 -3.65 -2.98
CA GLN F 16 -18.27 -3.18 -2.53
C GLN F 16 -17.31 -4.34 -2.27
N THR F 17 -16.02 -4.03 -2.27
CA THR F 17 -14.98 -5.02 -2.04
C THR F 17 -14.97 -5.52 -0.59
N ALA F 18 -14.65 -6.80 -0.41
CA ALA F 18 -14.57 -7.46 0.88
C ALA F 18 -13.18 -8.04 1.10
N ARG F 19 -12.63 -7.86 2.30
CA ARG F 19 -11.32 -8.39 2.65
C ARG F 19 -11.40 -9.24 3.91
N ILE F 20 -10.89 -10.47 3.84
CA ILE F 20 -10.82 -11.40 4.97
C ILE F 20 -9.35 -11.64 5.30
N THR F 21 -8.98 -11.50 6.57
CA THR F 21 -7.59 -11.50 7.00
C THR F 21 -7.26 -12.76 7.80
N CYS F 22 -6.26 -13.51 7.34
CA CYS F 22 -5.71 -14.65 8.05
C CYS F 22 -4.33 -14.30 8.59
N GLY F 23 -4.15 -14.37 9.91
CA GLY F 23 -2.90 -13.94 10.51
C GLY F 23 -2.13 -14.99 11.30
N GLY F 24 -0.86 -15.17 10.95
CA GLY F 24 0.03 -16.08 11.66
C GLY F 24 1.47 -15.68 11.39
N ASN F 25 2.38 -16.14 12.25
CA ASN F 25 3.79 -15.85 12.02
C ASN F 25 4.31 -16.63 10.82
N ASN F 26 5.14 -15.97 10.02
CA ASN F 26 5.80 -16.52 8.82
C ASN F 26 4.84 -17.36 7.96
N ILE F 27 3.65 -16.80 7.71
CA ILE F 27 2.68 -17.52 6.89
C ILE F 27 3.10 -17.50 5.43
N GLY F 28 3.76 -16.44 4.98
CA GLY F 28 4.13 -16.32 3.58
C GLY F 28 5.16 -17.33 3.11
N SER F 29 5.93 -17.89 4.04
CA SER F 29 6.98 -18.82 3.65
C SER F 29 6.42 -20.07 2.98
N LYS F 30 5.31 -20.60 3.51
CA LYS F 30 4.78 -21.85 2.98
C LYS F 30 3.57 -21.68 2.08
N GLY F 31 2.71 -20.70 2.35
CA GLY F 31 1.57 -20.52 1.47
C GLY F 31 0.26 -20.44 2.23
N VAL F 32 -0.63 -19.54 1.83
CA VAL F 32 -1.96 -19.45 2.43
C VAL F 32 -2.95 -19.99 1.41
N GLN F 33 -3.83 -20.87 1.86
CA GLN F 33 -4.88 -21.41 1.01
C GLN F 33 -6.22 -21.07 1.62
N TRP F 34 -7.14 -20.60 0.78
CA TRP F 34 -8.44 -20.11 1.22
C TRP F 34 -9.52 -21.00 0.64
N TYR F 35 -10.54 -21.29 1.44
CA TYR F 35 -11.65 -22.14 1.02
C TYR F 35 -12.97 -21.44 1.29
N GLN F 36 -13.93 -21.65 0.39
CA GLN F 36 -15.29 -21.15 0.54
C GLN F 36 -16.22 -22.33 0.78
N GLN F 37 -16.96 -22.30 1.89
CA GLN F 37 -17.90 -23.36 2.24
C GLN F 37 -19.29 -22.75 2.39
N LYS F 38 -20.20 -23.14 1.48
CA LYS F 38 -21.60 -22.80 1.53
C LYS F 38 -22.36 -23.86 2.32
N PRO F 39 -23.40 -23.47 3.05
CA PRO F 39 -24.12 -24.43 3.90
C PRO F 39 -24.63 -25.62 3.09
N GLY F 40 -24.39 -26.82 3.62
CA GLY F 40 -24.79 -28.04 2.94
C GLY F 40 -23.86 -28.51 1.83
N GLN F 41 -22.70 -27.88 1.67
CA GLN F 41 -21.81 -28.19 0.56
C GLN F 41 -20.38 -28.37 1.06
N ALA F 42 -19.60 -29.12 0.29
CA ALA F 42 -18.20 -29.37 0.62
C ALA F 42 -17.35 -28.12 0.37
N PRO F 43 -16.20 -28.02 1.02
CA PRO F 43 -15.34 -26.83 0.81
C PRO F 43 -14.82 -26.77 -0.62
N VAL F 44 -14.66 -25.54 -1.10
CA VAL F 44 -14.14 -25.27 -2.44
C VAL F 44 -12.96 -24.32 -2.32
N LEU F 45 -11.85 -24.66 -2.99
CA LEU F 45 -10.65 -23.83 -2.96
C LEU F 45 -10.86 -22.63 -3.87
N VAL F 46 -10.72 -21.43 -3.30
CA VAL F 46 -10.92 -20.19 -4.05
C VAL F 46 -9.60 -19.58 -4.50
N VAL F 47 -8.54 -19.68 -3.68
CA VAL F 47 -7.21 -19.20 -4.04
C VAL F 47 -6.19 -20.12 -3.39
N TYR F 48 -5.07 -20.34 -4.08
CA TYR F 48 -3.97 -21.12 -3.55
C TYR F 48 -2.65 -20.42 -3.85
N ASP F 49 -1.62 -20.77 -3.06
CA ASP F 49 -0.28 -20.19 -3.17
C ASP F 49 -0.29 -18.67 -2.92
N ASP F 50 -1.22 -18.23 -2.09
CA ASP F 50 -1.43 -16.85 -1.63
C ASP F 50 -2.01 -15.95 -2.70
N SER F 51 -1.88 -16.33 -3.96
CA SER F 51 -2.35 -15.47 -5.06
C SER F 51 -3.00 -16.21 -6.21
N ASP F 52 -2.66 -17.47 -6.46
CA ASP F 52 -3.17 -18.18 -7.62
C ASP F 52 -4.59 -18.67 -7.38
N ARG F 53 -5.42 -18.54 -8.41
CA ARG F 53 -6.83 -18.84 -8.32
C ARG F 53 -7.18 -20.02 -9.20
N PRO F 54 -7.84 -21.05 -8.65
CA PRO F 54 -8.16 -22.23 -9.45
C PRO F 54 -9.12 -21.91 -10.58
N SER F 55 -9.04 -22.71 -11.64
CA SER F 55 -9.91 -22.50 -12.80
C SER F 55 -11.36 -22.68 -12.41
N GLY F 56 -12.23 -21.91 -13.05
CA GLY F 56 -13.65 -21.91 -12.74
C GLY F 56 -14.05 -21.04 -11.57
N ILE F 57 -13.11 -20.36 -10.94
CA ILE F 57 -13.40 -19.44 -9.83
C ILE F 57 -13.41 -18.03 -10.40
N PRO F 58 -14.42 -17.21 -10.10
CA PRO F 58 -14.51 -15.90 -10.75
C PRO F 58 -13.30 -15.03 -10.45
N GLU F 59 -12.98 -14.14 -11.40
CA GLU F 59 -11.81 -13.28 -11.27
C GLU F 59 -11.92 -12.34 -10.08
N ARG F 60 -13.14 -12.09 -9.58
CA ARG F 60 -13.30 -11.23 -8.41
C ARG F 60 -12.52 -11.77 -7.23
N PHE F 61 -12.48 -13.09 -7.08
CA PHE F 61 -11.75 -13.69 -5.98
C PHE F 61 -10.25 -13.55 -6.23
N SER F 62 -9.55 -12.98 -5.26
CA SER F 62 -8.11 -12.79 -5.33
C SER F 62 -7.58 -12.83 -3.91
N GLY F 63 -6.32 -13.17 -3.78
CA GLY F 63 -5.68 -13.25 -2.47
C GLY F 63 -4.33 -12.58 -2.50
N SER F 64 -3.95 -12.04 -1.35
CA SER F 64 -2.62 -11.54 -1.13
C SER F 64 -2.13 -12.05 0.22
N ASN F 65 -0.81 -12.00 0.39
CA ASN F 65 -0.16 -12.40 1.63
C ASN F 65 0.97 -11.42 1.86
N SER F 66 0.99 -10.81 3.04
CA SER F 66 1.96 -9.76 3.36
C SER F 66 2.64 -10.15 4.66
N GLY F 67 3.60 -11.06 4.57
CA GLY F 67 4.29 -11.46 5.77
C GLY F 67 3.33 -12.27 6.62
N ASN F 68 3.13 -11.80 7.84
CA ASN F 68 2.31 -12.51 8.80
C ASN F 68 0.83 -12.48 8.42
N THR F 69 0.34 -11.37 7.87
CA THR F 69 -1.08 -11.19 7.61
C THR F 69 -1.38 -11.39 6.12
N ALA F 70 -2.38 -12.22 5.83
CA ALA F 70 -2.82 -12.51 4.48
C ALA F 70 -4.30 -12.14 4.32
N THR F 71 -4.65 -11.59 3.16
CA THR F 71 -6.00 -11.09 2.92
C THR F 71 -6.57 -11.75 1.68
N LEU F 72 -7.85 -12.13 1.76
CA LEU F 72 -8.60 -12.63 0.61
C LEU F 72 -9.60 -11.55 0.23
N THR F 73 -9.56 -11.13 -1.04
CA THR F 73 -10.33 -9.99 -1.51
C THR F 73 -11.33 -10.43 -2.57
N ILE F 74 -12.60 -10.09 -2.36
CA ILE F 74 -13.66 -10.32 -3.33
C ILE F 74 -14.00 -8.97 -3.93
N SER F 75 -13.60 -8.76 -5.19
CA SER F 75 -13.66 -7.42 -5.79
C SER F 75 -15.10 -6.93 -5.89
N ARG F 76 -16.00 -7.79 -6.36
CA ARG F 76 -17.42 -7.48 -6.38
C ARG F 76 -18.12 -8.63 -5.68
N VAL F 77 -18.94 -8.30 -4.70
CA VAL F 77 -19.57 -9.31 -3.87
C VAL F 77 -21.00 -9.51 -4.36
N GLU F 78 -21.55 -10.67 -4.04
CA GLU F 78 -22.88 -11.04 -4.48
C GLU F 78 -23.54 -11.88 -3.40
N ALA F 79 -24.85 -12.10 -3.57
CA ALA F 79 -25.58 -12.95 -2.66
C ALA F 79 -24.98 -14.36 -2.62
N GLY F 80 -24.58 -14.89 -3.78
CA GLY F 80 -23.92 -16.17 -3.82
C GLY F 80 -22.58 -16.19 -3.12
N ASP F 81 -21.93 -15.02 -3.02
CA ASP F 81 -20.61 -14.96 -2.42
C ASP F 81 -20.65 -15.32 -0.94
N GLU F 82 -21.78 -15.07 -0.26
CA GLU F 82 -21.86 -15.34 1.17
C GLU F 82 -21.55 -16.81 1.45
N ALA F 83 -20.61 -17.04 2.36
CA ALA F 83 -20.25 -18.38 2.80
C ALA F 83 -19.33 -18.25 4.01
N ASP F 84 -19.05 -19.37 4.64
CA ASP F 84 -17.93 -19.46 5.57
C ASP F 84 -16.64 -19.61 4.79
N TYR F 85 -15.62 -18.82 5.15
CA TYR F 85 -14.34 -18.83 4.47
C TYR F 85 -13.25 -19.24 5.45
N TYR F 86 -12.41 -20.18 5.04
CA TYR F 86 -11.36 -20.73 5.89
C TYR F 86 -10.02 -20.59 5.20
N CYS F 87 -8.96 -20.43 6.02
CA CYS F 87 -7.60 -20.30 5.52
C CYS F 87 -6.74 -21.44 6.05
N GLN F 88 -5.72 -21.81 5.29
CA GLN F 88 -4.94 -23.00 5.59
C GLN F 88 -3.46 -22.74 5.36
N VAL F 89 -2.62 -23.33 6.22
CA VAL F 89 -1.16 -23.22 6.12
C VAL F 89 -0.55 -24.55 6.57
N TRP F 90 0.69 -24.79 6.14
CA TRP F 90 1.42 -26.02 6.47
C TRP F 90 2.57 -25.73 7.43
N ASP F 91 2.73 -26.62 8.41
CA ASP F 91 3.82 -26.54 9.39
C ASP F 91 4.89 -27.58 9.06
N SER F 92 6.10 -27.13 8.76
CA SER F 92 7.19 -28.10 8.65
C SER F 92 7.64 -28.55 10.03
N SER F 93 7.55 -27.65 11.01
CA SER F 93 7.98 -27.93 12.38
C SER F 93 7.14 -29.04 13.01
N SER F 94 5.82 -28.93 12.96
CA SER F 94 4.93 -29.94 13.51
C SER F 94 4.37 -30.92 12.49
N ASP F 95 4.62 -30.71 11.20
CA ASP F 95 4.05 -31.53 10.12
C ASP F 95 2.53 -31.61 10.24
N HIS F 96 1.90 -30.45 10.45
CA HIS F 96 0.46 -30.37 10.59
C HIS F 96 -0.11 -29.34 9.63
N TRP F 97 -1.23 -29.67 8.99
CA TRP F 97 -2.00 -28.70 8.23
C TRP F 97 -2.88 -27.94 9.21
N VAL F 98 -2.82 -26.62 9.18
CA VAL F 98 -3.53 -25.76 10.14
C VAL F 98 -4.63 -25.02 9.40
N PHE F 99 -5.83 -25.04 9.98
CA PHE F 99 -6.99 -24.38 9.41
C PHE F 99 -7.39 -23.20 10.29
N GLY F 100 -8.06 -22.24 9.67
CA GLY F 100 -8.61 -21.13 10.42
C GLY F 100 -9.95 -21.45 11.03
N GLY F 101 -10.37 -20.58 11.96
CA GLY F 101 -11.67 -20.75 12.59
C GLY F 101 -12.81 -20.54 11.62
N GLY F 102 -12.64 -19.64 10.65
CA GLY F 102 -13.66 -19.38 9.67
C GLY F 102 -14.19 -17.97 9.72
N THR F 103 -14.55 -17.42 8.58
CA THR F 103 -15.13 -16.08 8.50
C THR F 103 -16.44 -16.15 7.72
N LYS F 104 -17.51 -15.63 8.31
CA LYS F 104 -18.82 -15.65 7.69
C LYS F 104 -19.05 -14.32 6.97
N LEU F 105 -19.15 -14.38 5.64
CA LEU F 105 -19.48 -13.21 4.84
C LEU F 105 -21.00 -13.05 4.81
N THR F 106 -21.49 -11.88 5.22
CA THR F 106 -22.91 -11.56 5.16
C THR F 106 -23.08 -10.31 4.31
N VAL F 107 -23.78 -10.46 3.19
CA VAL F 107 -24.03 -9.32 2.32
C VAL F 107 -25.25 -8.57 2.82
N LEU F 108 -25.07 -7.28 3.11
CA LEU F 108 -26.16 -6.45 3.61
C LEU F 108 -27.04 -5.99 2.45
N GLY F 109 -28.22 -5.51 2.81
CA GLY F 109 -29.19 -5.01 1.86
C GLY F 109 -29.46 -5.94 0.69
N GLN F 110 -29.85 -7.11 0.98
CA GLN F 110 -30.20 -8.05 -0.06
C GLN F 110 -31.70 -7.97 -0.30
N PRO F 111 -32.17 -8.25 -1.51
CA PRO F 111 -33.61 -8.09 -1.77
C PRO F 111 -34.42 -9.02 -0.88
N LYS F 112 -35.61 -8.55 -0.53
CA LYS F 112 -36.53 -9.35 0.27
C LYS F 112 -37.33 -10.30 -0.61
N ALA F 113 -37.47 -11.53 -0.14
CA ALA F 113 -38.09 -12.60 -0.91
C ALA F 113 -39.30 -13.12 -0.17
N ALA F 114 -40.39 -13.31 -0.89
CA ALA F 114 -41.64 -13.81 -0.32
C ALA F 114 -41.56 -15.34 -0.18
N PRO F 115 -42.09 -15.90 0.91
CA PRO F 115 -42.05 -17.35 1.08
C PRO F 115 -43.06 -18.04 0.17
N SER F 116 -42.58 -19.06 -0.53
CA SER F 116 -43.46 -19.94 -1.29
C SER F 116 -43.82 -21.14 -0.42
N VAL F 117 -45.10 -21.46 -0.34
CA VAL F 117 -45.60 -22.47 0.59
C VAL F 117 -46.35 -23.52 -0.22
N THR F 118 -46.00 -24.78 0.01
CA THR F 118 -46.69 -25.92 -0.60
C THR F 118 -47.08 -26.90 0.49
N LEU F 119 -48.36 -27.27 0.53
CA LEU F 119 -48.88 -28.14 1.57
C LEU F 119 -49.37 -29.44 0.94
N PHE F 120 -49.01 -30.58 1.57
CA PHE F 120 -49.36 -31.84 0.95
C PHE F 120 -50.27 -32.66 1.88
N PRO F 121 -51.30 -33.29 1.34
CA PRO F 121 -52.25 -34.04 2.17
C PRO F 121 -51.62 -35.29 2.77
N PRO F 122 -52.20 -35.80 3.86
CA PRO F 122 -51.77 -37.11 4.37
C PRO F 122 -51.96 -38.21 3.33
N SER F 123 -51.03 -39.15 3.33
CA SER F 123 -51.01 -40.24 2.38
C SER F 123 -52.27 -41.09 2.51
N SER F 124 -52.78 -41.58 1.37
CA SER F 124 -53.73 -42.68 1.47
C SER F 124 -53.04 -43.86 2.13
N GLU F 125 -51.74 -44.02 1.84
CA GLU F 125 -50.93 -45.12 2.33
C GLU F 125 -50.70 -45.02 3.84
N GLU F 126 -50.39 -43.82 4.34
CA GLU F 126 -50.21 -43.64 5.78
C GLU F 126 -51.52 -43.83 6.54
N LEU F 127 -52.62 -43.31 6.00
CA LEU F 127 -53.91 -43.53 6.66
C LEU F 127 -54.22 -45.03 6.69
N GLN F 128 -53.80 -45.78 5.66
CA GLN F 128 -53.84 -47.23 5.76
C GLN F 128 -52.93 -47.73 6.88
N ALA F 129 -51.73 -47.14 7.01
CA ALA F 129 -50.81 -47.45 8.09
C ALA F 129 -51.25 -46.89 9.44
N ASN F 130 -52.24 -46.00 9.45
CA ASN F 130 -52.89 -45.46 10.64
C ASN F 130 -52.07 -44.39 11.37
N LYS F 131 -51.11 -43.76 10.71
CA LYS F 131 -50.40 -42.61 11.26
C LYS F 131 -50.48 -41.47 10.26
N ALA F 132 -50.95 -40.30 10.69
CA ALA F 132 -51.17 -39.18 9.79
C ALA F 132 -50.12 -38.10 10.00
N THR F 133 -49.52 -37.63 8.91
CA THR F 133 -48.62 -36.48 8.95
C THR F 133 -48.99 -35.53 7.81
N LEU F 134 -49.13 -34.26 8.12
CA LEU F 134 -49.26 -33.21 7.11
C LEU F 134 -47.92 -32.49 6.99
N VAL F 135 -47.47 -32.32 5.76
CA VAL F 135 -46.18 -31.68 5.48
C VAL F 135 -46.45 -30.32 4.84
N CYS F 136 -45.72 -29.30 5.31
CA CYS F 136 -45.77 -27.94 4.78
C CYS F 136 -44.33 -27.57 4.42
N LEU F 137 -44.08 -27.30 3.15
CA LEU F 137 -42.75 -26.99 2.66
C LEU F 137 -42.69 -25.54 2.24
N ILE F 138 -41.79 -24.78 2.88
CA ILE F 138 -41.60 -23.36 2.62
C ILE F 138 -40.25 -23.18 1.94
N SER F 139 -40.23 -22.46 0.84
CA SER F 139 -39.03 -22.32 0.03
C SER F 139 -38.91 -20.91 -0.52
N ASP F 140 -37.67 -20.53 -0.84
CA ASP F 140 -37.35 -19.30 -1.56
C ASP F 140 -37.82 -18.06 -0.79
N PHE F 141 -37.47 -18.00 0.50
CA PHE F 141 -37.78 -16.85 1.33
C PHE F 141 -36.50 -16.23 1.88
N TYR F 142 -36.39 -14.90 1.75
CA TYR F 142 -35.33 -14.12 2.35
C TYR F 142 -35.97 -12.92 3.03
N PRO F 143 -35.63 -12.62 4.29
CA PRO F 143 -34.66 -13.30 5.18
C PRO F 143 -35.10 -14.63 5.75
N GLY F 144 -34.12 -15.37 6.29
CA GLY F 144 -34.40 -16.68 6.86
C GLY F 144 -34.92 -16.56 8.26
N ALA F 145 -36.03 -15.83 8.42
CA ALA F 145 -36.75 -15.73 9.68
C ALA F 145 -38.22 -15.91 9.34
N VAL F 146 -38.83 -16.98 9.83
CA VAL F 146 -40.20 -17.29 9.50
C VAL F 146 -40.90 -17.84 10.74
N THR F 147 -42.18 -17.49 10.90
CA THR F 147 -43.01 -18.02 11.98
C THR F 147 -44.13 -18.86 11.39
N VAL F 148 -44.11 -20.16 11.65
CA VAL F 148 -45.11 -21.08 11.15
C VAL F 148 -46.16 -21.32 12.23
N ALA F 149 -47.43 -21.16 11.85
CA ALA F 149 -48.57 -21.40 12.74
C ALA F 149 -49.56 -22.29 12.00
N TRP F 150 -50.01 -23.35 12.66
CA TRP F 150 -50.94 -24.31 12.06
C TRP F 150 -52.33 -24.12 12.62
N LYS F 151 -53.34 -24.16 11.75
CA LYS F 151 -54.71 -23.95 12.16
C LYS F 151 -55.55 -25.17 11.82
N ALA F 152 -56.36 -25.58 12.80
CA ALA F 152 -57.26 -26.73 12.71
C ALA F 152 -58.69 -26.23 12.65
N ASP F 153 -59.38 -26.50 11.53
CA ASP F 153 -60.74 -26.03 11.30
C ASP F 153 -60.83 -24.52 11.50
N SER F 154 -59.80 -23.81 11.02
CA SER F 154 -59.64 -22.37 11.16
C SER F 154 -59.53 -21.93 12.62
N SER F 155 -59.14 -22.86 13.51
CA SER F 155 -58.86 -22.65 14.92
C SER F 155 -57.42 -23.08 15.20
N PRO F 156 -56.65 -22.29 15.94
CA PRO F 156 -55.22 -22.58 16.06
C PRO F 156 -54.97 -23.93 16.74
N VAL F 157 -53.99 -24.66 16.21
CA VAL F 157 -53.55 -25.94 16.76
C VAL F 157 -52.04 -25.86 17.01
N LYS F 158 -51.63 -26.12 18.26
CA LYS F 158 -50.23 -26.12 18.63
C LYS F 158 -49.72 -27.52 18.98
N ALA F 159 -50.47 -28.56 18.59
CA ALA F 159 -50.23 -29.93 19.02
C ALA F 159 -49.63 -30.76 17.89
N GLY F 160 -48.40 -31.25 18.09
CA GLY F 160 -47.73 -32.06 17.10
C GLY F 160 -47.00 -31.29 16.03
N VAL F 161 -46.73 -30.01 16.25
CA VAL F 161 -46.00 -29.19 15.30
C VAL F 161 -44.50 -29.36 15.49
N GLU F 162 -43.79 -29.60 14.38
CA GLU F 162 -42.33 -29.72 14.38
C GLU F 162 -41.82 -28.87 13.24
N THR F 163 -40.91 -27.94 13.52
CA THR F 163 -40.49 -26.96 12.54
C THR F 163 -38.98 -26.97 12.36
N THR F 164 -38.52 -27.06 11.12
CA THR F 164 -37.10 -26.92 10.82
C THR F 164 -36.63 -25.50 11.09
N THR F 165 -35.37 -25.38 11.51
CA THR F 165 -34.72 -24.09 11.47
C THR F 165 -34.46 -23.73 10.00
N PRO F 166 -34.53 -22.46 9.64
CA PRO F 166 -34.32 -22.08 8.24
C PRO F 166 -32.91 -22.45 7.79
N SER F 167 -32.81 -22.97 6.57
CA SER F 167 -31.54 -23.40 5.99
C SER F 167 -31.36 -22.78 4.61
N LYS F 168 -30.14 -22.34 4.31
CA LYS F 168 -29.85 -21.71 3.04
C LYS F 168 -29.83 -22.74 1.92
N GLN F 169 -30.51 -22.43 0.82
CA GLN F 169 -30.55 -23.31 -0.34
C GLN F 169 -29.46 -22.94 -1.35
N SER F 170 -29.33 -23.77 -2.38
CA SER F 170 -28.42 -23.44 -3.49
C SER F 170 -28.87 -22.17 -4.18
N ASN F 171 -30.19 -22.03 -4.36
CA ASN F 171 -30.83 -20.83 -4.89
C ASN F 171 -30.82 -19.70 -3.89
N ASN F 172 -30.06 -19.88 -2.83
CA ASN F 172 -29.39 -18.78 -2.21
C ASN F 172 -30.42 -17.99 -1.39
N LYS F 173 -31.67 -18.46 -1.38
CA LYS F 173 -32.77 -18.11 -0.49
C LYS F 173 -33.05 -19.27 0.49
N TYR F 174 -33.42 -18.94 1.73
CA TYR F 174 -33.57 -19.96 2.76
C TYR F 174 -34.77 -20.86 2.49
N ALA F 175 -34.73 -22.08 3.06
CA ALA F 175 -35.78 -23.07 2.95
C ALA F 175 -36.06 -23.71 4.31
N ALA F 176 -37.32 -24.09 4.53
CA ALA F 176 -37.74 -24.70 5.80
C ALA F 176 -38.88 -25.68 5.57
N SER F 177 -39.04 -26.61 6.52
CA SER F 177 -40.16 -27.54 6.51
C SER F 177 -40.85 -27.57 7.87
N SER F 178 -42.19 -27.74 7.85
CA SER F 178 -42.99 -27.97 9.04
C SER F 178 -43.79 -29.25 8.89
N TYR F 179 -43.86 -30.04 9.97
CA TYR F 179 -44.63 -31.28 10.00
C TYR F 179 -45.64 -31.23 11.15
N LEU F 180 -46.88 -31.60 10.85
CA LEU F 180 -47.90 -31.73 11.89
C LEU F 180 -48.31 -33.19 11.96
N SER F 181 -48.23 -33.77 13.14
CA SER F 181 -48.54 -35.17 13.35
C SER F 181 -49.96 -35.28 13.93
N LEU F 182 -50.84 -35.97 13.21
CA LEU F 182 -52.22 -36.15 13.60
C LEU F 182 -52.64 -37.60 13.42
N THR F 183 -53.61 -37.99 14.22
CA THR F 183 -54.25 -39.28 14.09
C THR F 183 -55.22 -39.26 12.92
N PRO F 184 -55.47 -40.42 12.30
CA PRO F 184 -56.40 -40.43 11.15
C PRO F 184 -57.79 -39.93 11.54
N GLU F 185 -58.25 -40.26 12.75
CA GLU F 185 -59.56 -39.80 13.19
C GLU F 185 -59.60 -38.28 13.31
N GLN F 186 -58.52 -37.68 13.83
CA GLN F 186 -58.46 -36.22 13.93
C GLN F 186 -58.50 -35.57 12.55
N TRP F 187 -57.81 -36.17 11.58
CA TRP F 187 -57.88 -35.67 10.21
C TRP F 187 -59.30 -35.76 9.69
N LYS F 188 -59.99 -36.87 9.99
CA LYS F 188 -61.40 -36.98 9.63
C LYS F 188 -62.28 -36.06 10.48
N SER F 189 -61.90 -35.84 11.75
CA SER F 189 -62.76 -35.09 12.67
C SER F 189 -62.94 -33.65 12.22
N HIS F 190 -61.86 -32.98 11.84
CA HIS F 190 -61.89 -31.59 11.41
C HIS F 190 -61.75 -31.53 9.90
N ARG F 191 -62.63 -30.73 9.26
CA ARG F 191 -62.70 -30.74 7.81
C ARG F 191 -61.48 -30.09 7.16
N SER F 192 -60.89 -29.08 7.79
CA SER F 192 -59.76 -28.38 7.17
C SER F 192 -58.61 -28.21 8.16
N TYR F 193 -57.41 -28.62 7.75
CA TYR F 193 -56.17 -28.42 8.48
C TYR F 193 -55.18 -27.73 7.56
N SER F 194 -54.52 -26.68 8.05
CA SER F 194 -53.66 -26.00 7.08
C SER F 194 -52.66 -25.08 7.75
N CYS F 195 -51.60 -24.81 7.00
CA CYS F 195 -50.36 -24.17 7.46
C CYS F 195 -50.31 -22.69 7.05
N GLN F 196 -50.01 -21.83 8.04
CA GLN F 196 -49.89 -20.39 7.92
C GLN F 196 -48.44 -20.03 8.14
N VAL F 197 -47.87 -19.26 7.22
CA VAL F 197 -46.47 -18.92 7.26
C VAL F 197 -46.39 -17.40 7.30
N THR F 198 -45.72 -16.87 8.33
CA THR F 198 -45.59 -15.43 8.49
C THR F 198 -44.14 -15.06 8.23
N HIS F 199 -43.94 -14.26 7.18
CA HIS F 199 -42.64 -13.72 6.81
C HIS F 199 -42.78 -12.21 6.63
N GLU F 200 -42.01 -11.44 7.41
CA GLU F 200 -41.97 -9.99 7.30
C GLU F 200 -43.36 -9.38 7.44
N GLY F 201 -44.14 -9.91 8.38
CA GLY F 201 -45.47 -9.40 8.63
C GLY F 201 -46.49 -9.74 7.56
N SER F 202 -46.21 -10.72 6.73
CA SER F 202 -47.16 -11.19 5.71
C SER F 202 -47.43 -12.66 5.95
N THR F 203 -48.70 -13.03 5.96
CA THR F 203 -49.12 -14.38 6.31
C THR F 203 -49.67 -15.04 5.06
N VAL F 204 -48.95 -16.04 4.57
CA VAL F 204 -49.35 -16.82 3.40
C VAL F 204 -49.90 -18.15 3.91
N GLU F 205 -51.05 -18.56 3.40
CA GLU F 205 -51.72 -19.75 3.87
C GLU F 205 -51.99 -20.68 2.69
N LYS F 206 -51.85 -21.98 2.94
CA LYS F 206 -52.20 -23.00 1.96
C LYS F 206 -53.05 -24.03 2.67
N THR F 207 -54.14 -24.45 2.02
CA THR F 207 -55.13 -25.33 2.63
C THR F 207 -55.28 -26.61 1.83
N VAL F 208 -55.35 -27.74 2.55
CA VAL F 208 -55.60 -29.05 1.95
C VAL F 208 -56.76 -29.70 2.70
N ALA F 209 -57.77 -30.14 1.96
CA ALA F 209 -58.94 -30.76 2.58
C ALA F 209 -59.06 -32.21 2.13
N PRO F 210 -59.43 -33.12 3.05
CA PRO F 210 -59.60 -34.54 2.76
C PRO F 210 -60.73 -34.82 1.77
N GLU G 1 22.85 18.85 10.80
CA GLU G 1 24.06 19.57 10.44
C GLU G 1 23.82 20.51 9.26
N VAL G 2 23.25 19.97 8.19
CA VAL G 2 23.01 20.72 6.96
C VAL G 2 21.57 21.24 6.98
N GLN G 3 21.41 22.56 6.96
CA GLN G 3 20.08 23.14 6.92
C GLN G 3 20.05 24.37 6.02
N LEU G 4 19.02 24.45 5.19
CA LEU G 4 18.75 25.60 4.34
C LEU G 4 17.43 26.21 4.80
N VAL G 5 17.47 27.48 5.20
CA VAL G 5 16.33 28.20 5.73
C VAL G 5 15.93 29.28 4.73
N GLU G 6 14.64 29.33 4.43
CA GLU G 6 14.13 30.26 3.42
C GLU G 6 13.35 31.38 4.10
N SER G 7 13.72 32.62 3.81
CA SER G 7 13.12 33.80 4.39
C SER G 7 12.21 34.47 3.37
N GLY G 8 11.64 35.60 3.77
CA GLY G 8 10.82 36.38 2.87
C GLY G 8 9.43 35.78 2.71
N GLY G 9 8.77 36.16 1.63
CA GLY G 9 7.42 35.72 1.35
C GLY G 9 6.38 36.58 2.05
N GLY G 10 5.15 36.40 1.61
CA GLY G 10 4.03 37.15 2.15
C GLY G 10 3.09 37.58 1.04
N LEU G 11 2.22 38.52 1.37
CA LEU G 11 1.23 39.00 0.41
C LEU G 11 1.87 39.96 -0.59
N VAL G 12 1.55 39.77 -1.86
CA VAL G 12 2.05 40.62 -2.94
C VAL G 12 0.86 41.00 -3.81
N LYS G 13 0.83 42.25 -4.27
CA LYS G 13 -0.25 42.62 -5.16
C LYS G 13 0.04 42.10 -6.56
N PRO G 14 -0.99 41.82 -7.36
CA PRO G 14 -0.75 41.34 -8.73
C PRO G 14 0.13 42.31 -9.49
N GLY G 15 1.14 41.77 -10.16
CA GLY G 15 2.15 42.61 -10.79
C GLY G 15 3.24 43.11 -9.86
N GLY G 16 3.18 42.74 -8.58
CA GLY G 16 4.15 43.20 -7.61
C GLY G 16 5.46 42.43 -7.64
N SER G 17 6.40 42.89 -6.80
CA SER G 17 7.74 42.34 -6.75
C SER G 17 8.07 41.89 -5.32
N LEU G 18 8.65 40.70 -5.21
CA LEU G 18 9.00 40.10 -3.92
C LEU G 18 10.39 39.49 -4.01
N ARG G 19 11.30 39.94 -3.16
CA ARG G 19 12.63 39.36 -3.06
C ARG G 19 12.61 38.18 -2.08
N LEU G 20 13.41 37.17 -2.40
CA LEU G 20 13.41 35.92 -1.64
C LEU G 20 14.83 35.49 -1.32
N SER G 21 15.06 34.87 -0.16
CA SER G 21 16.41 34.49 0.26
C SER G 21 16.44 33.11 0.93
N CYS G 22 17.56 32.39 0.76
CA CYS G 22 17.79 31.10 1.41
C CYS G 22 19.20 31.07 2.00
N ALA G 23 19.29 31.06 3.33
CA ALA G 23 20.56 30.94 4.05
C ALA G 23 20.90 29.49 4.33
N ALA G 24 22.18 29.14 4.26
CA ALA G 24 22.61 27.75 4.34
C ALA G 24 23.67 27.55 5.41
N SER G 25 23.61 26.39 6.08
CA SER G 25 24.60 26.00 7.09
C SER G 25 24.93 24.53 6.96
N GLY G 26 26.15 24.17 7.35
CA GLY G 26 26.61 22.80 7.40
C GLY G 26 27.41 22.33 6.21
N PHE G 27 27.50 23.11 5.13
CA PHE G 27 28.28 22.73 3.97
C PHE G 27 28.93 23.97 3.37
N THR G 28 30.06 23.77 2.70
CA THR G 28 30.69 24.89 2.01
C THR G 28 29.86 25.22 0.79
N PHE G 29 29.47 26.50 0.67
CA PHE G 29 28.42 26.88 -0.27
C PHE G 29 28.91 26.86 -1.71
N SER G 30 30.10 27.40 -1.95
CA SER G 30 30.53 27.67 -3.33
C SER G 30 30.56 26.45 -4.24
N PRO G 31 31.08 25.28 -3.85
CA PRO G 31 31.16 24.17 -4.83
C PRO G 31 29.80 23.68 -5.34
N TYR G 32 28.72 23.86 -4.59
CA TYR G 32 27.43 23.28 -4.95
C TYR G 32 26.54 24.21 -5.76
N SER G 33 25.91 23.64 -6.77
CA SER G 33 24.87 24.34 -7.53
C SER G 33 23.59 24.37 -6.71
N MET G 34 22.99 25.56 -6.62
CA MET G 34 21.83 25.78 -5.77
C MET G 34 20.61 26.09 -6.64
N ASN G 35 19.47 25.51 -6.28
CA ASN G 35 18.28 25.58 -7.11
C ASN G 35 17.07 26.02 -6.30
N TRP G 36 16.08 26.57 -6.99
CA TRP G 36 14.80 26.97 -6.40
C TRP G 36 13.70 26.14 -7.02
N VAL G 37 12.78 25.65 -6.17
CA VAL G 37 11.66 24.83 -6.61
C VAL G 37 10.39 25.36 -5.95
N ARG G 38 9.28 25.34 -6.69
CA ARG G 38 8.01 25.86 -6.22
C ARG G 38 6.94 24.79 -6.38
N GLN G 39 6.01 24.73 -5.43
CA GLN G 39 4.88 23.82 -5.48
C GLN G 39 3.59 24.61 -5.32
N ALA G 40 2.73 24.54 -6.33
CA ALA G 40 1.45 25.22 -6.30
C ALA G 40 0.53 24.52 -5.30
N PRO G 41 -0.47 25.24 -4.78
CA PRO G 41 -1.40 24.61 -3.82
C PRO G 41 -2.11 23.41 -4.43
N GLY G 42 -2.02 22.28 -3.73
CA GLY G 42 -2.63 21.05 -4.20
C GLY G 42 -2.12 20.59 -5.55
N LYS G 43 -0.86 20.90 -5.89
CA LYS G 43 -0.32 20.59 -7.20
C LYS G 43 1.13 20.15 -7.07
N GLY G 44 1.79 19.93 -8.21
CA GLY G 44 3.09 19.31 -8.25
C GLY G 44 4.25 20.29 -8.21
N LEU G 45 5.45 19.73 -8.06
CA LEU G 45 6.66 20.53 -7.99
C LEU G 45 6.98 21.14 -9.36
N GLU G 46 7.49 22.36 -9.34
CA GLU G 46 7.95 23.04 -10.54
C GLU G 46 9.28 23.72 -10.23
N TRP G 47 10.22 23.62 -11.16
CA TRP G 47 11.56 24.17 -10.98
C TRP G 47 11.57 25.62 -11.47
N VAL G 48 11.91 26.55 -10.57
CA VAL G 48 11.94 27.97 -10.93
C VAL G 48 13.27 28.34 -11.57
N SER G 49 14.38 28.08 -10.87
CA SER G 49 15.67 28.54 -11.35
C SER G 49 16.80 27.77 -10.70
N SER G 50 17.99 27.91 -11.30
CA SER G 50 19.22 27.28 -10.83
C SER G 50 20.40 28.20 -11.07
N ILE G 51 21.36 28.18 -10.14
CA ILE G 51 22.63 28.88 -10.33
C ILE G 51 23.75 27.91 -9.98
N ARG G 52 24.72 27.76 -10.89
CA ARG G 52 25.93 26.99 -10.67
C ARG G 52 27.11 27.93 -10.46
N SER G 53 27.83 27.77 -9.35
CA SER G 53 28.77 28.80 -8.93
C SER G 53 29.92 28.99 -9.91
N SER G 54 30.48 27.91 -10.45
CA SER G 54 31.77 27.99 -11.14
C SER G 54 31.73 28.96 -12.32
N GLY G 55 30.77 28.76 -13.22
CA GLY G 55 30.54 29.71 -14.29
C GLY G 55 29.44 30.70 -14.01
N ASN G 56 28.90 30.70 -12.79
CA ASN G 56 27.64 31.36 -12.47
C ASN G 56 26.66 31.06 -13.61
N TYR G 57 26.29 29.79 -13.73
CA TYR G 57 25.40 29.32 -14.79
C TYR G 57 23.98 29.45 -14.28
N ILE G 58 23.15 30.13 -15.05
CA ILE G 58 21.80 30.47 -14.61
C ILE G 58 20.80 29.99 -15.65
N SER G 59 19.80 29.25 -15.19
CA SER G 59 18.72 28.77 -16.03
C SER G 59 17.39 28.97 -15.31
N TYR G 60 16.38 29.41 -16.05
CA TYR G 60 15.06 29.66 -15.50
C TYR G 60 14.02 28.92 -16.33
N ALA G 61 12.90 28.58 -15.69
CA ALA G 61 11.79 27.99 -16.43
C ALA G 61 11.15 29.03 -17.35
N ASP G 62 10.52 28.53 -18.42
CA ASP G 62 9.89 29.43 -19.38
C ASP G 62 8.77 30.25 -18.74
N SER G 63 8.08 29.69 -17.75
CA SER G 63 7.01 30.45 -17.10
C SER G 63 7.56 31.61 -16.29
N VAL G 64 8.73 31.43 -15.66
CA VAL G 64 9.40 32.50 -14.93
C VAL G 64 10.45 33.20 -15.80
N LYS G 65 10.28 33.16 -17.12
CA LYS G 65 11.29 33.69 -18.03
C LYS G 65 11.22 35.22 -18.08
N GLY G 66 12.36 35.86 -17.79
CA GLY G 66 12.50 37.30 -17.87
C GLY G 66 11.87 38.08 -16.73
N ARG G 67 11.23 37.41 -15.78
CA ARG G 67 10.64 38.07 -14.64
C ARG G 67 11.34 37.72 -13.33
N PHE G 68 12.26 36.76 -13.34
CA PHE G 68 12.91 36.25 -12.15
C PHE G 68 14.42 36.36 -12.29
N THR G 69 15.09 36.69 -11.18
CA THR G 69 16.54 36.73 -11.14
C THR G 69 17.04 36.02 -9.89
N ILE G 70 18.07 35.19 -10.05
CA ILE G 70 18.59 34.35 -8.98
C ILE G 70 19.95 34.88 -8.58
N SER G 71 20.18 35.05 -7.29
CA SER G 71 21.40 35.66 -6.78
C SER G 71 22.01 34.80 -5.68
N ARG G 72 23.34 34.77 -5.65
CA ARG G 72 24.08 33.99 -4.65
C ARG G 72 25.22 34.82 -4.11
N ASP G 73 25.35 34.85 -2.78
CA ASP G 73 26.50 35.43 -2.10
C ASP G 73 27.20 34.28 -1.39
N ASN G 74 28.37 33.90 -1.89
CA ASN G 74 29.07 32.75 -1.33
C ASN G 74 29.59 33.04 0.08
N ALA G 75 30.08 34.25 0.32
CA ALA G 75 30.56 34.61 1.66
C ALA G 75 29.43 34.54 2.68
N LYS G 76 28.24 35.01 2.32
CA LYS G 76 27.08 34.95 3.21
C LYS G 76 26.43 33.57 3.25
N ASN G 77 26.83 32.65 2.36
CA ASN G 77 26.22 31.33 2.26
C ASN G 77 24.70 31.44 2.07
N SER G 78 24.29 32.37 1.21
CA SER G 78 22.88 32.65 1.01
C SER G 78 22.54 32.70 -0.48
N LEU G 79 21.30 32.35 -0.79
CA LEU G 79 20.79 32.34 -2.16
C LEU G 79 19.55 33.23 -2.24
N TYR G 80 19.46 34.03 -3.31
CA TYR G 80 18.38 35.02 -3.45
C TYR G 80 17.66 34.88 -4.79
N LEU G 81 16.35 35.10 -4.76
CA LEU G 81 15.53 35.12 -5.98
C LEU G 81 14.64 36.36 -6.00
N GLN G 82 14.89 37.26 -6.96
CA GLN G 82 14.06 38.46 -7.16
C GLN G 82 12.92 38.15 -8.13
N MET G 83 11.69 38.40 -7.70
CA MET G 83 10.50 38.12 -8.49
C MET G 83 9.85 39.42 -8.96
N ASN G 84 9.76 39.60 -10.27
CA ASN G 84 9.06 40.74 -10.87
C ASN G 84 7.77 40.31 -11.54
N SER G 85 6.80 41.23 -11.60
CA SER G 85 5.54 41.00 -12.30
C SER G 85 4.89 39.70 -11.84
N LEU G 86 4.28 39.70 -10.66
CA LEU G 86 3.81 38.46 -10.06
C LEU G 86 2.33 38.26 -10.38
N ARG G 87 1.98 37.03 -10.75
CA ARG G 87 0.63 36.67 -11.13
C ARG G 87 0.09 35.59 -10.20
N ALA G 88 -1.16 35.18 -10.45
CA ALA G 88 -1.80 34.15 -9.64
C ALA G 88 -1.12 32.80 -9.84
N GLU G 89 -0.66 32.51 -11.06
CA GLU G 89 -0.01 31.23 -11.31
C GLU G 89 1.28 31.08 -10.52
N ASP G 90 1.91 32.19 -10.14
CA ASP G 90 3.13 32.14 -9.35
C ASP G 90 2.87 32.01 -7.86
N MET G 91 1.62 31.80 -7.44
CA MET G 91 1.31 31.59 -6.03
C MET G 91 1.62 30.14 -5.68
N ALA G 92 2.63 29.95 -4.84
CA ALA G 92 3.10 28.61 -4.51
C ALA G 92 4.02 28.70 -3.30
N VAL G 93 4.31 27.55 -2.73
CA VAL G 93 5.36 27.46 -1.73
C VAL G 93 6.69 27.30 -2.46
N TYR G 94 7.64 28.17 -2.16
CA TYR G 94 8.92 28.19 -2.87
C TYR G 94 9.97 27.53 -2.00
N TYR G 95 10.69 26.59 -2.57
CA TYR G 95 11.66 25.78 -1.85
C TYR G 95 13.07 26.08 -2.35
N CYS G 96 13.99 26.21 -1.41
CA CYS G 96 15.41 26.31 -1.72
C CYS G 96 16.04 24.93 -1.52
N ALA G 97 16.82 24.49 -2.50
CA ALA G 97 17.40 23.16 -2.46
C ALA G 97 18.80 23.20 -3.03
N ARG G 98 19.69 22.40 -2.44
CA ARG G 98 21.03 22.18 -2.96
C ARG G 98 21.05 20.93 -3.82
N ALA G 99 21.93 20.91 -4.82
CA ALA G 99 22.00 19.81 -5.78
C ALA G 99 23.37 19.15 -5.71
N GLY G 100 23.36 17.83 -5.93
CA GLY G 100 24.61 17.08 -5.91
C GLY G 100 25.53 17.50 -7.04
N ARG G 101 26.83 17.34 -6.79
CA ARG G 101 27.83 17.83 -7.72
C ARG G 101 27.83 17.04 -9.03
N ASP G 102 27.89 17.76 -10.14
CA ASP G 102 27.95 17.15 -11.45
C ASP G 102 29.27 16.39 -11.64
N TYR G 103 29.20 15.24 -12.28
CA TYR G 103 30.37 14.42 -12.52
C TYR G 103 30.35 13.88 -13.95
N TYR G 104 31.53 13.55 -14.45
CA TYR G 104 31.71 13.02 -15.80
C TYR G 104 31.99 11.52 -15.72
N ASP G 105 31.28 10.74 -16.53
CA ASP G 105 31.51 9.30 -16.59
C ASP G 105 32.81 9.01 -17.37
N ARG G 106 33.20 7.74 -17.41
CA ARG G 106 34.41 7.35 -18.12
C ARG G 106 34.35 7.75 -19.59
N SER G 107 33.17 7.68 -20.20
CA SER G 107 32.99 8.19 -21.56
C SER G 107 33.13 9.70 -21.63
N GLY G 108 33.01 10.39 -20.49
CA GLY G 108 33.07 11.84 -20.44
C GLY G 108 31.74 12.53 -20.44
N TYR G 109 30.64 11.77 -20.45
CA TYR G 109 29.30 12.35 -20.38
C TYR G 109 29.02 12.91 -18.99
N GLN G 110 28.41 14.10 -18.96
CA GLN G 110 28.08 14.74 -17.69
C GLN G 110 26.81 14.12 -17.13
N ARG G 111 26.88 13.70 -15.87
CA ARG G 111 25.73 13.13 -15.17
C ARG G 111 25.40 14.03 -13.99
N PHE G 112 24.13 14.35 -13.83
CA PHE G 112 23.71 15.36 -12.85
C PHE G 112 22.95 14.69 -11.72
N PRO G 113 23.52 14.62 -10.52
CA PRO G 113 22.76 14.14 -9.35
C PRO G 113 21.68 15.12 -8.94
N GLY G 114 20.79 14.64 -8.08
CA GLY G 114 19.61 15.38 -7.69
C GLY G 114 19.83 16.32 -6.52
N PHE G 115 18.71 16.85 -6.02
CA PHE G 115 18.64 17.75 -4.87
C PHE G 115 18.62 16.94 -3.58
N ASP G 116 19.80 16.72 -2.99
CA ASP G 116 19.87 15.94 -1.76
C ASP G 116 19.39 16.68 -0.52
N TYR G 117 19.38 18.02 -0.52
CA TYR G 117 19.00 18.79 0.66
C TYR G 117 17.99 19.87 0.28
N TRP G 118 16.80 19.80 0.85
CA TRP G 118 15.73 20.76 0.63
C TRP G 118 15.47 21.62 1.88
N GLY G 119 14.63 22.63 1.70
CA GLY G 119 14.16 23.48 2.77
C GLY G 119 12.66 23.27 3.00
N GLN G 120 12.15 23.94 4.04
CA GLN G 120 10.77 23.73 4.45
C GLN G 120 9.77 24.60 3.68
N GLY G 121 10.17 25.78 3.25
CA GLY G 121 9.38 26.58 2.33
C GLY G 121 8.85 27.89 2.88
N THR G 122 8.54 28.81 1.98
CA THR G 122 7.89 30.08 2.29
C THR G 122 6.76 30.26 1.28
N LEU G 123 5.63 30.77 1.76
CA LEU G 123 4.45 30.91 0.91
C LEU G 123 4.33 32.35 0.42
N VAL G 124 4.21 32.51 -0.90
CA VAL G 124 3.93 33.80 -1.52
C VAL G 124 2.49 33.77 -1.99
N THR G 125 1.70 34.72 -1.51
CA THR G 125 0.28 34.83 -1.84
C THR G 125 0.06 36.07 -2.68
N VAL G 126 -0.60 35.92 -3.82
CA VAL G 126 -0.83 37.03 -4.73
C VAL G 126 -2.31 37.39 -4.78
N SER G 127 -2.78 38.17 -3.80
CA SER G 127 -4.14 38.66 -3.78
C SER G 127 -4.15 40.18 -3.72
N SER G 128 -5.22 40.77 -4.23
CA SER G 128 -5.43 42.22 -4.13
C SER G 128 -6.27 42.59 -2.93
N ALA G 129 -6.09 41.89 -1.83
CA ALA G 129 -6.84 42.10 -0.60
C ALA G 129 -5.89 42.57 0.49
N SER G 130 -6.42 43.31 1.45
CA SER G 130 -5.58 43.90 2.48
C SER G 130 -5.22 42.85 3.53
N THR G 131 -4.02 43.00 4.09
CA THR G 131 -3.57 42.10 5.14
C THR G 131 -4.32 42.41 6.43
N LYS G 132 -4.84 41.36 7.07
CA LYS G 132 -5.61 41.50 8.30
C LYS G 132 -4.96 40.67 9.39
N GLY G 133 -4.82 41.28 10.57
CA GLY G 133 -4.18 40.61 11.68
C GLY G 133 -5.09 39.60 12.31
N PRO G 134 -4.51 38.60 12.98
CA PRO G 134 -5.31 37.58 13.65
C PRO G 134 -5.78 38.03 15.01
N SER G 135 -6.86 37.41 15.46
CA SER G 135 -7.47 37.71 16.76
C SER G 135 -7.35 36.42 17.56
N VAL G 136 -6.52 36.47 18.61
CA VAL G 136 -6.16 35.28 19.38
C VAL G 136 -7.08 35.21 20.59
N PHE G 137 -7.82 34.11 20.69
CA PHE G 137 -8.72 33.86 21.79
C PHE G 137 -8.36 32.52 22.45
N PRO G 138 -8.42 32.44 23.77
CA PRO G 138 -8.02 31.21 24.44
C PRO G 138 -9.11 30.15 24.42
N LEU G 139 -8.68 28.90 24.28
CA LEU G 139 -9.54 27.73 24.38
C LEU G 139 -9.36 27.15 25.77
N ALA G 140 -10.47 26.90 26.46
CA ALA G 140 -10.39 26.60 27.88
C ALA G 140 -9.56 25.36 28.16
N PRO G 141 -8.73 25.39 29.20
CA PRO G 141 -7.98 24.19 29.62
C PRO G 141 -8.84 23.22 30.42
N SER G 142 -10.12 23.54 30.61
CA SER G 142 -10.97 22.77 31.52
C SER G 142 -11.21 21.36 31.01
N SER G 143 -11.17 21.16 29.69
CA SER G 143 -11.44 19.85 29.11
C SER G 143 -10.48 18.80 29.62
N LYS G 144 -11.00 17.86 30.42
CA LYS G 144 -10.24 16.73 30.91
C LYS G 144 -10.83 15.40 30.45
N SER G 145 -11.64 15.43 29.40
CA SER G 145 -12.28 14.21 28.91
C SER G 145 -11.26 13.21 28.40
N THR G 146 -10.13 13.69 27.86
CA THR G 146 -9.07 12.81 27.42
C THR G 146 -8.55 11.98 28.60
N SER G 147 -8.41 10.68 28.38
CA SER G 147 -8.11 9.77 29.47
C SER G 147 -6.65 9.91 29.90
N GLY G 148 -6.32 9.27 31.03
CA GLY G 148 -4.98 9.29 31.56
C GLY G 148 -4.61 10.54 32.33
N GLY G 149 -5.60 11.26 32.85
CA GLY G 149 -5.31 12.53 33.51
C GLY G 149 -4.72 13.57 32.59
N THR G 150 -5.12 13.56 31.32
CA THR G 150 -4.61 14.48 30.33
C THR G 150 -5.70 15.50 29.98
N ALA G 151 -5.34 16.78 30.04
CA ALA G 151 -6.25 17.86 29.73
C ALA G 151 -5.84 18.54 28.44
N ALA G 152 -6.85 18.99 27.69
CA ALA G 152 -6.61 19.65 26.41
C ALA G 152 -6.90 21.14 26.56
N LEU G 153 -5.90 21.96 26.22
CA LEU G 153 -6.07 23.40 26.16
C LEU G 153 -5.75 23.85 24.74
N GLY G 154 -6.04 25.11 24.43
CA GLY G 154 -5.72 25.58 23.11
C GLY G 154 -5.82 27.08 22.97
N CYS G 155 -5.50 27.55 21.77
CA CYS G 155 -5.68 28.94 21.37
C CYS G 155 -6.38 28.98 20.02
N LEU G 156 -7.15 30.03 19.80
CA LEU G 156 -7.92 30.21 18.57
C LEU G 156 -7.37 31.41 17.82
N VAL G 157 -7.12 31.22 16.53
CA VAL G 157 -6.61 32.28 15.67
C VAL G 157 -7.72 32.58 14.68
N LYS G 158 -8.39 33.72 14.85
CA LYS G 158 -9.60 34.03 14.11
C LYS G 158 -9.38 35.17 13.11
N ASP G 159 -9.96 35.00 11.92
CA ASP G 159 -10.08 36.04 10.91
C ASP G 159 -8.74 36.73 10.64
N TYR G 160 -7.84 35.99 9.99
CA TYR G 160 -6.57 36.53 9.53
C TYR G 160 -6.39 36.25 8.05
N PHE G 161 -6.16 37.29 7.27
CA PHE G 161 -5.63 37.19 5.92
C PHE G 161 -4.26 37.85 5.84
N PRO G 162 -3.33 37.34 5.02
CA PRO G 162 -3.21 36.05 4.35
C PRO G 162 -2.50 34.99 5.20
N GLU G 163 -2.42 33.78 4.68
CA GLU G 163 -1.62 32.72 5.28
C GLU G 163 -0.13 33.09 5.14
N PRO G 164 0.76 32.40 5.88
CA PRO G 164 0.53 31.50 7.01
C PRO G 164 0.48 32.18 8.38
N VAL G 165 0.23 31.36 9.40
CA VAL G 165 0.37 31.73 10.79
C VAL G 165 1.13 30.59 11.49
N THR G 166 2.13 30.96 12.28
CA THR G 166 2.94 29.98 13.01
C THR G 166 2.61 30.07 14.48
N VAL G 167 2.26 28.93 15.07
CA VAL G 167 1.79 28.87 16.45
C VAL G 167 2.77 28.06 17.26
N SER G 168 3.39 28.70 18.25
CA SER G 168 4.35 28.07 19.15
C SER G 168 3.72 27.99 20.54
N TRP G 169 4.22 27.05 21.34
CA TRP G 169 3.71 26.85 22.70
C TRP G 169 4.84 27.01 23.70
N ASN G 170 4.67 27.95 24.63
CA ASN G 170 5.62 28.19 25.72
C ASN G 170 7.03 28.44 25.18
N SER G 171 7.15 29.39 24.25
CA SER G 171 8.43 29.78 23.67
C SER G 171 9.13 28.62 22.96
N GLY G 172 8.39 27.58 22.60
CA GLY G 172 8.96 26.40 21.99
C GLY G 172 9.45 25.33 22.95
N ALA G 173 9.38 25.56 24.26
CA ALA G 173 9.75 24.51 25.19
C ALA G 173 8.75 23.38 25.20
N LEU G 174 7.45 23.70 25.13
CA LEU G 174 6.40 22.70 25.05
C LEU G 174 6.22 22.28 23.59
N THR G 175 6.65 21.06 23.25
CA THR G 175 6.43 20.50 21.92
C THR G 175 5.88 19.09 21.99
N SER G 176 5.17 18.77 23.08
CA SER G 176 4.69 17.42 23.36
C SER G 176 3.21 17.33 23.03
N GLY G 177 2.89 16.87 21.82
CA GLY G 177 1.52 16.72 21.41
C GLY G 177 0.81 18.01 21.06
N VAL G 178 1.54 19.01 20.59
CA VAL G 178 0.93 20.22 20.05
C VAL G 178 0.43 19.92 18.64
N HIS G 179 -0.83 20.24 18.38
CA HIS G 179 -1.41 20.03 17.06
C HIS G 179 -1.94 21.36 16.54
N THR G 180 -1.30 21.89 15.50
CA THR G 180 -1.73 23.11 14.84
C THR G 180 -2.53 22.70 13.60
N PHE G 181 -3.85 22.79 13.70
CA PHE G 181 -4.71 22.36 12.62
C PHE G 181 -4.66 23.32 11.44
N PRO G 182 -4.87 22.82 10.22
CA PRO G 182 -4.92 23.72 9.06
C PRO G 182 -6.09 24.69 9.17
N ALA G 183 -5.93 25.86 8.57
CA ALA G 183 -6.94 26.90 8.69
C ALA G 183 -8.13 26.63 7.78
N VAL G 184 -9.19 27.41 8.00
CA VAL G 184 -10.43 27.32 7.22
C VAL G 184 -10.65 28.64 6.50
N LEU G 185 -11.09 28.57 5.25
CA LEU G 185 -11.50 29.75 4.50
C LEU G 185 -12.98 30.00 4.73
N GLN G 186 -13.30 31.08 5.44
CA GLN G 186 -14.67 31.45 5.71
C GLN G 186 -15.28 32.25 4.55
N SER G 187 -16.61 32.42 4.61
CA SER G 187 -17.30 33.23 3.61
C SER G 187 -16.79 34.65 3.58
N SER G 188 -16.34 35.17 4.73
CA SER G 188 -15.72 36.50 4.77
C SER G 188 -14.44 36.56 3.96
N GLY G 189 -13.85 35.41 3.64
CA GLY G 189 -12.54 35.35 3.01
C GLY G 189 -11.37 35.33 3.98
N LEU G 190 -11.64 35.44 5.27
CA LEU G 190 -10.62 35.39 6.31
C LEU G 190 -10.40 33.97 6.79
N TYR G 191 -9.18 33.70 7.25
CA TYR G 191 -8.79 32.37 7.72
C TYR G 191 -8.93 32.28 9.23
N SER G 192 -9.24 31.08 9.71
CA SER G 192 -9.35 30.80 11.14
C SER G 192 -8.61 29.51 11.47
N LEU G 193 -7.73 29.57 12.47
CA LEU G 193 -6.87 28.45 12.83
C LEU G 193 -6.94 28.16 14.33
N SER G 194 -6.76 26.89 14.70
CA SER G 194 -6.83 26.44 16.09
C SER G 194 -5.65 25.53 16.38
N SER G 195 -4.94 25.80 17.48
CA SER G 195 -3.87 24.95 17.97
C SER G 195 -4.24 24.40 19.34
N VAL G 196 -3.94 23.12 19.57
CA VAL G 196 -4.26 22.45 20.83
C VAL G 196 -3.07 21.61 21.27
N VAL G 197 -2.81 21.58 22.57
CA VAL G 197 -1.72 20.79 23.16
C VAL G 197 -2.28 19.95 24.30
N THR G 198 -2.00 18.64 24.26
CA THR G 198 -2.39 17.75 25.35
C THR G 198 -1.39 17.87 26.50
N VAL G 199 -1.90 18.15 27.69
CA VAL G 199 -1.05 18.38 28.86
C VAL G 199 -1.59 17.59 30.06
N PRO G 200 -0.74 17.21 31.02
CA PRO G 200 -1.25 16.57 32.24
C PRO G 200 -2.21 17.48 32.98
N SER G 201 -3.28 16.87 33.52
CA SER G 201 -4.30 17.66 34.21
C SER G 201 -3.78 18.21 35.53
N SER G 202 -2.88 17.48 36.21
CA SER G 202 -2.34 17.96 37.48
C SER G 202 -1.56 19.25 37.30
N SER G 203 -0.78 19.35 36.22
CA SER G 203 0.01 20.54 35.93
C SER G 203 -0.82 21.78 35.65
N LEU G 204 -2.15 21.66 35.55
CA LEU G 204 -2.96 22.80 35.13
C LEU G 204 -2.81 23.98 36.09
N GLY G 205 -2.85 23.71 37.39
CA GLY G 205 -2.61 24.78 38.34
C GLY G 205 -1.13 25.14 38.45
N THR G 206 -0.25 24.16 38.36
CA THR G 206 1.16 24.39 38.64
C THR G 206 1.84 25.16 37.50
N GLN G 207 1.64 24.73 36.27
CA GLN G 207 2.41 25.25 35.14
C GLN G 207 1.58 26.18 34.28
N THR G 208 2.19 27.30 33.90
CA THR G 208 1.58 28.26 32.99
C THR G 208 1.74 27.80 31.54
N TYR G 209 0.74 28.09 30.72
CA TYR G 209 0.74 27.71 29.31
C TYR G 209 0.48 28.94 28.46
N ILE G 210 1.38 29.21 27.52
CA ILE G 210 1.33 30.39 26.66
C ILE G 210 1.39 29.94 25.21
N CYS G 211 0.47 30.44 24.39
CA CYS G 211 0.50 30.19 22.94
C CYS G 211 1.14 31.39 22.25
N ASN G 212 2.19 31.13 21.48
CA ASN G 212 2.90 32.17 20.73
C ASN G 212 2.40 32.16 19.30
N VAL G 213 1.62 33.18 18.94
CA VAL G 213 1.00 33.29 17.62
C VAL G 213 1.75 34.36 16.84
N ASN G 214 2.22 34.00 15.64
CA ASN G 214 2.96 34.92 14.79
C ASN G 214 2.30 35.00 13.42
N HIS G 215 1.97 36.23 13.00
CA HIS G 215 1.49 36.50 11.65
C HIS G 215 2.52 37.40 10.97
N LYS G 216 3.42 36.80 10.20
CA LYS G 216 4.45 37.56 9.51
C LYS G 216 3.91 38.62 8.56
N PRO G 217 2.90 38.36 7.71
CA PRO G 217 2.44 39.42 6.79
C PRO G 217 1.93 40.66 7.50
N SER G 218 1.30 40.50 8.66
CA SER G 218 0.75 41.62 9.41
C SER G 218 1.70 42.15 10.47
N ASN G 219 2.88 41.54 10.63
CA ASN G 219 3.83 41.91 11.69
C ASN G 219 3.18 41.83 13.06
N THR G 220 2.29 40.86 13.24
CA THR G 220 1.54 40.70 14.48
C THR G 220 2.07 39.48 15.22
N LYS G 221 2.69 39.72 16.38
CA LYS G 221 3.14 38.68 17.27
C LYS G 221 2.35 38.81 18.56
N VAL G 222 1.61 37.75 18.90
CA VAL G 222 0.71 37.76 20.05
C VAL G 222 1.01 36.55 20.92
N ASP G 223 1.16 36.78 22.23
CA ASP G 223 1.28 35.72 23.21
C ASP G 223 0.04 35.77 24.10
N LYS G 224 -0.67 34.67 24.18
CA LYS G 224 -1.92 34.58 24.93
C LYS G 224 -1.79 33.54 26.02
N ARG G 225 -2.38 33.84 27.18
CA ARG G 225 -2.34 32.95 28.33
C ARG G 225 -3.61 32.10 28.36
N VAL G 226 -3.45 30.79 28.32
CA VAL G 226 -4.56 29.88 28.54
C VAL G 226 -4.62 29.62 30.03
N GLU G 227 -5.72 30.01 30.66
CA GLU G 227 -5.81 29.89 32.10
C GLU G 227 -7.03 29.07 32.52
N PRO G 228 -6.91 28.27 33.57
CA PRO G 228 -8.04 27.43 34.00
C PRO G 228 -9.25 28.28 34.38
N LYS G 229 -10.43 27.73 34.10
CA LYS G 229 -11.69 28.38 34.43
C LYS G 229 -12.20 27.94 35.80
N SER H 2 10.89 17.62 -23.54
CA SER H 2 11.12 18.10 -22.18
C SER H 2 9.95 17.74 -21.27
N ALA H 3 9.48 16.49 -21.37
CA ALA H 3 8.34 16.04 -20.60
C ALA H 3 8.64 14.69 -19.96
N LEU H 4 8.33 14.55 -18.69
CA LEU H 4 8.42 13.29 -17.97
C LEU H 4 7.01 12.87 -17.57
N THR H 5 6.62 11.65 -17.94
CA THR H 5 5.28 11.15 -17.67
C THR H 5 5.32 10.13 -16.54
N GLN H 6 4.41 10.30 -15.59
CA GLN H 6 4.29 9.47 -14.40
C GLN H 6 2.84 9.06 -14.21
N PRO H 7 2.59 7.88 -13.65
CA PRO H 7 1.21 7.48 -13.38
C PRO H 7 0.61 8.37 -12.30
N PRO H 8 -0.66 8.74 -12.44
CA PRO H 8 -1.28 9.61 -11.43
C PRO H 8 -1.27 9.05 -10.02
N SER H 9 -1.50 7.74 -9.85
CA SER H 9 -1.55 7.15 -8.52
C SER H 9 -1.23 5.66 -8.62
N VAL H 10 -0.82 5.08 -7.48
CA VAL H 10 -0.60 3.64 -7.38
C VAL H 10 -1.26 3.12 -6.11
N SER H 11 -1.93 1.97 -6.22
CA SER H 11 -2.55 1.29 -5.09
C SER H 11 -1.83 -0.03 -4.87
N VAL H 12 -1.42 -0.29 -3.62
CA VAL H 12 -0.56 -1.43 -3.32
C VAL H 12 -1.02 -2.09 -2.03
N ALA H 13 -0.84 -3.42 -1.96
CA ALA H 13 -1.11 -4.18 -0.76
C ALA H 13 -0.02 -3.94 0.29
N PRO H 14 -0.33 -4.18 1.58
CA PRO H 14 0.63 -3.85 2.65
C PRO H 14 1.98 -4.56 2.53
N GLY H 15 2.05 -5.74 1.93
CA GLY H 15 3.29 -6.50 1.84
C GLY H 15 3.92 -6.54 0.47
N GLN H 16 3.41 -5.82 -0.50
CA GLN H 16 3.74 -5.99 -1.91
C GLN H 16 4.83 -5.05 -2.37
N THR H 17 5.50 -5.43 -3.46
CA THR H 17 6.39 -4.52 -4.15
C THR H 17 5.55 -3.49 -4.90
N ALA H 18 6.05 -2.26 -4.96
CA ALA H 18 5.36 -1.18 -5.66
C ALA H 18 6.28 -0.62 -6.74
N ARG H 19 5.73 -0.40 -7.93
CA ARG H 19 6.50 0.13 -9.05
C ARG H 19 5.86 1.40 -9.58
N ILE H 20 6.66 2.47 -9.64
CA ILE H 20 6.24 3.75 -10.18
C ILE H 20 7.11 4.03 -11.40
N THR H 21 6.48 4.38 -12.51
CA THR H 21 7.13 4.45 -13.81
C THR H 21 7.25 5.90 -14.27
N CYS H 22 8.48 6.34 -14.55
CA CYS H 22 8.74 7.65 -15.12
C CYS H 22 9.19 7.47 -16.56
N GLY H 23 8.46 8.09 -17.50
CA GLY H 23 8.77 7.85 -18.89
C GLY H 23 9.20 9.08 -19.66
N GLY H 24 10.36 8.96 -20.32
CA GLY H 24 10.88 10.01 -21.17
C GLY H 24 11.79 9.40 -22.19
N ASN H 25 11.81 9.97 -23.40
CA ASN H 25 12.64 9.38 -24.44
C ASN H 25 14.13 9.54 -24.13
N ASN H 26 14.51 10.60 -23.43
CA ASN H 26 15.90 10.84 -23.04
C ASN H 26 16.11 10.72 -21.54
N ILE H 27 15.29 9.89 -20.88
CA ILE H 27 15.36 9.78 -19.42
C ILE H 27 16.65 9.10 -18.95
N GLY H 28 17.29 8.31 -19.80
CA GLY H 28 18.43 7.53 -19.38
C GLY H 28 19.78 8.20 -19.46
N SER H 29 19.88 9.28 -20.24
CA SER H 29 21.18 9.87 -20.54
C SER H 29 21.85 10.47 -19.30
N LYS H 30 21.14 11.32 -18.58
CA LYS H 30 21.76 12.11 -17.52
C LYS H 30 21.46 11.60 -16.12
N GLY H 31 20.33 10.94 -15.91
CA GLY H 31 20.03 10.41 -14.60
C GLY H 31 18.60 10.72 -14.16
N VAL H 32 17.95 9.75 -13.53
CA VAL H 32 16.59 9.94 -13.02
C VAL H 32 16.69 10.04 -11.50
N GLN H 33 16.04 11.03 -10.94
CA GLN H 33 16.03 11.26 -9.50
C GLN H 33 14.60 11.20 -8.98
N TRP H 34 14.43 10.51 -7.85
CA TRP H 34 13.12 10.25 -7.28
C TRP H 34 12.99 10.96 -5.94
N TYR H 35 11.82 11.52 -5.67
CA TYR H 35 11.54 12.22 -4.43
C TYR H 35 10.24 11.70 -3.82
N GLN H 36 10.20 11.62 -2.50
CA GLN H 36 9.01 11.24 -1.76
C GLN H 36 8.52 12.46 -1.00
N GLN H 37 7.26 12.85 -1.25
CA GLN H 37 6.67 14.01 -0.61
C GLN H 37 5.41 13.62 0.14
N LYS H 38 5.44 13.74 1.46
CA LYS H 38 4.28 13.57 2.32
C LYS H 38 3.58 14.91 2.54
N PRO H 39 2.25 14.92 2.63
CA PRO H 39 1.53 16.19 2.80
C PRO H 39 2.00 16.95 4.04
N GLY H 40 2.22 18.26 3.85
CA GLY H 40 2.71 19.10 4.92
C GLY H 40 4.20 19.04 5.14
N GLN H 41 4.94 18.33 4.31
CA GLN H 41 6.38 18.13 4.48
C GLN H 41 7.09 18.40 3.17
N ALA H 42 8.37 18.77 3.29
CA ALA H 42 9.18 19.02 2.11
C ALA H 42 9.58 17.71 1.44
N PRO H 43 9.88 17.74 0.14
CA PRO H 43 10.30 16.51 -0.54
C PRO H 43 11.62 15.99 -0.01
N VAL H 44 11.77 14.67 -0.05
CA VAL H 44 13.00 13.99 0.38
C VAL H 44 13.48 13.12 -0.77
N LEU H 45 14.77 13.21 -1.08
CA LEU H 45 15.33 12.43 -2.17
C LEU H 45 15.49 10.97 -1.72
N VAL H 46 14.85 10.06 -2.44
CA VAL H 46 14.86 8.64 -2.08
C VAL H 46 15.89 7.89 -2.91
N VAL H 47 16.08 8.30 -4.16
CA VAL H 47 17.06 7.68 -5.05
C VAL H 47 17.66 8.76 -5.95
N TYR H 48 18.96 8.66 -6.21
CA TYR H 48 19.65 9.54 -7.14
C TYR H 48 20.59 8.71 -8.02
N ASP H 49 20.92 9.28 -9.19
CA ASP H 49 21.77 8.62 -10.19
C ASP H 49 21.16 7.30 -10.67
N ASP H 50 19.82 7.25 -10.66
CA ASP H 50 18.98 6.15 -11.12
C ASP H 50 19.03 4.92 -10.22
N SER H 51 20.05 4.82 -9.38
CA SER H 51 20.18 3.64 -8.52
C SER H 51 20.67 3.93 -7.11
N ASP H 52 21.42 5.00 -6.89
CA ASP H 52 22.00 5.28 -5.58
C ASP H 52 20.97 5.88 -4.65
N ARG H 53 21.01 5.45 -3.39
CA ARG H 53 20.03 5.84 -2.40
C ARG H 53 20.68 6.70 -1.33
N PRO H 54 20.13 7.88 -1.05
CA PRO H 54 20.74 8.75 -0.02
C PRO H 54 20.71 8.06 1.33
N SER H 55 21.66 8.44 2.18
CA SER H 55 21.78 7.84 3.48
C SER H 55 20.52 8.08 4.31
N GLY H 56 20.18 7.08 5.13
CA GLY H 56 18.97 7.12 5.91
C GLY H 56 17.72 6.62 5.20
N ILE H 57 17.83 6.21 3.95
CA ILE H 57 16.70 5.69 3.19
C ILE H 57 16.79 4.17 3.20
N PRO H 58 15.72 3.45 3.56
CA PRO H 58 15.80 2.00 3.67
C PRO H 58 16.13 1.34 2.33
N GLU H 59 16.79 0.18 2.40
CA GLU H 59 17.20 -0.53 1.20
C GLU H 59 16.01 -0.99 0.35
N ARG H 60 14.81 -1.07 0.93
CA ARG H 60 13.65 -1.48 0.15
C ARG H 60 13.43 -0.57 -1.04
N PHE H 61 13.69 0.73 -0.89
CA PHE H 61 13.53 1.65 -1.99
C PHE H 61 14.58 1.36 -3.05
N SER H 62 14.15 1.23 -4.30
CA SER H 62 15.09 0.91 -5.36
C SER H 62 14.70 1.64 -6.63
N GLY H 63 15.68 1.88 -7.47
CA GLY H 63 15.40 2.48 -8.75
C GLY H 63 16.17 1.78 -9.83
N SER H 64 15.59 1.70 -11.01
CA SER H 64 16.34 1.25 -12.18
C SER H 64 15.99 2.16 -13.35
N ASN H 65 16.90 2.23 -14.31
CA ASN H 65 16.65 3.01 -15.52
C ASN H 65 17.32 2.28 -16.68
N SER H 66 16.51 1.90 -17.68
CA SER H 66 17.01 1.19 -18.86
C SER H 66 16.35 1.82 -20.09
N GLY H 67 16.94 2.91 -20.57
CA GLY H 67 16.41 3.62 -21.73
C GLY H 67 15.27 4.57 -21.40
N ASN H 68 14.14 4.42 -22.10
CA ASN H 68 13.07 5.41 -22.05
C ASN H 68 12.35 5.43 -20.70
N THR H 69 12.06 4.25 -20.13
CA THR H 69 11.33 4.08 -18.87
C THR H 69 12.20 3.72 -17.68
N ALA H 70 12.02 4.46 -16.59
CA ALA H 70 12.71 4.21 -15.34
C ALA H 70 11.65 3.97 -14.28
N THR H 71 11.94 3.03 -13.38
CA THR H 71 10.98 2.56 -12.39
C THR H 71 11.59 2.68 -11.00
N LEU H 72 10.78 3.13 -10.03
CA LEU H 72 11.15 3.13 -8.62
C LEU H 72 10.36 2.04 -7.92
N THR H 73 11.07 1.11 -7.27
CA THR H 73 10.48 -0.09 -6.69
C THR H 73 10.68 -0.11 -5.20
N ILE H 74 9.59 -0.28 -4.45
CA ILE H 74 9.63 -0.42 -3.00
C ILE H 74 9.38 -1.90 -2.71
N SER H 75 10.41 -2.60 -2.24
CA SER H 75 10.32 -4.06 -2.12
C SER H 75 9.21 -4.45 -1.14
N ARG H 76 9.15 -3.79 0.01
CA ARG H 76 8.05 -3.96 0.93
C ARG H 76 7.49 -2.59 1.25
N VAL H 77 6.19 -2.41 1.05
CA VAL H 77 5.54 -1.14 1.25
C VAL H 77 4.87 -1.17 2.62
N GLU H 78 4.60 0.01 3.17
CA GLU H 78 4.03 0.13 4.50
C GLU H 78 3.07 1.30 4.50
N ALA H 79 2.26 1.37 5.56
CA ALA H 79 1.35 2.50 5.71
C ALA H 79 2.13 3.82 5.74
N GLY H 80 3.26 3.83 6.43
CA GLY H 80 4.12 5.00 6.41
C GLY H 80 4.71 5.29 5.03
N ASP H 81 4.83 4.26 4.19
CA ASP H 81 5.46 4.45 2.88
C ASP H 81 4.66 5.35 1.96
N GLU H 82 3.33 5.30 2.04
CA GLU H 82 2.49 6.03 1.10
C GLU H 82 2.74 7.53 1.16
N ALA H 83 2.92 8.12 -0.02
CA ALA H 83 3.12 9.56 -0.22
C ALA H 83 2.98 9.85 -1.71
N ASP H 84 3.00 11.13 -2.05
CA ASP H 84 3.18 11.53 -3.44
C ASP H 84 4.65 11.38 -3.83
N TYR H 85 4.89 10.74 -4.98
CA TYR H 85 6.23 10.46 -5.47
C TYR H 85 6.46 11.15 -6.81
N TYR H 86 7.58 11.84 -6.93
CA TYR H 86 7.91 12.60 -8.13
C TYR H 86 9.25 12.15 -8.68
N CYS H 87 9.40 12.24 -10.01
CA CYS H 87 10.64 11.89 -10.68
C CYS H 87 11.19 13.12 -11.38
N GLN H 88 12.52 13.19 -11.49
CA GLN H 88 13.18 14.39 -12.00
C GLN H 88 14.35 14.00 -12.88
N VAL H 89 14.53 14.75 -13.97
CA VAL H 89 15.63 14.57 -14.91
C VAL H 89 16.04 15.97 -15.38
N TRP H 90 17.28 16.08 -15.85
CA TRP H 90 17.81 17.34 -16.35
C TRP H 90 17.91 17.27 -17.86
N ASP H 91 17.38 18.30 -18.53
CA ASP H 91 17.47 18.40 -19.99
C ASP H 91 18.46 19.50 -20.33
N SER H 92 19.58 19.12 -20.95
CA SER H 92 20.53 20.12 -21.44
C SER H 92 19.99 20.78 -22.68
N SER H 93 19.08 20.11 -23.38
CA SER H 93 18.47 20.67 -24.58
C SER H 93 17.82 22.01 -24.25
N SER H 94 17.14 22.07 -23.10
CA SER H 94 16.64 23.32 -22.57
C SER H 94 17.47 23.91 -21.43
N ASP H 95 18.28 23.10 -20.75
CA ASP H 95 18.93 23.49 -19.49
C ASP H 95 17.87 23.78 -18.43
N HIS H 96 16.89 22.86 -18.35
CA HIS H 96 15.78 22.97 -17.42
C HIS H 96 15.67 21.70 -16.59
N TRP H 97 15.39 21.85 -15.31
CA TRP H 97 15.02 20.71 -14.48
C TRP H 97 13.54 20.44 -14.66
N VAL H 98 13.20 19.22 -15.04
CA VAL H 98 11.82 18.83 -15.33
C VAL H 98 11.37 17.80 -14.30
N PHE H 99 10.19 18.01 -13.75
CA PHE H 99 9.60 17.14 -12.75
C PHE H 99 8.40 16.42 -13.34
N GLY H 100 8.07 15.28 -12.76
CA GLY H 100 6.87 14.58 -13.13
C GLY H 100 5.65 15.14 -12.41
N GLY H 101 4.47 14.74 -12.90
CA GLY H 101 3.25 15.20 -12.28
C GLY H 101 3.08 14.68 -10.87
N GLY H 102 3.55 13.46 -10.61
CA GLY H 102 3.47 12.89 -9.29
C GLY H 102 2.60 11.66 -9.24
N THR H 103 2.96 10.71 -8.38
CA THR H 103 2.20 9.49 -8.21
C THR H 103 1.86 9.35 -6.73
N LYS H 104 0.57 9.20 -6.43
CA LYS H 104 0.13 9.06 -5.05
C LYS H 104 0.03 7.58 -4.73
N LEU H 105 0.88 7.11 -3.82
CA LEU H 105 0.80 5.74 -3.34
C LEU H 105 -0.23 5.66 -2.23
N THR H 106 -1.20 4.76 -2.39
CA THR H 106 -2.19 4.48 -1.37
C THR H 106 -2.10 3.00 -1.05
N VAL H 107 -1.76 2.68 0.20
CA VAL H 107 -1.67 1.27 0.60
C VAL H 107 -3.07 0.78 0.95
N LEU H 108 -3.48 -0.31 0.31
CA LEU H 108 -4.81 -0.84 0.51
C LEU H 108 -4.88 -1.64 1.81
N GLY H 109 -6.09 -1.84 2.28
CA GLY H 109 -6.35 -2.58 3.51
C GLY H 109 -5.61 -2.03 4.71
N GLN H 110 -5.86 -0.79 5.02
CA GLN H 110 -5.29 -0.11 6.18
C GLN H 110 -6.28 -0.16 7.34
N PRO H 111 -5.79 -0.16 8.58
CA PRO H 111 -6.71 -0.27 9.72
C PRO H 111 -7.67 0.92 9.76
N LYS H 112 -8.87 0.65 10.27
CA LYS H 112 -9.85 1.71 10.48
C LYS H 112 -9.59 2.40 11.82
N ALA H 113 -9.64 3.72 11.80
CA ALA H 113 -9.30 4.51 12.97
C ALA H 113 -10.52 5.31 13.39
N ALA H 114 -10.81 5.30 14.68
CA ALA H 114 -11.94 6.05 15.17
C ALA H 114 -11.55 7.51 15.32
N PRO H 115 -12.44 8.44 14.99
CA PRO H 115 -12.07 9.86 15.09
C PRO H 115 -12.03 10.28 16.54
N SER H 116 -10.93 10.91 16.94
CA SER H 116 -10.83 11.53 18.23
C SER H 116 -11.24 12.99 18.08
N VAL H 117 -12.17 13.42 18.93
CA VAL H 117 -12.81 14.72 18.78
C VAL H 117 -12.64 15.51 20.07
N THR H 118 -12.24 16.77 19.94
CA THR H 118 -12.13 17.68 21.08
C THR H 118 -12.94 18.92 20.76
N LEU H 119 -13.87 19.26 21.66
CA LEU H 119 -14.78 20.38 21.47
C LEU H 119 -14.55 21.39 22.59
N PHE H 120 -14.43 22.66 22.23
CA PHE H 120 -14.11 23.71 23.18
C PHE H 120 -15.21 24.77 23.22
N PRO H 121 -15.58 25.23 24.41
CA PRO H 121 -16.60 26.28 24.51
C PRO H 121 -16.09 27.58 23.95
N PRO H 122 -16.97 28.48 23.52
CA PRO H 122 -16.51 29.82 23.12
C PRO H 122 -15.78 30.50 24.26
N SER H 123 -14.70 31.19 23.92
CA SER H 123 -13.94 31.92 24.92
C SER H 123 -14.81 32.98 25.57
N SER H 124 -14.63 33.20 26.87
CA SER H 124 -15.31 34.31 27.51
C SER H 124 -14.95 35.62 26.84
N GLU H 125 -13.70 35.77 26.42
CA GLU H 125 -13.25 37.03 25.83
C GLU H 125 -13.98 37.32 24.52
N GLU H 126 -14.18 36.28 23.70
CA GLU H 126 -14.95 36.46 22.46
C GLU H 126 -16.40 36.81 22.76
N LEU H 127 -17.00 36.16 23.77
CA LEU H 127 -18.37 36.48 24.14
C LEU H 127 -18.50 37.93 24.56
N GLN H 128 -17.48 38.47 25.24
CA GLN H 128 -17.45 39.89 25.53
C GLN H 128 -17.39 40.72 24.25
N ALA H 129 -16.62 40.28 23.27
CA ALA H 129 -16.57 40.94 21.97
C ALA H 129 -17.86 40.78 21.16
N ASN H 130 -18.83 40.02 21.68
CA ASN H 130 -20.12 39.75 21.06
C ASN H 130 -20.02 38.82 19.86
N LYS H 131 -18.94 38.07 19.75
CA LYS H 131 -18.80 36.99 18.77
C LYS H 131 -18.57 35.68 19.50
N ALA H 132 -19.25 34.62 19.05
CA ALA H 132 -19.12 33.31 19.67
C ALA H 132 -18.73 32.30 18.62
N THR H 133 -17.64 31.58 18.85
CA THR H 133 -17.18 30.53 17.95
C THR H 133 -16.99 29.24 18.76
N LEU H 134 -17.64 28.17 18.33
CA LEU H 134 -17.46 26.85 18.91
C LEU H 134 -16.48 26.10 18.03
N VAL H 135 -15.38 25.64 18.62
CA VAL H 135 -14.36 24.91 17.87
C VAL H 135 -14.50 23.42 18.17
N CYS H 136 -14.49 22.61 17.11
CA CYS H 136 -14.51 21.16 17.21
C CYS H 136 -13.31 20.64 16.44
N LEU H 137 -12.41 19.94 17.12
CA LEU H 137 -11.17 19.46 16.52
C LEU H 137 -11.23 17.95 16.40
N ILE H 138 -11.12 17.45 15.19
CA ILE H 138 -11.21 16.03 14.87
C ILE H 138 -9.83 15.54 14.44
N SER H 139 -9.38 14.42 15.02
CA SER H 139 -8.03 13.96 14.78
C SER H 139 -7.98 12.43 14.70
N ASP H 140 -6.95 11.94 14.02
CA ASP H 140 -6.56 10.52 14.00
C ASP H 140 -7.66 9.61 13.44
N PHE H 141 -8.19 9.97 12.28
CA PHE H 141 -9.17 9.13 11.58
C PHE H 141 -8.64 8.75 10.20
N TYR H 142 -8.72 7.47 9.87
CA TYR H 142 -8.45 6.95 8.54
C TYR H 142 -9.57 5.98 8.20
N PRO H 143 -10.16 6.05 6.99
CA PRO H 143 -9.84 6.97 5.89
C PRO H 143 -10.29 8.40 6.14
N GLY H 144 -9.85 9.32 5.28
CA GLY H 144 -10.15 10.72 5.46
C GLY H 144 -11.54 11.09 5.00
N ALA H 145 -12.55 10.52 5.66
CA ALA H 145 -13.94 10.86 5.39
C ALA H 145 -14.67 11.06 6.71
N VAL H 146 -15.18 12.26 6.93
CA VAL H 146 -15.92 12.60 8.15
C VAL H 146 -17.12 13.46 7.77
N THR H 147 -18.24 13.22 8.42
CA THR H 147 -19.44 14.03 8.26
C THR H 147 -19.72 14.71 9.59
N VAL H 148 -19.59 16.03 9.63
CA VAL H 148 -19.78 16.82 10.84
C VAL H 148 -21.18 17.41 10.84
N ALA H 149 -21.90 17.22 11.94
CA ALA H 149 -23.23 17.80 12.13
C ALA H 149 -23.27 18.47 13.48
N TRP H 150 -23.76 19.71 13.52
CA TRP H 150 -23.85 20.46 14.77
C TRP H 150 -25.31 20.48 15.22
N LYS H 151 -25.53 20.12 16.48
CA LYS H 151 -26.87 20.02 17.05
C LYS H 151 -26.95 20.86 18.32
N ALA H 152 -28.02 21.63 18.44
CA ALA H 152 -28.28 22.43 19.64
C ALA H 152 -29.48 21.85 20.37
N ASP H 153 -29.26 21.34 21.58
CA ASP H 153 -30.31 20.72 22.38
C ASP H 153 -31.05 19.64 21.60
N SER H 154 -30.28 18.82 20.89
CA SER H 154 -30.80 17.76 20.00
C SER H 154 -31.60 18.32 18.83
N SER H 155 -31.36 19.57 18.45
CA SER H 155 -31.97 20.16 17.28
C SER H 155 -30.88 20.58 16.30
N PRO H 156 -30.99 20.23 15.02
CA PRO H 156 -29.88 20.46 14.09
C PRO H 156 -29.61 21.94 13.86
N VAL H 157 -28.32 22.28 13.71
CA VAL H 157 -27.88 23.61 13.34
C VAL H 157 -27.06 23.46 12.06
N LYS H 158 -27.52 24.07 10.98
CA LYS H 158 -26.79 24.06 9.71
C LYS H 158 -26.33 25.45 9.31
N ALA H 159 -26.41 26.41 10.23
CA ALA H 159 -26.17 27.82 9.95
C ALA H 159 -24.86 28.25 10.61
N GLY H 160 -23.91 28.69 9.80
CA GLY H 160 -22.62 29.12 10.31
C GLY H 160 -21.64 28.00 10.54
N VAL H 161 -21.90 26.83 9.99
CA VAL H 161 -20.99 25.69 10.06
C VAL H 161 -19.97 25.82 8.95
N GLU H 162 -18.69 25.69 9.28
CA GLU H 162 -17.62 25.73 8.30
C GLU H 162 -16.66 24.59 8.60
N THR H 163 -16.43 23.72 7.62
CA THR H 163 -15.67 22.50 7.81
C THR H 163 -14.54 22.40 6.79
N THR H 164 -13.33 22.18 7.28
CA THR H 164 -12.18 21.92 6.43
C THR H 164 -12.27 20.56 5.75
N THR H 165 -11.66 20.47 4.56
CA THR H 165 -11.44 19.18 3.91
C THR H 165 -10.45 18.36 4.73
N PRO H 166 -10.61 17.03 4.81
CA PRO H 166 -9.69 16.22 5.60
C PRO H 166 -8.26 16.33 5.08
N SER H 167 -7.31 16.42 6.02
CA SER H 167 -5.90 16.58 5.69
C SER H 167 -5.07 15.53 6.43
N LYS H 168 -4.08 14.98 5.73
CA LYS H 168 -3.23 13.95 6.30
C LYS H 168 -2.27 14.55 7.33
N GLN H 169 -2.17 13.89 8.48
CA GLN H 169 -1.23 14.27 9.53
C GLN H 169 0.08 13.52 9.30
N SER H 170 1.05 13.77 10.17
CA SER H 170 2.28 12.99 10.13
C SER H 170 2.01 11.51 10.31
N ASN H 171 1.03 11.17 11.15
CA ASN H 171 0.69 9.78 11.42
C ASN H 171 0.01 9.08 10.26
N ASN H 172 -0.24 9.76 9.13
CA ASN H 172 -0.93 9.18 7.98
C ASN H 172 -2.40 8.95 8.31
N LYS H 173 -2.87 9.35 9.48
CA LYS H 173 -4.28 9.40 9.83
C LYS H 173 -4.75 10.85 9.72
N TYR H 174 -5.89 11.05 9.06
CA TYR H 174 -6.35 12.39 8.68
C TYR H 174 -6.84 13.19 9.89
N ALA H 175 -6.84 14.52 9.71
CA ALA H 175 -7.31 15.47 10.71
C ALA H 175 -8.17 16.53 10.04
N ALA H 176 -9.16 17.04 10.78
CA ALA H 176 -10.06 18.05 10.28
C ALA H 176 -10.48 18.96 11.41
N SER H 177 -10.93 20.16 11.05
CA SER H 177 -11.48 21.10 12.02
C SER H 177 -12.84 21.60 11.56
N SER H 178 -13.76 21.77 12.51
CA SER H 178 -15.06 22.38 12.26
C SER H 178 -15.26 23.55 13.21
N TYR H 179 -15.78 24.66 12.67
CA TYR H 179 -16.08 25.86 13.45
C TYR H 179 -17.55 26.22 13.25
N LEU H 180 -18.23 26.53 14.35
CA LEU H 180 -19.61 27.03 14.29
C LEU H 180 -19.59 28.45 14.83
N SER H 181 -20.07 29.39 14.02
CA SER H 181 -20.08 30.81 14.38
C SER H 181 -21.49 31.19 14.80
N LEU H 182 -21.63 31.63 16.05
CA LEU H 182 -22.93 31.93 16.64
C LEU H 182 -22.87 33.26 17.39
N THR H 183 -24.04 33.87 17.54
CA THR H 183 -24.16 35.06 18.37
C THR H 183 -24.15 34.66 19.86
N PRO H 184 -23.71 35.55 20.75
CA PRO H 184 -23.67 35.19 22.18
C PRO H 184 -25.03 34.80 22.73
N GLU H 185 -26.10 35.45 22.26
CA GLU H 185 -27.44 35.11 22.72
C GLU H 185 -27.81 33.68 22.36
N GLN H 186 -27.43 33.24 21.15
CA GLN H 186 -27.70 31.87 20.74
C GLN H 186 -26.99 30.87 21.64
N TRP H 187 -25.76 31.19 22.03
CA TRP H 187 -25.02 30.31 22.93
C TRP H 187 -25.72 30.19 24.28
N LYS H 188 -26.22 31.31 24.81
CA LYS H 188 -27.00 31.30 26.04
C LYS H 188 -28.39 30.72 25.83
N SER H 189 -28.97 30.91 24.65
CA SER H 189 -30.37 30.54 24.44
C SER H 189 -30.59 29.03 24.59
N HIS H 190 -29.70 28.22 24.02
CA HIS H 190 -29.87 26.77 24.03
C HIS H 190 -28.97 26.16 25.08
N ARG H 191 -29.49 25.14 25.78
CA ARG H 191 -28.83 24.61 26.96
C ARG H 191 -27.51 23.93 26.62
N SER H 192 -27.52 23.03 25.64
CA SER H 192 -26.32 22.27 25.29
C SER H 192 -26.11 22.25 23.78
N TYR H 193 -24.88 22.55 23.37
CA TYR H 193 -24.46 22.49 21.99
C TYR H 193 -23.49 21.33 21.83
N SER H 194 -23.58 20.63 20.69
CA SER H 194 -22.79 19.41 20.55
C SER H 194 -22.29 19.26 19.13
N CYS H 195 -21.09 18.70 19.02
CA CYS H 195 -20.43 18.45 17.75
C CYS H 195 -20.48 16.95 17.53
N GLN H 196 -21.05 16.54 16.40
CA GLN H 196 -21.20 15.12 16.10
C GLN H 196 -20.44 14.79 14.84
N VAL H 197 -19.56 13.80 14.92
CA VAL H 197 -18.69 13.40 13.83
C VAL H 197 -19.01 11.95 13.49
N THR H 198 -19.34 11.70 12.23
CA THR H 198 -19.70 10.38 11.76
C THR H 198 -18.59 9.84 10.87
N HIS H 199 -18.02 8.71 11.27
CA HIS H 199 -16.98 8.03 10.49
C HIS H 199 -17.43 6.60 10.23
N GLU H 200 -17.67 6.27 8.96
CA GLU H 200 -18.03 4.92 8.53
C GLU H 200 -19.21 4.37 9.35
N GLY H 201 -20.22 5.20 9.55
CA GLY H 201 -21.40 4.81 10.29
C GLY H 201 -21.27 4.74 11.79
N SER H 202 -20.24 5.36 12.36
CA SER H 202 -20.07 5.48 13.80
C SER H 202 -19.96 6.96 14.15
N THR H 203 -20.75 7.42 15.11
CA THR H 203 -20.89 8.82 15.43
C THR H 203 -20.34 9.11 16.83
N VAL H 204 -19.28 9.92 16.90
CA VAL H 204 -18.72 10.35 18.17
C VAL H 204 -19.15 11.78 18.42
N GLU H 205 -19.63 12.05 19.64
CA GLU H 205 -20.22 13.33 20.00
C GLU H 205 -19.59 13.90 21.27
N LYS H 206 -19.50 15.24 21.29
CA LYS H 206 -19.08 15.99 22.46
C LYS H 206 -20.06 17.15 22.67
N THR H 207 -20.38 17.44 23.93
CA THR H 207 -21.36 18.45 24.30
C THR H 207 -20.68 19.49 25.19
N VAL H 208 -20.93 20.77 24.94
CA VAL H 208 -20.44 21.79 25.85
C VAL H 208 -21.62 22.69 26.16
N ALA H 209 -21.87 22.95 27.44
CA ALA H 209 -23.00 23.77 27.85
C ALA H 209 -22.49 25.05 28.49
N PRO H 210 -23.16 26.20 28.25
CA PRO H 210 -22.76 27.48 28.85
C PRO H 210 -22.88 27.47 30.37
N GLU I 1 -40.98 -15.78 -14.43
CA GLU I 1 -40.61 -14.52 -15.08
C GLU I 1 -40.84 -13.34 -14.15
N VAL I 2 -40.49 -12.14 -14.63
CA VAL I 2 -40.85 -10.91 -13.92
C VAL I 2 -42.37 -10.88 -13.80
N GLN I 3 -42.86 -10.85 -12.57
CA GLN I 3 -44.30 -10.86 -12.34
C GLN I 3 -44.66 -9.85 -11.27
N LEU I 4 -45.62 -8.99 -11.60
CA LEU I 4 -46.15 -8.01 -10.67
C LEU I 4 -47.64 -8.25 -10.53
N VAL I 5 -48.08 -8.53 -9.31
CA VAL I 5 -49.48 -8.85 -9.03
C VAL I 5 -50.06 -7.74 -8.18
N GLU I 6 -51.24 -7.26 -8.58
CA GLU I 6 -51.93 -6.19 -7.87
C GLU I 6 -53.10 -6.81 -7.12
N SER I 7 -53.20 -6.50 -5.82
CA SER I 7 -54.18 -7.14 -4.96
C SER I 7 -55.44 -6.29 -4.88
N GLY I 8 -55.34 -5.07 -4.34
CA GLY I 8 -56.48 -4.21 -4.54
C GLY I 8 -57.72 -4.55 -3.71
N GLY I 9 -58.85 -4.08 -4.22
CA GLY I 9 -60.14 -4.28 -3.59
C GLY I 9 -61.28 -4.30 -4.60
N LEU I 11 -65.46 -3.89 -3.24
CA LEU I 11 -66.44 -2.88 -3.62
C LEU I 11 -66.44 -1.72 -2.64
N VAL I 12 -66.47 -0.49 -3.17
CA VAL I 12 -66.50 0.72 -2.36
C VAL I 12 -67.59 1.64 -2.89
N LYS I 13 -68.33 2.25 -1.97
CA LYS I 13 -69.38 3.20 -2.29
C LYS I 13 -68.80 4.57 -2.61
N PRO I 14 -69.53 5.40 -3.36
CA PRO I 14 -69.02 6.74 -3.69
C PRO I 14 -68.63 7.53 -2.45
N GLY I 15 -67.48 8.20 -2.53
CA GLY I 15 -66.86 8.87 -1.41
C GLY I 15 -66.02 8.00 -0.49
N GLY I 16 -65.97 6.70 -0.76
CA GLY I 16 -65.19 5.77 0.02
C GLY I 16 -63.73 5.73 -0.40
N SER I 17 -62.97 4.88 0.28
CA SER I 17 -61.54 4.71 0.04
C SER I 17 -61.21 3.26 -0.29
N LEU I 18 -60.33 3.07 -1.27
CA LEU I 18 -59.83 1.74 -1.64
C LEU I 18 -58.32 1.83 -1.71
N ARG I 19 -57.57 1.07 -0.87
CA ARG I 19 -56.12 1.05 -1.00
C ARG I 19 -55.90 0.05 -2.11
N LEU I 20 -54.84 0.23 -2.86
CA LEU I 20 -54.46 -0.78 -3.80
C LEU I 20 -53.00 -1.13 -3.55
N SER I 21 -52.64 -2.39 -3.82
CA SER I 21 -51.29 -2.88 -3.61
C SER I 21 -50.84 -3.66 -4.83
N CYS I 22 -49.55 -3.55 -5.14
CA CYS I 22 -48.93 -4.26 -6.27
C CYS I 22 -47.67 -4.96 -5.77
N ALA I 23 -47.72 -6.29 -5.69
CA ALA I 23 -46.57 -7.09 -5.26
C ALA I 23 -45.72 -7.45 -6.47
N ALA I 24 -44.41 -7.46 -6.28
CA ALA I 24 -43.47 -7.62 -7.38
C ALA I 24 -42.53 -8.79 -7.12
N SER I 25 -42.28 -9.57 -8.17
CA SER I 25 -41.36 -10.69 -8.12
C SER I 25 -40.59 -10.80 -9.43
N GLY I 26 -39.36 -11.30 -9.34
CA GLY I 26 -38.56 -11.56 -10.52
C GLY I 26 -37.62 -10.44 -10.92
N PHE I 27 -37.75 -9.27 -10.32
CA PHE I 27 -36.89 -8.14 -10.61
C PHE I 27 -36.62 -7.37 -9.33
N THR I 28 -35.47 -6.71 -9.27
CA THR I 28 -35.17 -5.87 -8.13
C THR I 28 -36.04 -4.61 -8.18
N PHE I 29 -36.74 -4.33 -7.08
CA PHE I 29 -37.81 -3.34 -7.10
C PHE I 29 -37.24 -1.93 -7.17
N SER I 30 -36.23 -1.65 -6.35
CA SER I 30 -35.77 -0.27 -6.17
C SER I 30 -35.29 0.42 -7.44
N PRO I 31 -34.47 -0.18 -8.30
CA PRO I 31 -33.94 0.60 -9.44
C PRO I 31 -34.99 1.08 -10.42
N TYR I 32 -36.13 0.41 -10.52
CA TYR I 32 -37.13 0.72 -11.55
C TYR I 32 -38.21 1.67 -11.06
N SER I 33 -38.56 2.63 -11.92
CA SER I 33 -39.71 3.49 -11.67
C SER I 33 -40.98 2.71 -11.97
N MET I 34 -41.93 2.76 -11.03
CA MET I 34 -43.18 2.01 -11.13
C MET I 34 -44.35 2.97 -11.27
N ASN I 35 -45.28 2.64 -12.16
CA ASN I 35 -46.35 3.55 -12.51
C ASN I 35 -47.69 2.82 -12.45
N TRP I 36 -48.75 3.61 -12.33
CA TRP I 36 -50.12 3.11 -12.29
C TRP I 36 -50.84 3.59 -13.54
N VAL I 37 -51.60 2.70 -14.17
CA VAL I 37 -52.33 3.00 -15.39
C VAL I 37 -53.76 2.52 -15.23
N ARG I 38 -54.69 3.28 -15.79
CA ARG I 38 -56.12 3.01 -15.66
C ARG I 38 -56.77 2.92 -17.03
N GLN I 39 -57.68 1.97 -17.20
CA GLN I 39 -58.47 1.83 -18.41
C GLN I 39 -59.94 1.73 -18.04
N ALA I 40 -60.73 2.71 -18.48
CA ALA I 40 -62.15 2.68 -18.21
C ALA I 40 -62.84 1.62 -19.08
N PRO I 41 -64.00 1.11 -18.66
CA PRO I 41 -64.69 0.11 -19.49
C PRO I 41 -65.07 0.68 -20.85
N GLY I 42 -64.70 -0.06 -21.89
CA GLY I 42 -64.94 0.41 -23.25
C GLY I 42 -64.27 1.73 -23.55
N LYS I 43 -63.04 1.91 -23.06
CA LYS I 43 -62.37 3.20 -23.13
C LYS I 43 -60.87 2.97 -23.13
N GLY I 44 -60.12 4.00 -23.51
CA GLY I 44 -58.69 3.90 -23.61
C GLY I 44 -57.97 3.98 -22.27
N LEU I 45 -56.68 3.68 -22.31
CA LEU I 45 -55.86 3.69 -21.11
C LEU I 45 -55.59 5.12 -20.64
N GLU I 46 -55.53 5.29 -19.32
CA GLU I 46 -55.19 6.56 -18.70
C GLU I 46 -54.19 6.30 -17.59
N TRP I 47 -53.18 7.16 -17.51
CA TRP I 47 -52.12 7.01 -16.51
C TRP I 47 -52.55 7.77 -15.26
N VAL I 48 -52.60 7.06 -14.13
CA VAL I 48 -53.03 7.69 -12.89
C VAL I 48 -51.89 8.45 -12.25
N SER I 49 -50.78 7.76 -11.97
CA SER I 49 -49.66 8.39 -11.27
C SER I 49 -48.42 7.50 -11.43
N SER I 50 -47.27 8.05 -11.06
CA SER I 50 -46.01 7.32 -11.13
C SER I 50 -45.11 7.68 -9.95
N ILE I 51 -44.37 6.68 -9.50
CA ILE I 51 -43.42 6.69 -8.40
C ILE I 51 -42.05 6.26 -8.92
N ARG I 52 -41.00 6.96 -8.52
CA ARG I 52 -39.63 6.52 -8.77
C ARG I 52 -39.04 6.25 -7.39
N SER I 53 -38.10 5.32 -7.32
CA SER I 53 -37.39 5.13 -6.07
C SER I 53 -36.17 6.03 -5.95
N SER I 54 -35.49 6.31 -7.06
CA SER I 54 -34.34 7.22 -7.06
C SER I 54 -34.85 8.64 -6.95
N GLY I 55 -34.53 9.30 -5.82
CA GLY I 55 -35.02 10.64 -5.56
C GLY I 55 -36.49 10.74 -5.21
N ASN I 56 -37.25 9.66 -5.36
CA ASN I 56 -38.69 9.63 -5.10
C ASN I 56 -39.40 10.80 -5.78
N TYR I 57 -39.54 10.61 -7.09
CA TYR I 57 -40.16 11.57 -7.98
C TYR I 57 -41.63 11.22 -8.08
N ILE I 58 -42.51 12.19 -7.87
CA ILE I 58 -43.94 11.90 -7.75
C ILE I 58 -44.69 12.71 -8.78
N SER I 59 -45.50 12.03 -9.59
CA SER I 59 -46.32 12.68 -10.60
C SER I 59 -47.72 12.07 -10.59
N TYR I 60 -48.73 12.93 -10.72
CA TYR I 60 -50.12 12.50 -10.72
C TYR I 60 -50.83 13.02 -11.97
N ALA I 61 -51.83 12.27 -12.42
CA ALA I 61 -52.68 12.77 -13.49
C ALA I 61 -53.60 13.87 -12.96
N ASP I 62 -53.99 14.77 -13.87
CA ASP I 62 -54.85 15.89 -13.47
C ASP I 62 -56.20 15.43 -12.95
N SER I 63 -56.77 14.38 -13.55
CA SER I 63 -58.09 13.93 -13.11
C SER I 63 -58.01 13.29 -11.74
N VAL I 64 -56.90 12.62 -11.42
CA VAL I 64 -56.71 11.99 -10.13
C VAL I 64 -55.87 12.84 -9.18
N LYS I 65 -55.52 14.07 -9.56
CA LYS I 65 -54.62 14.88 -8.77
C LYS I 65 -55.27 15.33 -7.46
N GLY I 66 -54.48 15.28 -6.38
CA GLY I 66 -54.88 15.75 -5.07
C GLY I 66 -55.85 14.87 -4.32
N ARG I 67 -56.33 13.77 -4.92
CA ARG I 67 -57.23 12.86 -4.23
C ARG I 67 -56.61 11.50 -3.96
N PHE I 68 -55.49 11.18 -4.58
CA PHE I 68 -54.87 9.86 -4.53
C PHE I 68 -53.42 9.96 -4.10
N THR I 69 -52.93 8.91 -3.48
CA THR I 69 -51.53 8.85 -3.10
C THR I 69 -50.86 7.57 -3.56
N ILE I 70 -49.64 7.74 -4.01
CA ILE I 70 -48.82 6.78 -4.75
C ILE I 70 -47.75 6.33 -3.76
N SER I 71 -47.69 5.03 -3.46
CA SER I 71 -46.76 4.62 -2.41
C SER I 71 -46.00 3.37 -2.80
N ARG I 72 -44.72 3.35 -2.45
CA ARG I 72 -43.84 2.23 -2.75
C ARG I 72 -42.97 1.96 -1.53
N ASP I 73 -42.89 0.68 -1.14
CA ASP I 73 -41.96 0.21 -0.13
C ASP I 73 -40.97 -0.73 -0.80
N ASN I 74 -39.73 -0.29 -0.96
CA ASN I 74 -38.74 -1.10 -1.67
C ASN I 74 -38.36 -2.33 -0.87
N ALA I 75 -38.26 -2.20 0.46
CA ALA I 75 -37.92 -3.34 1.30
C ALA I 75 -38.99 -4.42 1.19
N LYS I 76 -40.26 -4.04 1.15
CA LYS I 76 -41.35 -4.99 0.96
C LYS I 76 -41.51 -5.42 -0.50
N ASN I 77 -40.84 -4.74 -1.43
CA ASN I 77 -40.98 -5.01 -2.86
C ASN I 77 -42.43 -4.93 -3.30
N SER I 78 -43.13 -3.93 -2.80
CA SER I 78 -44.55 -3.77 -3.05
C SER I 78 -44.86 -2.33 -3.44
N LEU I 79 -45.92 -2.16 -4.21
CA LEU I 79 -46.38 -0.85 -4.66
C LEU I 79 -47.80 -0.65 -4.17
N TYR I 80 -48.09 0.54 -3.64
CA TYR I 80 -49.38 0.84 -3.05
C TYR I 80 -49.96 2.11 -3.64
N LEU I 81 -51.28 2.11 -3.84
CA LEU I 81 -52.03 3.27 -4.30
C LEU I 81 -53.23 3.49 -3.40
N GLN I 82 -53.21 4.55 -2.61
CA GLN I 82 -54.35 4.91 -1.76
C GLN I 82 -55.30 5.80 -2.54
N MET I 83 -56.54 5.36 -2.67
CA MET I 83 -57.56 6.10 -3.41
C MET I 83 -58.60 6.59 -2.42
N ASN I 84 -58.71 7.91 -2.27
CA ASN I 84 -59.72 8.51 -1.41
C ASN I 84 -60.74 9.30 -2.23
N SER I 85 -61.97 9.35 -1.72
CA SER I 85 -63.06 10.16 -2.28
C SER I 85 -63.30 9.85 -3.75
N LEU I 86 -63.34 8.55 -4.07
CA LEU I 86 -63.47 8.11 -5.45
C LEU I 86 -64.86 8.44 -5.98
N ARG I 87 -64.91 8.78 -7.27
CA ARG I 87 -66.16 9.17 -7.93
C ARG I 87 -66.54 8.10 -8.95
N ALA I 88 -67.68 8.30 -9.62
CA ALA I 88 -68.16 7.33 -10.58
C ALA I 88 -67.21 7.20 -11.77
N GLU I 89 -66.65 8.33 -12.22
CA GLU I 89 -65.71 8.30 -13.34
C GLU I 89 -64.43 7.54 -13.01
N ASP I 90 -64.08 7.41 -11.74
CA ASP I 90 -62.87 6.70 -11.32
C ASP I 90 -63.03 5.18 -11.32
N MET I 91 -64.15 4.67 -11.82
CA MET I 91 -64.37 3.23 -11.94
C MET I 91 -63.70 2.70 -13.20
N ALA I 92 -62.70 1.84 -13.02
CA ALA I 92 -61.94 1.31 -14.15
C ALA I 92 -61.08 0.16 -13.66
N VAL I 93 -60.51 -0.57 -14.62
CA VAL I 93 -59.50 -1.58 -14.30
C VAL I 93 -58.17 -0.90 -14.10
N TYR I 94 -57.53 -1.17 -12.95
CA TYR I 94 -56.29 -0.50 -12.58
C TYR I 94 -55.12 -1.44 -12.78
N TYR I 95 -54.11 -0.95 -13.48
CA TYR I 95 -52.93 -1.74 -13.80
C TYR I 95 -51.73 -1.10 -13.14
N CYS I 96 -50.92 -1.91 -12.50
CA CYS I 96 -49.60 -1.50 -12.05
C CYS I 96 -48.60 -2.03 -13.07
N ALA I 97 -47.64 -1.18 -13.44
CA ALA I 97 -46.68 -1.52 -14.48
C ALA I 97 -45.30 -1.04 -14.10
N ARG I 98 -44.30 -1.80 -14.52
CA ARG I 98 -42.90 -1.41 -14.38
C ARG I 98 -42.46 -0.66 -15.63
N ALA I 99 -41.55 0.30 -15.44
CA ALA I 99 -41.07 1.14 -16.52
C ALA I 99 -39.57 0.93 -16.71
N GLY I 100 -39.15 0.98 -17.97
CA GLY I 100 -37.74 0.81 -18.27
C GLY I 100 -36.91 1.94 -17.70
N ARG I 101 -35.64 1.63 -17.41
CA ARG I 101 -34.77 2.59 -16.76
C ARG I 101 -34.50 3.77 -17.69
N ASP I 102 -34.60 4.98 -17.15
CA ASP I 102 -34.34 6.17 -17.95
C ASP I 102 -32.86 6.22 -18.35
N TYR I 103 -32.61 6.66 -19.57
CA TYR I 103 -31.25 6.74 -20.09
C TYR I 103 -31.03 8.07 -20.80
N TYR I 104 -29.76 8.47 -20.85
CA TYR I 104 -29.35 9.71 -21.49
C TYR I 104 -28.66 9.41 -22.81
N ASP I 105 -29.07 10.09 -23.87
CA ASP I 105 -28.42 9.94 -25.16
C ASP I 105 -27.09 10.68 -25.15
N ARG I 106 -26.34 10.56 -26.26
CA ARG I 106 -25.04 11.23 -26.37
C ARG I 106 -25.16 12.74 -26.18
N SER I 107 -26.24 13.33 -26.69
CA SER I 107 -26.49 14.75 -26.44
C SER I 107 -26.81 15.05 -24.99
N GLY I 108 -27.21 14.04 -24.21
CA GLY I 108 -27.56 14.24 -22.81
C GLY I 108 -29.03 14.41 -22.54
N TYR I 109 -29.87 14.33 -23.56
CA TYR I 109 -31.31 14.42 -23.37
C TYR I 109 -31.84 13.16 -22.69
N GLN I 110 -32.76 13.35 -21.74
CA GLN I 110 -33.31 12.21 -21.02
C GLN I 110 -34.37 11.53 -21.88
N ARG I 111 -34.23 10.22 -22.05
CA ARG I 111 -35.17 9.42 -22.83
C ARG I 111 -35.78 8.36 -21.93
N PHE I 112 -37.10 8.21 -22.01
CA PHE I 112 -37.84 7.34 -21.11
C PHE I 112 -38.38 6.14 -21.86
N PRO I 113 -37.85 4.94 -21.64
CA PRO I 113 -38.48 3.73 -22.18
C PRO I 113 -39.83 3.49 -21.51
N GLY I 114 -40.57 2.53 -22.05
CA GLY I 114 -41.94 2.31 -21.66
C GLY I 114 -42.17 1.12 -20.75
N PHE I 115 -43.43 0.93 -20.40
CA PHE I 115 -43.91 -0.10 -19.49
C PHE I 115 -43.77 -1.48 -20.12
N ASP I 116 -42.64 -2.14 -19.87
CA ASP I 116 -42.38 -3.47 -20.42
C ASP I 116 -43.11 -4.60 -19.70
N TYR I 117 -43.52 -4.43 -18.45
CA TYR I 117 -44.17 -5.49 -17.70
C TYR I 117 -45.43 -4.94 -17.02
N TRP I 118 -46.58 -5.51 -17.37
CA TRP I 118 -47.87 -5.15 -16.79
C TRP I 118 -48.39 -6.27 -15.91
N GLY I 119 -49.48 -5.95 -15.19
CA GLY I 119 -50.17 -6.91 -14.37
C GLY I 119 -51.55 -7.25 -14.90
N GLN I 120 -52.20 -8.21 -14.24
CA GLN I 120 -53.51 -8.67 -14.69
C GLN I 120 -54.58 -7.61 -14.48
N GLY I 121 -54.44 -6.77 -13.46
CA GLY I 121 -55.36 -5.69 -13.22
C GLY I 121 -56.37 -6.02 -12.13
N THR I 122 -56.94 -4.97 -11.55
CA THR I 122 -58.00 -5.08 -10.55
C THR I 122 -59.14 -4.13 -10.91
N LEU I 123 -60.36 -4.56 -10.66
CA LEU I 123 -61.53 -3.76 -11.03
C LEU I 123 -62.11 -3.05 -9.81
N VAL I 124 -62.23 -1.74 -9.90
CA VAL I 124 -62.98 -0.90 -8.97
C VAL I 124 -64.27 -0.46 -9.61
N THR I 125 -65.32 -0.76 -8.88
CA THR I 125 -66.71 -0.40 -9.11
C THR I 125 -67.06 0.56 -7.99
N VAL I 126 -67.62 1.70 -8.34
CA VAL I 126 -68.03 2.70 -7.37
C VAL I 126 -69.55 2.82 -7.33
N SER I 127 -70.24 1.78 -7.80
CA SER I 127 -71.70 1.77 -7.73
C SER I 127 -72.14 1.78 -6.27
N SER I 128 -73.35 2.28 -6.03
CA SER I 128 -73.91 2.33 -4.69
C SER I 128 -74.65 1.06 -4.30
N ALA I 129 -74.85 0.12 -5.21
CA ALA I 129 -75.59 -1.09 -4.89
C ALA I 129 -74.78 -2.01 -3.98
N SER I 130 -75.52 -2.79 -3.18
CA SER I 130 -74.93 -3.70 -2.21
C SER I 130 -74.48 -5.00 -2.86
N THR I 131 -73.49 -5.64 -2.24
CA THR I 131 -72.94 -6.90 -2.74
C THR I 131 -73.93 -8.04 -2.60
N LYS I 132 -74.06 -8.84 -3.67
CA LYS I 132 -74.97 -9.96 -3.72
C LYS I 132 -74.19 -11.26 -3.95
N GLY I 133 -74.55 -12.30 -3.21
CA GLY I 133 -73.86 -13.56 -3.28
C GLY I 133 -74.19 -14.36 -4.52
N PRO I 134 -73.28 -15.25 -4.90
CA PRO I 134 -73.49 -16.07 -6.11
C PRO I 134 -74.32 -17.31 -5.85
N SER I 135 -74.95 -17.77 -6.92
CA SER I 135 -75.77 -18.98 -6.89
C SER I 135 -75.12 -19.93 -7.89
N VAL I 136 -74.51 -20.99 -7.38
CA VAL I 136 -73.71 -21.90 -8.20
C VAL I 136 -74.58 -23.09 -8.56
N PHE I 137 -74.79 -23.28 -9.86
CA PHE I 137 -75.54 -24.42 -10.32
C PHE I 137 -74.72 -25.20 -11.32
N PRO I 138 -74.70 -26.53 -11.22
CA PRO I 138 -73.92 -27.33 -12.17
C PRO I 138 -74.69 -27.54 -13.46
N LEU I 139 -73.98 -27.48 -14.58
CA LEU I 139 -74.56 -27.78 -15.89
C LEU I 139 -74.13 -29.18 -16.28
N ALA I 140 -74.92 -30.16 -15.85
CA ALA I 140 -74.61 -31.57 -16.08
C ALA I 140 -74.63 -31.87 -17.58
N PRO I 141 -73.82 -32.85 -18.03
CA PRO I 141 -73.78 -33.18 -19.46
C PRO I 141 -75.09 -33.78 -19.97
N THR I 146 -69.70 -33.46 -27.81
CA THR I 146 -70.55 -34.30 -28.64
C THR I 146 -69.73 -35.11 -29.64
N SER I 147 -69.18 -34.42 -30.63
CA SER I 147 -68.41 -35.09 -31.67
C SER I 147 -67.17 -35.73 -31.09
N GLY I 148 -66.97 -37.02 -31.39
CA GLY I 148 -65.85 -37.73 -30.79
C GLY I 148 -65.90 -37.78 -29.29
N GLY I 149 -67.09 -37.69 -28.71
CA GLY I 149 -67.26 -37.72 -27.26
C GLY I 149 -66.71 -36.54 -26.50
N THR I 150 -66.91 -35.31 -26.99
CA THR I 150 -66.61 -34.12 -26.20
C THR I 150 -67.84 -33.77 -25.35
N ALA I 151 -67.95 -34.43 -24.21
CA ALA I 151 -68.96 -34.05 -23.24
C ALA I 151 -68.68 -32.63 -22.74
N ALA I 152 -69.74 -31.87 -22.53
CA ALA I 152 -69.64 -30.51 -22.02
C ALA I 152 -70.16 -30.49 -20.59
N LEU I 153 -69.33 -29.98 -19.68
CA LEU I 153 -69.74 -29.80 -18.30
C LEU I 153 -69.70 -28.31 -17.99
N GLY I 154 -70.36 -27.91 -16.91
CA GLY I 154 -70.26 -26.50 -16.58
C GLY I 154 -70.83 -26.17 -15.21
N CYS I 155 -70.65 -24.90 -14.86
CA CYS I 155 -71.26 -24.30 -13.67
C CYS I 155 -71.87 -22.96 -14.04
N LEU I 156 -72.96 -22.61 -13.35
CA LEU I 156 -73.67 -21.37 -13.61
C LEU I 156 -73.55 -20.47 -12.39
N VAL I 157 -73.17 -19.22 -12.60
CA VAL I 157 -73.09 -18.24 -11.52
C VAL I 157 -74.14 -17.18 -11.81
N LYS I 158 -75.23 -17.21 -11.04
CA LYS I 158 -76.38 -16.35 -11.27
C LYS I 158 -76.52 -15.37 -10.12
N ASP I 159 -77.10 -14.21 -10.43
CA ASP I 159 -77.52 -13.23 -9.44
C ASP I 159 -76.39 -12.84 -8.49
N TYR I 160 -75.35 -12.22 -9.04
CA TYR I 160 -74.26 -11.68 -8.24
C TYR I 160 -73.98 -10.23 -8.65
N PHE I 161 -73.96 -9.33 -7.67
CA PHE I 161 -73.36 -8.01 -7.83
C PHE I 161 -72.23 -7.83 -6.81
N PRO I 162 -71.12 -7.15 -7.16
CA PRO I 162 -70.53 -6.63 -8.39
C PRO I 162 -69.76 -7.70 -9.04
N GLU I 163 -68.73 -7.32 -9.89
CA GLU I 163 -67.81 -8.21 -10.47
C GLU I 163 -66.42 -8.13 -9.86
N PRO I 164 -65.57 -9.15 -10.02
CA PRO I 164 -65.61 -10.34 -10.90
C PRO I 164 -66.34 -11.46 -10.29
N VAL I 165 -66.22 -12.57 -10.94
CA VAL I 165 -66.27 -13.87 -10.29
C VAL I 165 -65.21 -14.74 -11.00
N THR I 166 -64.42 -15.48 -10.23
CA THR I 166 -63.38 -16.31 -10.80
C THR I 166 -63.80 -17.77 -10.68
N VAL I 167 -63.79 -18.48 -11.80
CA VAL I 167 -64.26 -19.85 -11.88
C VAL I 167 -63.10 -20.73 -12.30
N SER I 168 -62.65 -21.60 -11.40
CA SER I 168 -61.59 -22.56 -11.66
C SER I 168 -62.19 -23.96 -11.61
N TRP I 169 -61.52 -24.89 -12.27
CA TRP I 169 -61.97 -26.28 -12.33
C TRP I 169 -60.88 -27.19 -11.77
N ASN I 170 -61.26 -28.00 -10.78
CA ASN I 170 -60.37 -28.96 -10.15
C ASN I 170 -59.12 -28.29 -9.58
N SER I 171 -59.35 -27.22 -8.80
CA SER I 171 -58.28 -26.48 -8.12
C SER I 171 -57.25 -25.92 -9.08
N GLY I 172 -57.60 -25.75 -10.35
CA GLY I 172 -56.66 -25.30 -11.35
C GLY I 172 -55.86 -26.38 -12.03
N ALA I 173 -56.04 -27.65 -11.67
CA ALA I 173 -55.35 -28.71 -12.38
C ALA I 173 -55.90 -28.89 -13.79
N LEU I 174 -57.21 -28.74 -13.95
CA LEU I 174 -57.85 -28.79 -15.26
C LEU I 174 -57.77 -27.41 -15.92
N THR I 175 -56.97 -27.30 -16.99
CA THR I 175 -56.91 -26.08 -17.79
C THR I 175 -57.08 -26.40 -19.27
N SER I 176 -57.76 -27.50 -19.58
CA SER I 176 -57.88 -28.01 -20.95
C SER I 176 -59.27 -27.67 -21.49
N GLY I 177 -59.37 -26.54 -22.20
CA GLY I 177 -60.62 -26.15 -22.82
C GLY I 177 -61.69 -25.63 -21.89
N VAL I 178 -61.30 -25.03 -20.77
CA VAL I 178 -62.25 -24.34 -19.90
C VAL I 178 -62.53 -22.97 -20.49
N HIS I 179 -63.81 -22.65 -20.69
CA HIS I 179 -64.22 -21.35 -21.22
C HIS I 179 -65.23 -20.72 -20.27
N THR I 180 -64.86 -19.60 -19.65
CA THR I 180 -65.75 -18.84 -18.78
C THR I 180 -66.36 -17.70 -19.60
N PHE I 181 -67.64 -17.86 -19.94
CA PHE I 181 -68.31 -16.88 -20.79
C PHE I 181 -68.59 -15.59 -20.02
N PRO I 182 -68.60 -14.45 -20.71
CA PRO I 182 -68.92 -13.18 -20.04
C PRO I 182 -70.34 -13.13 -19.52
N ALA I 183 -70.52 -12.32 -18.48
CA ALA I 183 -71.78 -12.18 -17.76
C ALA I 183 -72.77 -11.31 -18.53
N VAL I 184 -74.01 -11.27 -18.03
CA VAL I 184 -75.12 -10.53 -18.63
C VAL I 184 -75.56 -9.43 -17.68
N LEU I 185 -75.94 -8.28 -18.24
CA LEU I 185 -76.61 -7.24 -17.49
C LEU I 185 -78.10 -7.53 -17.53
N GLN I 186 -78.65 -8.01 -16.41
CA GLN I 186 -80.09 -8.22 -16.36
C GLN I 186 -80.78 -6.93 -15.97
N SER I 187 -82.11 -6.91 -16.14
CA SER I 187 -82.88 -5.76 -15.65
C SER I 187 -82.72 -5.63 -14.14
N SER I 188 -82.52 -6.75 -13.46
CA SER I 188 -82.27 -6.74 -12.02
C SER I 188 -81.00 -6.02 -11.62
N GLY I 189 -80.05 -5.87 -12.54
CA GLY I 189 -78.76 -5.31 -12.20
C GLY I 189 -77.77 -6.30 -11.62
N LEU I 190 -78.19 -7.53 -11.39
CA LEU I 190 -77.32 -8.58 -10.88
C LEU I 190 -76.71 -9.30 -12.08
N TYR I 191 -75.49 -9.81 -11.91
CA TYR I 191 -74.79 -10.45 -13.01
C TYR I 191 -75.00 -11.96 -12.98
N SER I 192 -75.02 -12.57 -14.17
CA SER I 192 -75.13 -14.01 -14.31
C SER I 192 -74.07 -14.47 -15.29
N LEU I 193 -73.24 -15.43 -14.85
CA LEU I 193 -72.10 -15.90 -15.64
C LEU I 193 -72.11 -17.42 -15.68
N SER I 194 -71.60 -17.98 -16.78
CA SER I 194 -71.58 -19.42 -16.99
C SER I 194 -70.20 -19.82 -17.47
N SER I 195 -69.63 -20.85 -16.83
CA SER I 195 -68.38 -21.45 -17.25
C SER I 195 -68.63 -22.88 -17.69
N VAL I 196 -67.99 -23.29 -18.77
CA VAL I 196 -68.19 -24.61 -19.35
C VAL I 196 -66.84 -25.22 -19.70
N VAL I 197 -66.71 -26.53 -19.51
CA VAL I 197 -65.47 -27.23 -19.83
C VAL I 197 -65.80 -28.39 -20.75
N THR I 198 -65.11 -28.44 -21.89
CA THR I 198 -65.25 -29.55 -22.83
C THR I 198 -64.35 -30.69 -22.38
N VAL I 199 -64.92 -31.88 -22.19
CA VAL I 199 -64.18 -33.04 -21.71
C VAL I 199 -64.52 -34.23 -22.50
N PRO I 200 -63.62 -35.21 -22.67
CA PRO I 200 -63.96 -36.48 -23.27
C PRO I 200 -65.12 -37.10 -22.50
N SER I 201 -66.09 -37.65 -23.24
CA SER I 201 -67.32 -38.13 -22.62
C SER I 201 -67.09 -39.40 -21.79
N SER I 202 -66.11 -40.24 -22.16
CA SER I 202 -65.92 -41.49 -21.43
C SER I 202 -65.58 -41.25 -19.97
N SER I 203 -64.67 -40.32 -19.68
CA SER I 203 -64.33 -40.03 -18.29
C SER I 203 -65.38 -39.21 -17.57
N LEU I 204 -66.44 -38.77 -18.24
CA LEU I 204 -67.54 -38.13 -17.54
C LEU I 204 -68.06 -39.02 -16.42
N GLY I 205 -68.10 -40.33 -16.66
CA GLY I 205 -68.33 -41.28 -15.59
C GLY I 205 -67.09 -41.63 -14.79
N THR I 206 -65.90 -41.41 -15.34
CA THR I 206 -64.67 -41.85 -14.67
C THR I 206 -64.08 -40.81 -13.74
N GLN I 207 -64.05 -39.54 -14.14
CA GLN I 207 -63.37 -38.51 -13.36
C GLN I 207 -64.37 -37.50 -12.79
N THR I 208 -64.17 -37.15 -11.53
CA THR I 208 -64.97 -36.14 -10.85
C THR I 208 -64.49 -34.74 -11.21
N TYR I 209 -65.43 -33.81 -11.36
CA TYR I 209 -65.12 -32.42 -11.70
C TYR I 209 -65.79 -31.50 -10.69
N ILE I 210 -65.03 -30.56 -10.13
CA ILE I 210 -65.55 -29.61 -9.16
C ILE I 210 -65.20 -28.21 -9.64
N CYS I 211 -66.18 -27.33 -9.68
CA CYS I 211 -65.97 -25.94 -10.07
C CYS I 211 -65.82 -25.09 -8.81
N ASN I 212 -64.70 -24.37 -8.73
CA ASN I 212 -64.41 -23.49 -7.61
C ASN I 212 -64.78 -22.07 -8.00
N VAL I 213 -65.87 -21.57 -7.43
CA VAL I 213 -66.40 -20.24 -7.76
C VAL I 213 -66.11 -19.31 -6.59
N ASN I 214 -65.45 -18.19 -6.87
CA ASN I 214 -65.10 -17.20 -5.86
C ASN I 214 -65.59 -15.83 -6.28
N HIS I 215 -66.32 -15.17 -5.39
CA HIS I 215 -66.75 -13.78 -5.56
C HIS I 215 -66.03 -12.99 -4.46
N LYS I 216 -64.93 -12.34 -4.84
CA LYS I 216 -64.12 -11.60 -3.87
C LYS I 216 -64.87 -10.53 -3.09
N PRO I 217 -65.72 -9.69 -3.69
CA PRO I 217 -66.40 -8.67 -2.87
C PRO I 217 -67.29 -9.22 -1.77
N SER I 218 -67.93 -10.37 -1.97
CA SER I 218 -68.87 -10.92 -1.00
C SER I 218 -68.25 -11.89 0.00
N ASN I 219 -66.95 -12.20 -0.13
CA ASN I 219 -66.29 -13.18 0.73
C ASN I 219 -66.97 -14.54 0.67
N THR I 220 -67.56 -14.88 -0.48
CA THR I 220 -68.27 -16.15 -0.65
C THR I 220 -67.45 -17.02 -1.59
N LYS I 221 -66.93 -18.13 -1.07
CA LYS I 221 -66.20 -19.11 -1.85
C LYS I 221 -67.00 -20.41 -1.87
N VAL I 222 -67.36 -20.87 -3.06
CA VAL I 222 -68.19 -22.05 -3.23
C VAL I 222 -67.51 -23.00 -4.21
N ASP I 223 -67.41 -24.27 -3.82
CA ASP I 223 -66.94 -25.33 -4.70
C ASP I 223 -68.08 -26.32 -4.90
N LYS I 224 -68.45 -26.57 -6.15
CA LYS I 224 -69.56 -27.47 -6.47
C LYS I 224 -69.05 -28.62 -7.35
N ARG I 225 -69.52 -29.83 -7.04
CA ARG I 225 -69.15 -31.06 -7.73
C ARG I 225 -70.23 -31.35 -8.78
N VAL I 226 -69.84 -31.58 -10.06
CA VAL I 226 -70.82 -31.83 -11.13
C VAL I 226 -71.03 -33.34 -11.15
N GLU I 227 -72.28 -33.78 -11.04
CA GLU I 227 -72.42 -35.26 -11.07
C GLU I 227 -73.29 -35.70 -12.23
N PRO I 228 -72.99 -36.83 -12.90
CA PRO I 228 -73.81 -37.25 -14.03
C PRO I 228 -75.26 -37.51 -13.62
N LYS I 229 -76.13 -37.54 -14.63
CA LYS I 229 -77.51 -37.93 -14.41
C LYS I 229 -77.56 -39.43 -14.17
N ALA J 3 -50.91 16.67 -26.09
CA ALA J 3 -51.95 15.87 -26.72
C ALA J 3 -51.38 15.07 -27.89
N LEU J 4 -51.73 13.79 -27.94
CA LEU J 4 -51.35 12.90 -29.02
C LEU J 4 -52.59 12.45 -29.78
N THR J 5 -52.58 12.63 -31.10
CA THR J 5 -53.71 12.25 -31.93
C THR J 5 -53.39 10.96 -32.68
N GLN J 6 -54.32 10.02 -32.63
CA GLN J 6 -54.24 8.69 -33.23
C GLN J 6 -55.51 8.43 -34.01
N PRO J 7 -55.45 7.67 -35.10
CA PRO J 7 -56.67 7.36 -35.83
C PRO J 7 -57.54 6.45 -34.99
N PRO J 8 -58.86 6.70 -34.94
CA PRO J 8 -59.74 5.83 -34.15
C PRO J 8 -59.70 4.38 -34.60
N SER J 9 -59.64 4.14 -35.90
CA SER J 9 -59.61 2.78 -36.42
C SER J 9 -58.90 2.75 -37.77
N VAL J 10 -58.29 1.62 -38.08
CA VAL J 10 -57.64 1.37 -39.36
C VAL J 10 -58.05 0.00 -39.87
N SER J 11 -58.36 -0.08 -41.16
CA SER J 11 -58.75 -1.33 -41.80
C SER J 11 -57.64 -1.79 -42.74
N VAL J 12 -57.26 -3.06 -42.64
CA VAL J 12 -56.08 -3.58 -43.33
C VAL J 12 -56.40 -4.95 -43.91
N ALA J 13 -55.74 -5.27 -45.03
CA ALA J 13 -55.88 -6.59 -45.64
C ALA J 13 -55.15 -7.66 -44.83
N PRO J 14 -55.56 -8.93 -44.95
CA PRO J 14 -54.95 -9.97 -44.10
C PRO J 14 -53.46 -10.14 -44.30
N GLY J 15 -52.93 -9.92 -45.50
CA GLY J 15 -51.51 -10.14 -45.73
C GLY J 15 -50.66 -8.89 -45.90
N GLN J 16 -51.28 -7.72 -45.82
CA GLN J 16 -50.62 -6.47 -46.19
C GLN J 16 -50.08 -5.75 -44.96
N THR J 17 -49.14 -4.84 -45.20
CA THR J 17 -48.58 -4.04 -44.13
C THR J 17 -49.62 -3.05 -43.59
N ALA J 18 -49.53 -2.79 -42.28
CA ALA J 18 -50.44 -1.88 -41.60
C ALA J 18 -49.64 -0.76 -40.96
N ARG J 19 -50.13 0.47 -41.11
CA ARG J 19 -49.48 1.63 -40.52
C ARG J 19 -50.48 2.37 -39.64
N ILE J 20 -50.11 2.57 -38.39
CA ILE J 20 -50.89 3.34 -37.43
C ILE J 20 -50.06 4.56 -37.06
N THR J 21 -50.66 5.74 -37.15
CA THR J 21 -49.92 6.99 -37.01
C THR J 21 -50.30 7.62 -35.67
N CYS J 22 -49.32 7.79 -34.80
CA CYS J 22 -49.52 8.52 -33.56
C CYS J 22 -48.83 9.87 -33.71
N GLY J 23 -49.61 10.94 -33.64
CA GLY J 23 -49.11 12.26 -33.93
C GLY J 23 -49.22 13.23 -32.77
N GLY J 24 -48.14 13.95 -32.50
CA GLY J 24 -48.18 15.01 -31.51
C GLY J 24 -47.21 16.09 -31.90
N ASN J 25 -47.72 17.32 -32.05
CA ASN J 25 -46.87 18.43 -32.46
C ASN J 25 -45.94 18.85 -31.33
N ASN J 26 -46.49 19.02 -30.13
CA ASN J 26 -45.68 19.50 -29.01
C ASN J 26 -44.66 18.47 -28.57
N ILE J 27 -45.07 17.20 -28.48
CA ILE J 27 -44.19 16.15 -27.97
C ILE J 27 -42.98 15.96 -28.88
N GLY J 28 -43.21 15.93 -30.19
CA GLY J 28 -42.11 15.73 -31.12
C GLY J 28 -41.59 14.30 -31.06
N SER J 29 -40.27 14.16 -30.96
CA SER J 29 -39.62 12.85 -31.01
C SER J 29 -38.89 12.54 -29.71
N LYS J 30 -39.38 13.09 -28.59
CA LYS J 30 -38.81 12.80 -27.28
C LYS J 30 -38.83 11.30 -26.96
N GLY J 31 -39.74 10.56 -27.59
CA GLY J 31 -39.85 9.12 -27.44
C GLY J 31 -41.30 8.67 -27.38
N VAL J 32 -41.60 7.63 -28.15
CA VAL J 32 -42.93 7.05 -28.24
C VAL J 32 -42.86 5.55 -27.96
N GLN J 33 -43.82 5.04 -27.20
CA GLN J 33 -43.93 3.63 -26.89
C GLN J 33 -45.27 3.10 -27.39
N TRP J 34 -45.24 1.90 -27.96
CA TRP J 34 -46.41 1.32 -28.60
C TRP J 34 -46.88 0.11 -27.81
N TYR J 35 -48.19 -0.02 -27.65
CA TYR J 35 -48.79 -1.13 -26.92
C TYR J 35 -49.88 -1.76 -27.75
N GLN J 36 -49.98 -3.09 -27.66
CA GLN J 36 -51.05 -3.85 -28.28
C GLN J 36 -51.90 -4.46 -27.17
N GLN J 37 -53.20 -4.17 -27.19
CA GLN J 37 -54.11 -4.70 -26.17
C GLN J 37 -55.19 -5.53 -26.85
N LYS J 38 -55.15 -6.84 -26.62
CA LYS J 38 -56.24 -7.63 -27.16
C LYS J 38 -57.35 -7.75 -26.12
N PRO J 39 -58.61 -7.68 -26.57
CA PRO J 39 -59.73 -7.79 -25.64
C PRO J 39 -59.65 -9.07 -24.82
N GLY J 40 -59.88 -8.94 -23.52
CA GLY J 40 -59.75 -10.04 -22.58
C GLY J 40 -58.34 -10.28 -22.09
N GLN J 41 -57.38 -9.43 -22.47
CA GLN J 41 -55.99 -9.60 -22.09
C GLN J 41 -55.44 -8.25 -21.63
N ALA J 42 -54.40 -8.30 -20.79
CA ALA J 42 -53.74 -7.10 -20.33
C ALA J 42 -52.88 -6.52 -21.46
N PRO J 43 -52.55 -5.22 -21.39
CA PRO J 43 -51.73 -4.63 -22.44
C PRO J 43 -50.33 -5.24 -22.47
N VAL J 44 -49.78 -5.34 -23.67
CA VAL J 44 -48.44 -5.89 -23.89
C VAL J 44 -47.63 -4.88 -24.70
N LEU J 45 -46.42 -4.60 -24.25
CA LEU J 45 -45.54 -3.66 -24.95
C LEU J 45 -44.96 -4.33 -26.19
N VAL J 46 -45.20 -3.72 -27.35
CA VAL J 46 -44.71 -4.28 -28.61
C VAL J 46 -43.45 -3.56 -29.06
N VAL J 47 -43.35 -2.26 -28.80
CA VAL J 47 -42.18 -1.47 -29.19
C VAL J 47 -41.91 -0.42 -28.13
N TYR J 48 -40.63 -0.14 -27.87
CA TYR J 48 -40.20 0.96 -27.02
C TYR J 48 -39.03 1.67 -27.68
N ASP J 49 -38.81 2.92 -27.25
CA ASP J 49 -37.76 3.79 -27.78
C ASP J 49 -37.93 4.06 -29.27
N ASP J 50 -39.17 4.01 -29.73
CA ASP J 50 -39.61 4.29 -31.10
C ASP J 50 -39.17 3.24 -32.09
N SER J 51 -38.18 2.42 -31.73
CA SER J 51 -37.67 1.41 -32.65
C SER J 51 -37.37 0.06 -32.03
N ASP J 52 -37.01 -0.01 -30.75
CA ASP J 52 -36.61 -1.26 -30.12
C ASP J 52 -37.86 -2.05 -29.70
N ARG J 53 -37.81 -3.36 -29.93
CA ARG J 53 -38.94 -4.25 -29.76
C ARG J 53 -38.67 -5.25 -28.65
N PRO J 54 -39.56 -5.39 -27.66
CA PRO J 54 -39.30 -6.32 -26.55
C PRO J 54 -39.20 -7.75 -27.06
N SER J 55 -38.47 -8.59 -26.32
CA SER J 55 -38.32 -9.98 -26.71
C SER J 55 -39.65 -10.74 -26.72
N GLY J 56 -39.76 -11.69 -27.65
CA GLY J 56 -40.97 -12.44 -27.86
C GLY J 56 -41.97 -11.79 -28.80
N ILE J 57 -41.68 -10.60 -29.30
CA ILE J 57 -42.56 -9.91 -30.24
C ILE J 57 -41.98 -10.05 -31.64
N PRO J 58 -42.77 -10.51 -32.62
CA PRO J 58 -42.24 -10.75 -33.96
C PRO J 58 -41.71 -9.49 -34.65
N GLU J 59 -40.78 -9.72 -35.58
CA GLU J 59 -40.10 -8.63 -36.30
C GLU J 59 -41.02 -7.78 -37.17
N ARG J 60 -42.19 -8.29 -37.58
CA ARG J 60 -43.09 -7.49 -38.42
C ARG J 60 -43.48 -6.19 -37.74
N PHE J 61 -43.68 -6.23 -36.42
CA PHE J 61 -44.03 -5.02 -35.71
C PHE J 61 -42.79 -4.12 -35.69
N SER J 62 -42.97 -2.87 -36.11
CA SER J 62 -41.86 -1.94 -36.19
C SER J 62 -42.39 -0.54 -35.93
N GLY J 63 -41.49 0.34 -35.50
CA GLY J 63 -41.88 1.71 -35.23
C GLY J 63 -40.89 2.70 -35.82
N SER J 64 -41.42 3.87 -36.18
CA SER J 64 -40.60 5.02 -36.56
C SER J 64 -41.14 6.26 -35.89
N ASN J 65 -40.23 7.19 -35.56
CA ASN J 65 -40.61 8.46 -34.96
C ASN J 65 -39.64 9.53 -35.46
N SER J 66 -40.18 10.56 -36.11
CA SER J 66 -39.35 11.66 -36.62
C SER J 66 -40.15 12.96 -36.54
N GLY J 67 -40.00 13.69 -35.44
CA GLY J 67 -40.71 14.95 -35.28
C GLY J 67 -42.16 14.80 -34.85
N ASN J 68 -43.09 15.47 -35.57
CA ASN J 68 -44.45 15.57 -35.05
C ASN J 68 -45.20 14.24 -35.15
N THR J 69 -45.13 13.58 -36.29
CA THR J 69 -45.88 12.36 -36.55
C THR J 69 -44.98 11.13 -36.58
N ALA J 70 -45.42 10.09 -35.86
CA ALA J 70 -44.72 8.80 -35.71
C ALA J 70 -45.61 7.66 -36.19
N THR J 71 -44.99 6.63 -36.77
CA THR J 71 -45.71 5.51 -37.39
C THR J 71 -45.26 4.17 -36.83
N LEU J 72 -46.21 3.29 -36.56
CA LEU J 72 -45.95 1.89 -36.21
C LEU J 72 -46.39 1.02 -37.38
N THR J 73 -45.49 0.16 -37.86
CA THR J 73 -45.73 -0.62 -39.06
C THR J 73 -45.75 -2.10 -38.74
N ILE J 74 -46.83 -2.78 -39.13
CA ILE J 74 -46.96 -4.23 -39.00
C ILE J 74 -46.82 -4.80 -40.41
N SER J 75 -45.67 -5.41 -40.70
CA SER J 75 -45.35 -5.80 -42.09
C SER J 75 -46.31 -6.85 -42.62
N ARG J 76 -46.59 -7.88 -41.82
CA ARG J 76 -47.52 -8.93 -42.20
C ARG J 76 -48.59 -9.03 -41.12
N VAL J 77 -49.84 -9.02 -41.53
CA VAL J 77 -50.94 -8.96 -40.60
C VAL J 77 -51.51 -10.37 -40.40
N GLU J 78 -52.16 -10.57 -39.26
CA GLU J 78 -52.71 -11.86 -38.88
C GLU J 78 -54.02 -11.62 -38.15
N ALA J 79 -54.83 -12.68 -38.02
CA ALA J 79 -56.07 -12.57 -37.26
C ALA J 79 -55.78 -12.21 -35.82
N GLY J 80 -54.74 -12.82 -35.23
CA GLY J 80 -54.28 -12.46 -33.91
C GLY J 80 -53.67 -11.08 -33.81
N ASP J 81 -53.16 -10.52 -34.92
CA ASP J 81 -52.40 -9.28 -34.84
C ASP J 81 -53.27 -8.10 -34.39
N GLU J 82 -54.47 -7.98 -34.96
CA GLU J 82 -55.33 -6.85 -34.66
C GLU J 82 -55.76 -6.84 -33.19
N ALA J 83 -55.70 -5.65 -32.60
CA ALA J 83 -56.08 -5.37 -31.22
C ALA J 83 -56.25 -3.87 -31.15
N ASP J 84 -56.67 -3.36 -29.99
CA ASP J 84 -56.54 -1.92 -29.81
C ASP J 84 -55.07 -1.60 -29.57
N TYR J 85 -54.55 -0.63 -30.32
CA TYR J 85 -53.14 -0.27 -30.27
C TYR J 85 -53.05 1.17 -29.77
N TYR J 86 -52.19 1.39 -28.78
CA TYR J 86 -52.07 2.69 -28.13
C TYR J 86 -50.63 3.16 -28.17
N CYS J 87 -50.45 4.48 -28.19
CA CYS J 87 -49.13 5.10 -28.16
C CYS J 87 -49.00 5.93 -26.89
N GLN J 88 -47.76 6.05 -26.41
CA GLN J 88 -47.50 6.66 -25.12
C GLN J 88 -46.26 7.55 -25.20
N VAL J 89 -46.31 8.70 -24.52
CA VAL J 89 -45.21 9.66 -24.49
C VAL J 89 -45.17 10.30 -23.10
N TRP J 90 -44.01 10.84 -22.74
CA TRP J 90 -43.80 11.50 -21.46
C TRP J 90 -43.69 13.01 -21.69
N ASP J 91 -44.37 13.78 -20.85
CA ASP J 91 -44.38 15.24 -20.92
C ASP J 91 -43.51 15.80 -19.80
N SER J 92 -42.49 16.56 -20.17
CA SER J 92 -41.58 17.18 -19.22
C SER J 92 -42.16 18.39 -18.48
N SER J 93 -43.17 19.07 -19.04
CA SER J 93 -43.62 20.33 -18.45
C SER J 93 -44.08 20.22 -17.00
N SER J 94 -45.11 19.43 -16.72
CA SER J 94 -45.47 19.14 -15.33
C SER J 94 -45.40 17.65 -15.04
N ASP J 95 -44.62 16.90 -15.83
CA ASP J 95 -44.44 15.46 -15.64
C ASP J 95 -45.68 14.58 -15.81
N HIS J 96 -46.25 14.52 -17.02
CA HIS J 96 -47.43 13.70 -17.28
C HIS J 96 -47.16 12.66 -18.36
N TRP J 97 -47.60 11.42 -18.12
CA TRP J 97 -47.62 10.38 -19.13
C TRP J 97 -48.91 10.51 -19.94
N VAL J 98 -48.79 10.59 -21.27
CA VAL J 98 -49.93 10.80 -22.16
C VAL J 98 -50.12 9.56 -23.04
N PHE J 99 -51.37 9.14 -23.18
CA PHE J 99 -51.75 7.96 -23.96
C PHE J 99 -52.53 8.37 -25.20
N GLY J 100 -52.49 7.51 -26.21
CA GLY J 100 -53.33 7.70 -27.37
C GLY J 100 -54.72 7.16 -27.16
N GLY J 101 -55.64 7.58 -28.03
CA GLY J 101 -57.01 7.10 -27.95
C GLY J 101 -57.15 5.63 -28.26
N GLY J 102 -56.34 5.12 -29.17
CA GLY J 102 -56.40 3.73 -29.55
C GLY J 102 -56.80 3.61 -30.99
N THR J 103 -56.28 2.59 -31.67
CA THR J 103 -56.60 2.38 -33.08
C THR J 103 -57.13 0.97 -33.22
N LYS J 104 -58.28 0.86 -33.86
CA LYS J 104 -58.85 -0.45 -34.10
C LYS J 104 -58.30 -0.88 -35.44
N LEU J 105 -57.40 -1.84 -35.41
CA LEU J 105 -56.96 -2.45 -36.65
C LEU J 105 -58.13 -3.33 -37.01
N THR J 106 -58.54 -3.29 -38.27
CA THR J 106 -59.56 -4.22 -38.74
C THR J 106 -59.02 -4.94 -39.97
N VAL J 107 -58.87 -6.25 -39.89
CA VAL J 107 -58.44 -6.98 -41.06
C VAL J 107 -59.68 -7.26 -41.91
N LEU J 108 -59.60 -6.93 -43.19
CA LEU J 108 -60.80 -7.01 -44.03
C LEU J 108 -61.18 -8.44 -44.39
N GLY J 109 -60.23 -9.37 -44.33
CA GLY J 109 -60.56 -10.74 -44.66
C GLY J 109 -60.12 -11.78 -43.65
N GLN J 110 -61.09 -12.43 -43.02
CA GLN J 110 -60.89 -13.55 -42.11
C GLN J 110 -61.81 -14.68 -42.53
N PRO J 111 -61.42 -15.92 -42.27
CA PRO J 111 -62.28 -17.05 -42.66
C PRO J 111 -63.61 -16.97 -41.93
N LYS J 112 -64.66 -17.48 -42.56
CA LYS J 112 -65.97 -17.53 -41.95
C LYS J 112 -66.08 -18.76 -41.06
N ALA J 113 -66.60 -18.56 -39.84
CA ALA J 113 -66.65 -19.61 -38.84
C ALA J 113 -68.07 -19.86 -38.37
N ALA J 114 -68.44 -21.14 -38.29
CA ALA J 114 -69.75 -21.56 -37.81
C ALA J 114 -69.76 -21.63 -36.29
N PRO J 115 -70.84 -21.18 -35.64
CA PRO J 115 -70.90 -21.24 -34.17
C PRO J 115 -71.18 -22.66 -33.68
N SER J 116 -70.39 -23.11 -32.71
CA SER J 116 -70.68 -24.34 -32.00
C SER J 116 -71.49 -24.00 -30.76
N VAL J 117 -72.61 -24.70 -30.57
CA VAL J 117 -73.58 -24.35 -29.54
C VAL J 117 -73.83 -25.55 -28.64
N THR J 118 -73.81 -25.32 -27.33
CA THR J 118 -74.14 -26.32 -26.33
C THR J 118 -75.24 -25.78 -25.45
N LEU J 119 -76.32 -26.54 -25.30
CA LEU J 119 -77.51 -26.11 -24.58
C LEU J 119 -77.69 -26.98 -23.34
N PHE J 120 -77.96 -26.33 -22.21
CA PHE J 120 -78.04 -27.00 -20.93
C PHE J 120 -79.42 -26.83 -20.31
N PRO J 121 -79.97 -27.89 -19.71
CA PRO J 121 -81.27 -27.79 -19.06
C PRO J 121 -81.19 -26.89 -17.84
N PRO J 122 -82.32 -26.35 -17.38
CA PRO J 122 -82.29 -25.67 -16.09
C PRO J 122 -81.81 -26.65 -15.03
N SER J 123 -80.96 -26.18 -14.12
CA SER J 123 -80.35 -27.05 -13.13
C SER J 123 -81.42 -27.71 -12.25
N SER J 124 -81.18 -28.98 -11.89
CA SER J 124 -82.05 -29.64 -10.93
C SER J 124 -82.03 -28.93 -9.59
N GLU J 125 -80.89 -28.38 -9.20
CA GLU J 125 -80.85 -27.70 -7.93
C GLU J 125 -81.67 -26.42 -8.00
N GLU J 126 -81.59 -25.74 -9.15
CA GLU J 126 -82.37 -24.54 -9.41
C GLU J 126 -83.87 -24.83 -9.42
N LEU J 127 -84.29 -25.97 -9.98
CA LEU J 127 -85.71 -26.30 -10.01
C LEU J 127 -86.29 -26.41 -8.61
N GLN J 128 -85.49 -26.89 -7.65
CA GLN J 128 -85.91 -26.84 -6.25
C GLN J 128 -86.11 -25.40 -5.81
N ALA J 129 -85.23 -24.50 -6.23
CA ALA J 129 -85.35 -23.08 -5.90
C ALA J 129 -86.53 -22.43 -6.60
N ASN J 130 -87.25 -23.17 -7.45
CA ASN J 130 -88.47 -22.71 -8.11
C ASN J 130 -88.19 -21.66 -9.17
N LYS J 131 -87.01 -21.73 -9.79
CA LYS J 131 -86.70 -20.95 -10.98
C LYS J 131 -85.97 -21.86 -11.96
N ALA J 132 -86.14 -21.59 -13.25
CA ALA J 132 -85.52 -22.40 -14.30
C ALA J 132 -84.84 -21.48 -15.31
N THR J 133 -83.62 -21.84 -15.69
CA THR J 133 -82.85 -21.05 -16.65
C THR J 133 -82.24 -21.97 -17.71
N LEU J 134 -82.49 -21.65 -18.97
CA LEU J 134 -81.95 -22.41 -20.09
C LEU J 134 -80.62 -21.80 -20.51
N VAL J 135 -79.57 -22.60 -20.48
CA VAL J 135 -78.23 -22.14 -20.83
C VAL J 135 -77.97 -22.50 -22.29
N CYS J 136 -77.63 -21.49 -23.09
CA CYS J 136 -77.25 -21.62 -24.48
C CYS J 136 -75.89 -20.94 -24.68
N LEU J 137 -74.90 -21.71 -25.15
CA LEU J 137 -73.53 -21.22 -25.24
C LEU J 137 -73.17 -20.99 -26.70
N ILE J 138 -72.77 -19.76 -27.03
CA ILE J 138 -72.41 -19.35 -28.38
C ILE J 138 -70.90 -19.18 -28.42
N SER J 139 -70.22 -19.86 -29.35
CA SER J 139 -68.76 -19.75 -29.36
C SER J 139 -68.20 -19.89 -30.77
N ASP J 140 -67.02 -19.30 -30.97
CA ASP J 140 -66.16 -19.55 -32.14
C ASP J 140 -66.87 -19.27 -33.47
N PHE J 141 -67.46 -18.08 -33.59
CA PHE J 141 -68.10 -17.66 -34.83
C PHE J 141 -67.45 -16.39 -35.36
N TYR J 142 -67.09 -16.40 -36.64
CA TYR J 142 -66.65 -15.19 -37.35
C TYR J 142 -67.40 -15.13 -38.66
N PRO J 143 -67.98 -13.97 -39.03
CA PRO J 143 -67.90 -12.72 -38.26
C PRO J 143 -68.72 -12.77 -36.97
N GLY J 144 -68.50 -11.80 -36.09
CA GLY J 144 -69.15 -11.84 -34.78
C GLY J 144 -70.58 -11.37 -34.82
N ALA J 145 -71.41 -12.09 -35.56
CA ALA J 145 -72.83 -11.80 -35.66
C ALA J 145 -73.64 -13.07 -35.49
N VAL J 146 -74.51 -13.08 -34.49
CA VAL J 146 -75.42 -14.19 -34.23
C VAL J 146 -76.75 -13.57 -33.87
N THR J 147 -77.84 -14.19 -34.31
CA THR J 147 -79.18 -13.75 -33.97
C THR J 147 -79.75 -14.80 -33.04
N VAL J 148 -80.07 -14.39 -31.82
CA VAL J 148 -80.56 -15.32 -30.82
C VAL J 148 -82.03 -15.53 -31.07
N ALA J 149 -82.43 -16.79 -31.22
CA ALA J 149 -83.83 -17.14 -31.39
C ALA J 149 -84.14 -18.26 -30.42
N TRP J 150 -85.14 -18.02 -29.57
CA TRP J 150 -85.63 -19.02 -28.63
C TRP J 150 -87.01 -19.43 -29.09
N LYS J 151 -87.24 -20.72 -29.23
CA LYS J 151 -88.54 -21.19 -29.69
C LYS J 151 -89.10 -22.18 -28.68
N ALA J 152 -90.34 -21.92 -28.26
CA ALA J 152 -91.07 -22.79 -27.37
C ALA J 152 -92.25 -23.35 -28.16
N ASP J 153 -92.25 -24.67 -28.39
CA ASP J 153 -93.28 -25.29 -29.21
C ASP J 153 -93.37 -24.58 -30.57
N SER J 154 -92.20 -24.24 -31.12
CA SER J 154 -92.07 -23.48 -32.37
C SER J 154 -92.65 -22.07 -32.25
N SER J 155 -92.72 -21.52 -31.04
CA SER J 155 -93.21 -20.16 -30.83
C SER J 155 -92.14 -19.29 -30.17
N PRO J 156 -91.91 -18.08 -30.68
CA PRO J 156 -90.84 -17.23 -30.13
C PRO J 156 -91.12 -16.80 -28.70
N VAL J 157 -90.04 -16.61 -27.95
CA VAL J 157 -90.12 -16.12 -26.57
C VAL J 157 -89.38 -14.80 -26.51
N LYS J 158 -90.08 -13.74 -26.11
CA LYS J 158 -89.46 -12.43 -25.93
C LYS J 158 -89.40 -12.03 -24.47
N ALA J 159 -89.72 -12.95 -23.57
CA ALA J 159 -89.82 -12.72 -22.13
C ALA J 159 -88.72 -13.53 -21.46
N GLY J 160 -87.83 -12.85 -20.74
CA GLY J 160 -86.74 -13.52 -20.08
C GLY J 160 -85.57 -13.83 -20.96
N VAL J 161 -85.49 -13.21 -22.14
CA VAL J 161 -84.35 -13.37 -23.02
C VAL J 161 -83.31 -12.34 -22.62
N GLU J 162 -82.08 -12.81 -22.40
CA GLU J 162 -80.96 -11.94 -22.07
C GLU J 162 -79.76 -12.44 -22.84
N THR J 163 -79.17 -11.58 -23.68
CA THR J 163 -78.09 -11.99 -24.56
C THR J 163 -76.91 -11.06 -24.37
N THR J 164 -75.73 -11.63 -24.13
CA THR J 164 -74.53 -10.80 -24.12
C THR J 164 -74.24 -10.32 -25.53
N THR J 165 -73.66 -9.13 -25.62
CA THR J 165 -73.09 -8.67 -26.86
C THR J 165 -71.88 -9.56 -27.20
N PRO J 166 -71.60 -9.77 -28.49
CA PRO J 166 -70.49 -10.67 -28.83
C PRO J 166 -69.19 -10.19 -28.23
N SER J 167 -68.40 -11.13 -27.74
CA SER J 167 -67.13 -10.85 -27.11
C SER J 167 -66.05 -11.64 -27.84
N LYS J 168 -64.93 -10.98 -28.11
CA LYS J 168 -63.87 -11.63 -28.86
C LYS J 168 -63.20 -12.67 -27.97
N GLN J 169 -63.04 -13.87 -28.50
CA GLN J 169 -62.36 -14.89 -27.73
C GLN J 169 -60.88 -14.89 -28.11
N SER J 170 -60.12 -15.73 -27.40
CA SER J 170 -58.69 -15.88 -27.68
C SER J 170 -58.45 -16.37 -29.11
N ASN J 171 -59.31 -17.27 -29.59
CA ASN J 171 -59.18 -17.79 -30.95
C ASN J 171 -59.53 -16.77 -32.02
N ASN J 172 -59.87 -15.54 -31.65
CA ASN J 172 -60.24 -14.44 -32.54
C ASN J 172 -61.59 -14.68 -33.20
N LYS J 173 -62.28 -15.77 -32.88
CA LYS J 173 -63.67 -15.97 -33.24
C LYS J 173 -64.51 -15.68 -32.01
N TYR J 174 -65.55 -14.87 -32.17
CA TYR J 174 -66.29 -14.31 -31.04
C TYR J 174 -67.10 -15.39 -30.32
N ALA J 175 -67.40 -15.13 -29.05
CA ALA J 175 -68.24 -16.01 -28.23
C ALA J 175 -69.18 -15.17 -27.37
N ALA J 176 -70.37 -15.69 -27.19
CA ALA J 176 -71.39 -15.01 -26.41
C ALA J 176 -72.28 -16.06 -25.85
N SER J 177 -73.20 -15.69 -25.03
CA SER J 177 -74.18 -16.72 -24.72
C SER J 177 -75.42 -16.00 -24.18
N SER J 178 -76.57 -16.61 -24.41
CA SER J 178 -77.91 -16.11 -24.06
C SER J 178 -78.52 -16.98 -22.96
N TYR J 179 -79.24 -16.35 -22.02
CA TYR J 179 -79.86 -17.05 -20.90
C TYR J 179 -81.36 -16.78 -20.96
N LEU J 180 -82.17 -17.83 -20.84
CA LEU J 180 -83.61 -17.70 -20.84
C LEU J 180 -84.12 -18.12 -19.47
N SER J 181 -84.90 -17.24 -18.85
CA SER J 181 -85.45 -17.48 -17.52
C SER J 181 -86.89 -17.93 -17.67
N LEU J 182 -87.20 -19.11 -17.15
CA LEU J 182 -88.52 -19.70 -17.24
C LEU J 182 -88.94 -20.23 -15.88
N THR J 183 -90.23 -20.28 -15.65
CA THR J 183 -90.69 -20.89 -14.41
C THR J 183 -90.62 -22.40 -14.52
N PRO J 184 -90.44 -23.11 -13.40
CA PRO J 184 -90.35 -24.58 -13.47
C PRO J 184 -91.59 -25.23 -14.05
N GLU J 185 -92.77 -24.67 -13.76
CA GLU J 185 -94.01 -25.24 -14.28
C GLU J 185 -94.06 -25.17 -15.81
N GLN J 186 -93.60 -24.06 -16.39
CA GLN J 186 -93.57 -23.94 -17.84
C GLN J 186 -92.64 -24.98 -18.46
N TRP J 187 -91.51 -25.24 -17.79
CA TRP J 187 -90.54 -26.20 -18.30
C TRP J 187 -91.14 -27.61 -18.37
N LYS J 188 -91.93 -28.00 -17.36
CA LYS J 188 -92.59 -29.31 -17.42
C LYS J 188 -93.73 -29.31 -18.43
N SER J 189 -94.46 -28.21 -18.55
CA SER J 189 -95.64 -28.17 -19.41
C SER J 189 -95.26 -28.30 -20.88
N HIS J 190 -94.30 -27.49 -21.33
CA HIS J 190 -93.96 -27.44 -22.75
C HIS J 190 -93.28 -28.73 -23.18
N ARG J 191 -93.50 -29.10 -24.45
CA ARG J 191 -92.97 -30.35 -24.96
C ARG J 191 -91.45 -30.33 -25.01
N SER J 192 -90.85 -29.23 -25.45
CA SER J 192 -89.41 -29.16 -25.62
C SER J 192 -88.99 -27.71 -25.82
N TYR J 193 -87.92 -27.31 -25.14
CA TYR J 193 -87.33 -26.00 -25.27
C TYR J 193 -86.01 -26.12 -26.03
N SER J 194 -85.75 -25.19 -26.94
CA SER J 194 -84.61 -25.32 -27.83
C SER J 194 -84.03 -23.96 -28.16
N CYS J 195 -82.72 -23.95 -28.38
CA CYS J 195 -81.96 -22.73 -28.68
C CYS J 195 -81.55 -22.78 -30.14
N GLN J 196 -81.93 -21.74 -30.89
CA GLN J 196 -81.59 -21.65 -32.31
C GLN J 196 -80.78 -20.38 -32.54
N VAL J 197 -79.62 -20.53 -33.18
CA VAL J 197 -78.68 -19.44 -33.39
C VAL J 197 -78.47 -19.27 -34.89
N THR J 198 -78.69 -18.06 -35.39
CA THR J 198 -78.46 -17.74 -36.79
C THR J 198 -77.24 -16.82 -36.90
N HIS J 199 -76.21 -17.30 -37.59
CA HIS J 199 -75.00 -16.54 -37.84
C HIS J 199 -74.73 -16.52 -39.33
N GLU J 200 -74.67 -15.31 -39.90
CA GLU J 200 -74.39 -15.12 -41.33
C GLU J 200 -75.37 -15.93 -42.18
N GLY J 201 -76.65 -15.92 -41.78
CA GLY J 201 -77.66 -16.64 -42.52
C GLY J 201 -77.63 -18.14 -42.34
N SER J 202 -77.00 -18.65 -41.29
CA SER J 202 -76.95 -20.08 -41.00
C SER J 202 -77.56 -20.33 -39.64
N THR J 203 -78.45 -21.32 -39.56
CA THR J 203 -79.28 -21.57 -38.38
C THR J 203 -78.81 -22.85 -37.70
N VAL J 204 -78.28 -22.70 -36.48
CA VAL J 204 -77.86 -23.82 -35.64
C VAL J 204 -78.88 -23.97 -34.52
N GLU J 205 -79.33 -25.20 -34.28
CA GLU J 205 -80.36 -25.47 -33.29
C GLU J 205 -79.89 -26.52 -32.30
N LYS J 206 -80.22 -26.30 -31.03
CA LYS J 206 -80.00 -27.27 -29.95
C LYS J 206 -81.24 -27.34 -29.08
N THR J 207 -81.61 -28.56 -28.68
CA THR J 207 -82.83 -28.81 -27.93
C THR J 207 -82.53 -29.49 -26.60
N VAL J 208 -83.26 -29.08 -25.56
CA VAL J 208 -83.17 -29.68 -24.24
C VAL J 208 -84.56 -30.13 -23.81
N ALA J 209 -84.69 -31.40 -23.43
CA ALA J 209 -86.01 -31.90 -23.09
C ALA J 209 -86.08 -32.32 -21.62
N PRO J 210 -87.20 -32.01 -20.94
CA PRO J 210 -87.47 -32.39 -19.55
C PRO J 210 -87.56 -33.89 -19.36
N VAL K 2 51.65 9.74 29.71
CA VAL K 2 52.50 10.77 30.25
C VAL K 2 51.72 12.08 30.40
N GLN K 3 51.60 12.57 31.63
CA GLN K 3 50.89 13.81 31.91
C GLN K 3 51.65 14.61 32.95
N LEU K 4 51.83 15.91 32.70
CA LEU K 4 52.48 16.82 33.65
C LEU K 4 51.49 17.89 34.07
N VAL K 5 51.22 17.96 35.38
CA VAL K 5 50.29 18.94 35.95
C VAL K 5 51.07 19.84 36.90
N GLU K 6 50.95 21.15 36.71
CA GLU K 6 51.66 22.12 37.53
C GLU K 6 50.67 22.84 38.44
N SER K 7 50.92 22.78 39.75
CA SER K 7 50.04 23.38 40.74
C SER K 7 50.67 24.64 41.34
N GLY K 8 50.00 25.19 42.35
CA GLY K 8 50.49 26.33 43.09
C GLY K 8 50.29 27.65 42.38
N GLY K 9 51.04 28.66 42.82
CA GLY K 9 50.92 30.00 42.29
C GLY K 9 49.85 30.81 43.01
N GLY K 10 49.67 32.03 42.54
CA GLY K 10 48.61 32.88 43.05
C GLY K 10 49.00 34.35 42.99
N LEU K 11 48.20 35.17 43.67
CA LEU K 11 48.46 36.61 43.74
C LEU K 11 49.67 36.88 44.61
N VAL K 12 50.57 37.75 44.12
CA VAL K 12 51.80 38.09 44.83
C VAL K 12 52.01 39.60 44.84
N LYS K 13 52.50 40.11 45.97
CA LYS K 13 52.90 41.51 46.08
C LYS K 13 54.32 41.70 45.53
N PRO K 14 54.64 42.90 45.04
CA PRO K 14 56.00 43.15 44.55
C PRO K 14 57.06 42.91 45.62
N GLY K 15 58.13 42.22 45.22
CA GLY K 15 59.18 41.82 46.12
C GLY K 15 58.88 40.58 46.94
N GLY K 16 57.67 40.05 46.85
CA GLY K 16 57.36 38.83 47.56
C GLY K 16 57.83 37.64 46.77
N SER K 17 57.80 36.47 47.40
CA SER K 17 58.28 35.27 46.74
C SER K 17 57.23 34.17 46.84
N LEU K 18 56.92 33.56 45.71
CA LEU K 18 55.94 32.48 45.65
C LEU K 18 56.53 31.41 44.75
N ARG K 19 56.80 30.24 45.32
CA ARG K 19 57.30 29.10 44.58
C ARG K 19 56.14 28.30 43.99
N LEU K 20 56.40 27.68 42.84
CA LEU K 20 55.41 26.93 42.11
C LEU K 20 55.93 25.53 41.88
N SER K 21 55.01 24.58 41.74
CA SER K 21 55.36 23.17 41.65
C SER K 21 54.65 22.54 40.47
N CYS K 22 55.31 21.55 39.88
CA CYS K 22 54.80 20.81 38.73
C CYS K 22 54.89 19.32 39.04
N ALA K 23 53.74 18.67 39.18
CA ALA K 23 53.71 17.24 39.40
C ALA K 23 53.70 16.53 38.05
N ALA K 24 54.47 15.45 37.96
CA ALA K 24 54.69 14.76 36.70
C ALA K 24 54.39 13.28 36.85
N SER K 25 53.80 12.71 35.80
CA SER K 25 53.53 11.28 35.75
C SER K 25 53.85 10.76 34.35
N GLY K 26 54.30 9.51 34.29
CA GLY K 26 54.57 8.86 33.03
C GLY K 26 56.02 8.92 32.58
N PHE K 27 56.87 9.71 33.22
CA PHE K 27 58.28 9.76 32.85
C PHE K 27 59.14 9.93 34.09
N THR K 28 60.34 9.34 34.05
CA THR K 28 61.35 9.46 35.11
C THR K 28 62.03 10.82 35.04
N PHE K 29 62.14 11.49 36.21
CA PHE K 29 62.33 12.95 36.20
C PHE K 29 63.75 13.40 35.83
N SER K 30 64.80 13.09 36.62
CA SER K 30 66.00 13.73 36.08
C SER K 30 66.51 13.17 34.76
N PRO K 31 66.39 11.86 34.46
CA PRO K 31 66.97 11.40 33.19
C PRO K 31 66.47 12.23 32.04
N TYR K 32 65.30 12.83 32.19
CA TYR K 32 64.80 13.78 31.23
C TYR K 32 65.19 15.17 31.71
N SER K 33 65.67 16.01 30.80
CA SER K 33 65.95 17.39 31.19
C SER K 33 64.62 18.13 31.31
N MET K 34 64.42 18.79 32.44
CA MET K 34 63.16 19.47 32.73
C MET K 34 63.42 20.97 32.78
N ASN K 35 62.58 21.74 32.10
CA ASN K 35 62.77 23.17 31.94
C ASN K 35 61.45 23.89 32.23
N TRP K 36 61.56 25.16 32.58
CA TRP K 36 60.41 26.01 32.88
C TRP K 36 60.31 27.16 31.88
N VAL K 37 59.09 27.44 31.42
CA VAL K 37 58.82 28.49 30.46
C VAL K 37 57.63 29.32 30.94
N ARG K 38 57.68 30.63 30.72
CA ARG K 38 56.63 31.55 31.15
C ARG K 38 56.13 32.36 29.96
N GLN K 39 54.82 32.60 29.93
CA GLN K 39 54.20 33.44 28.91
C GLN K 39 53.30 34.50 29.55
N ALA K 40 53.65 35.76 29.35
CA ALA K 40 52.84 36.88 29.82
C ALA K 40 51.62 37.06 28.91
N PRO K 41 50.56 37.71 29.40
CA PRO K 41 49.41 37.98 28.54
C PRO K 41 49.83 38.81 27.34
N GLY K 42 49.46 38.34 26.15
CA GLY K 42 49.88 39.00 24.92
C GLY K 42 51.38 39.05 24.76
N LYS K 43 52.07 37.98 25.14
CA LYS K 43 53.53 37.91 25.02
C LYS K 43 53.93 36.49 24.67
N GLY K 44 55.10 36.36 24.06
CA GLY K 44 55.57 35.04 23.70
C GLY K 44 56.16 34.29 24.88
N LEU K 45 56.36 33.01 24.68
CA LEU K 45 56.91 32.15 25.71
C LEU K 45 58.40 32.44 25.90
N GLU K 46 58.87 32.33 27.14
CA GLU K 46 60.29 32.51 27.44
C GLU K 46 60.75 31.43 28.40
N TRP K 47 61.96 30.92 28.18
CA TRP K 47 62.51 29.84 29.00
C TRP K 47 63.21 30.43 30.21
N VAL K 48 62.80 30.01 31.39
CA VAL K 48 63.35 30.53 32.64
C VAL K 48 64.59 29.74 33.09
N SER K 49 64.48 28.42 33.24
CA SER K 49 65.55 27.65 33.86
C SER K 49 65.43 26.18 33.47
N SER K 50 66.46 25.42 33.82
CA SER K 50 66.58 24.00 33.51
C SER K 50 67.19 23.25 34.68
N ILE K 51 66.93 21.94 34.74
CA ILE K 51 67.45 21.06 35.77
C ILE K 51 68.29 19.97 35.11
N ARG K 52 69.04 19.26 35.95
CA ARG K 52 69.83 18.10 35.54
C ARG K 52 68.99 17.07 34.78
N ASN K 56 75.08 16.81 37.96
CA ASN K 56 73.96 17.75 37.97
C ASN K 56 74.23 18.96 37.08
N TYR K 57 73.45 19.09 36.01
CA TYR K 57 73.53 20.21 35.07
C TYR K 57 72.41 21.22 35.33
N ILE K 58 72.77 22.49 35.47
CA ILE K 58 71.83 23.55 35.80
C ILE K 58 71.99 24.69 34.80
N SER K 59 70.88 25.15 34.22
CA SER K 59 70.89 26.28 33.31
C SER K 59 69.77 27.23 33.66
N TYR K 60 70.09 28.54 33.72
CA TYR K 60 69.13 29.58 34.08
C TYR K 60 69.23 30.71 33.06
N ALA K 61 68.13 31.43 32.88
CA ALA K 61 68.14 32.61 32.02
C ALA K 61 68.93 33.75 32.66
N ASP K 62 69.50 34.60 31.82
CA ASP K 62 70.23 35.76 32.31
C ASP K 62 69.30 36.71 33.05
N SER K 63 68.06 36.84 32.57
CA SER K 63 67.08 37.76 33.15
C SER K 63 66.61 37.34 34.54
N VAL K 64 66.64 36.04 34.88
CA VAL K 64 66.24 35.61 36.22
C VAL K 64 66.83 36.51 37.30
N LYS K 65 68.01 37.08 37.04
CA LYS K 65 68.68 38.02 37.93
C LYS K 65 68.75 37.53 39.37
N GLY K 66 69.11 36.26 39.55
CA GLY K 66 69.27 35.78 40.91
C GLY K 66 67.97 35.59 41.66
N ARG K 67 66.82 35.77 41.01
CA ARG K 67 65.54 35.67 41.67
C ARG K 67 64.84 34.35 41.42
N PHE K 68 65.35 33.50 40.53
CA PHE K 68 64.72 32.23 40.21
C PHE K 68 65.72 31.12 40.49
N THR K 69 65.29 30.08 41.20
CA THR K 69 66.13 28.90 41.46
C THR K 69 65.26 27.64 41.31
N ILE K 70 65.83 26.61 40.69
CA ILE K 70 65.11 25.43 40.23
C ILE K 70 65.55 24.20 41.05
N SER K 71 64.58 23.41 41.50
CA SER K 71 64.84 22.22 42.32
C SER K 71 64.05 21.03 41.77
N ARG K 72 64.67 19.84 41.80
CA ARG K 72 64.03 18.62 41.31
C ARG K 72 64.32 17.43 42.24
N ASP K 73 63.26 16.72 42.64
CA ASP K 73 63.35 15.45 43.35
C ASP K 73 62.64 14.36 42.55
N ASN K 74 63.38 13.32 42.14
CA ASN K 74 62.78 12.25 41.35
C ASN K 74 61.74 11.48 42.15
N ALA K 75 61.96 11.31 43.45
CA ALA K 75 60.99 10.60 44.28
C ALA K 75 59.63 11.29 44.25
N LYS K 76 59.61 12.61 44.28
CA LYS K 76 58.36 13.32 44.10
C LYS K 76 57.97 13.46 42.64
N ASN K 77 58.90 13.19 41.72
CA ASN K 77 58.67 13.38 40.28
C ASN K 77 58.12 14.77 40.01
N SER K 78 58.66 15.75 40.72
CA SER K 78 58.15 17.10 40.68
C SER K 78 59.28 18.08 40.48
N LEU K 79 58.95 19.22 39.88
CA LEU K 79 59.91 20.27 39.62
C LEU K 79 59.45 21.52 40.37
N TYR K 80 60.40 22.18 40.99
CA TYR K 80 60.10 23.35 41.82
C TYR K 80 60.93 24.51 41.32
N LEU K 81 60.32 25.69 41.34
CA LEU K 81 61.02 26.92 40.97
C LEU K 81 60.81 27.87 42.13
N GLN K 82 61.87 28.08 42.89
CA GLN K 82 61.86 29.00 44.02
C GLN K 82 62.20 30.39 43.49
N MET K 83 61.35 31.35 43.79
CA MET K 83 61.49 32.71 43.33
C MET K 83 61.98 33.56 44.49
N ASN K 84 63.05 34.31 44.26
CA ASN K 84 63.52 35.21 45.32
C ASN K 84 62.85 36.56 45.25
N SER K 85 62.54 37.05 44.04
CA SER K 85 61.79 38.29 43.88
C SER K 85 61.06 38.24 42.54
N LEU K 86 60.08 39.13 42.40
CA LEU K 86 59.20 39.12 41.23
C LEU K 86 58.77 40.55 40.92
N ARG K 87 58.69 40.86 39.62
CA ARG K 87 58.34 42.18 39.13
C ARG K 87 57.03 42.09 38.33
N ALA K 88 56.62 43.24 37.78
CA ALA K 88 55.40 43.26 36.97
C ALA K 88 55.56 42.41 35.73
N GLU K 89 56.76 42.39 35.15
CA GLU K 89 57.02 41.53 34.00
C GLU K 89 56.88 40.06 34.34
N ASP K 90 56.97 39.71 35.63
CA ASP K 90 56.81 38.34 36.08
C ASP K 90 55.34 37.93 36.17
N MET K 91 54.42 38.77 35.72
CA MET K 91 53.02 38.39 35.65
C MET K 91 52.85 37.60 34.36
N ALA K 92 52.65 36.29 34.48
CA ALA K 92 52.63 35.43 33.30
C ALA K 92 52.08 34.07 33.68
N VAL K 93 51.75 33.28 32.66
CA VAL K 93 51.44 31.87 32.80
C VAL K 93 52.73 31.06 32.67
N TYR K 94 53.01 30.23 33.67
CA TYR K 94 54.26 29.47 33.77
C TYR K 94 54.01 27.99 33.46
N TYR K 95 54.83 27.41 32.59
CA TYR K 95 54.67 26.03 32.13
C TYR K 95 55.87 25.17 32.55
N CYS K 96 55.57 23.95 33.04
CA CYS K 96 56.58 22.92 33.31
C CYS K 96 56.57 21.88 32.20
N ALA K 97 57.76 21.49 31.72
CA ALA K 97 57.87 20.58 30.58
C ALA K 97 59.05 19.62 30.71
N ARG K 98 58.87 18.44 30.11
CA ARG K 98 59.94 17.48 29.88
C ARG K 98 60.53 17.73 28.49
N ALA K 99 61.85 17.53 28.36
CA ALA K 99 62.55 17.77 27.10
C ALA K 99 63.24 16.49 26.63
N GLY K 100 63.26 16.29 25.31
CA GLY K 100 63.91 15.12 24.76
C GLY K 100 65.42 15.16 24.94
N ARG K 101 66.01 13.97 25.01
CA ARG K 101 67.43 13.86 25.29
C ARG K 101 68.26 14.40 24.13
N ASP K 102 69.25 15.23 24.47
CA ASP K 102 70.18 15.73 23.46
C ASP K 102 71.02 14.57 22.95
N TYR K 103 71.34 14.60 21.65
CA TYR K 103 72.05 13.49 21.05
C TYR K 103 73.26 14.00 20.26
N TYR K 104 74.24 13.12 20.12
CA TYR K 104 75.48 13.41 19.42
C TYR K 104 75.43 12.73 18.06
N ASP K 105 75.77 13.49 17.02
CA ASP K 105 75.80 12.95 15.67
C ASP K 105 77.03 12.04 15.51
N ARG K 106 77.12 11.39 14.36
CA ARG K 106 78.35 10.65 14.08
C ARG K 106 79.53 11.62 14.10
N SER K 107 79.31 12.86 13.64
CA SER K 107 80.31 13.89 13.81
C SER K 107 80.48 14.27 15.28
N GLY K 108 79.45 14.04 16.09
CA GLY K 108 79.50 14.33 17.52
C GLY K 108 79.01 15.69 17.94
N TYR K 109 78.59 16.54 16.99
CA TYR K 109 78.05 17.83 17.38
C TYR K 109 76.71 17.64 18.07
N GLN K 110 76.50 18.37 19.16
CA GLN K 110 75.32 18.16 19.98
C GLN K 110 74.08 18.78 19.35
N ARG K 111 73.03 17.98 19.24
CA ARG K 111 71.74 18.40 18.73
C ARG K 111 70.74 18.23 19.85
N PHE K 112 69.92 19.25 20.09
CA PHE K 112 69.03 19.26 21.25
C PHE K 112 67.56 19.16 20.84
N PRO K 113 66.88 18.04 21.13
CA PRO K 113 65.43 18.01 20.98
C PRO K 113 64.76 18.86 22.05
N GLY K 114 63.49 19.18 21.82
CA GLY K 114 62.83 20.05 22.76
C GLY K 114 61.36 19.81 23.06
N PHE K 115 61.05 19.56 24.34
CA PHE K 115 59.69 19.61 24.85
C PHE K 115 58.64 18.70 24.22
N ASP K 116 58.62 17.41 24.57
CA ASP K 116 57.57 16.56 24.03
C ASP K 116 56.23 16.77 24.73
N TYR K 117 56.24 17.18 26.00
CA TYR K 117 55.00 17.36 26.77
C TYR K 117 55.10 18.60 27.63
N TRP K 118 54.18 19.55 27.45
CA TRP K 118 54.06 20.70 28.34
C TRP K 118 52.84 20.53 29.23
N GLY K 119 52.70 21.41 30.22
CA GLY K 119 51.59 21.41 31.12
C GLY K 119 50.69 22.63 30.91
N GLN K 120 49.52 22.59 31.57
CA GLN K 120 48.57 23.68 31.43
C GLN K 120 49.05 24.94 32.14
N GLY K 121 49.81 24.80 33.22
CA GLY K 121 50.43 25.96 33.82
C GLY K 121 49.58 26.61 34.89
N THR K 122 50.24 27.45 35.70
CA THR K 122 49.60 28.24 36.73
C THR K 122 50.04 29.69 36.57
N LEU K 123 49.10 30.60 36.82
CA LEU K 123 49.32 32.03 36.63
C LEU K 123 49.68 32.68 37.96
N VAL K 124 50.77 33.43 37.97
CA VAL K 124 51.15 34.25 39.12
C VAL K 124 50.83 35.69 38.79
N THR K 125 50.03 36.32 39.63
CA THR K 125 49.57 37.69 39.43
C THR K 125 50.22 38.60 40.46
N VAL K 126 50.82 39.69 40.00
CA VAL K 126 51.50 40.65 40.86
C VAL K 126 50.71 41.94 40.84
N SER K 127 50.11 42.28 41.97
CA SER K 127 49.36 43.52 42.13
C SER K 127 49.05 43.73 43.60
N SER K 128 48.89 44.99 44.00
CA SER K 128 48.48 45.35 45.35
C SER K 128 46.96 45.44 45.39
N ALA K 129 46.32 44.41 45.94
CA ALA K 129 44.88 44.33 46.03
C ALA K 129 44.52 43.19 46.96
N SER K 130 43.37 43.30 47.61
CA SER K 130 42.96 42.27 48.56
C SER K 130 42.34 41.10 47.79
N THR K 131 42.60 39.89 48.25
CA THR K 131 41.98 38.73 47.62
C THR K 131 40.55 38.63 48.11
N LYS K 132 39.60 38.69 47.18
CA LYS K 132 38.18 38.63 47.52
C LYS K 132 37.54 37.54 46.67
N GLY K 133 36.67 36.77 47.31
CA GLY K 133 36.06 35.65 46.67
C GLY K 133 34.97 35.94 45.65
N PRO K 134 34.82 34.98 44.75
CA PRO K 134 33.79 35.07 43.72
C PRO K 134 32.53 34.64 44.41
N SER K 135 31.40 35.14 43.99
CA SER K 135 30.33 35.04 44.97
C SER K 135 29.01 34.99 44.24
N VAL K 136 28.42 33.78 44.30
CA VAL K 136 27.92 33.03 43.16
C VAL K 136 26.41 33.03 43.14
N PHE K 137 25.82 33.44 42.01
CA PHE K 137 24.38 33.42 41.79
C PHE K 137 23.97 32.64 40.54
N PRO K 138 22.86 31.89 40.60
CA PRO K 138 22.40 31.10 39.45
C PRO K 138 21.52 31.87 38.46
N LEU K 139 21.69 31.56 37.18
CA LEU K 139 20.85 32.09 36.10
C LEU K 139 19.87 31.02 35.64
N ALA K 140 18.57 31.27 35.87
CA ALA K 140 17.53 30.31 35.54
C ALA K 140 17.50 30.05 34.03
N PRO K 141 17.08 28.86 33.61
CA PRO K 141 17.09 28.54 32.17
C PRO K 141 16.14 29.45 31.39
N SER K 142 16.53 29.74 30.15
CA SER K 142 15.78 30.64 29.29
C SER K 142 14.60 29.93 28.63
N ALA K 152 18.84 26.48 28.29
CA ALA K 152 20.16 27.03 28.56
C ALA K 152 20.12 27.92 29.80
N LEU K 153 20.98 27.63 30.75
CA LEU K 153 21.13 28.41 31.96
C LEU K 153 22.55 28.94 32.05
N GLY K 154 22.89 29.48 33.20
CA GLY K 154 24.26 29.87 33.49
C GLY K 154 24.39 30.05 34.98
N CYS K 155 25.61 30.31 35.41
CA CYS K 155 25.87 30.67 36.80
C CYS K 155 26.68 31.95 36.75
N LEU K 156 26.43 32.84 37.69
CA LEU K 156 27.06 34.15 37.67
C LEU K 156 27.99 34.29 38.86
N VAL K 157 29.20 34.74 38.58
CA VAL K 157 30.22 35.02 39.58
C VAL K 157 30.52 36.51 39.48
N LYS K 158 30.39 37.22 40.61
CA LYS K 158 30.37 38.67 40.54
C LYS K 158 31.71 39.35 40.79
N ASP K 159 32.57 38.82 41.66
CA ASP K 159 33.90 39.37 41.86
C ASP K 159 34.98 38.32 41.71
N TYR K 160 36.17 38.73 41.26
CA TYR K 160 37.33 37.84 41.21
C TYR K 160 38.56 38.47 41.83
N PHE K 161 39.19 37.72 42.72
CA PHE K 161 40.58 38.00 43.04
C PHE K 161 41.43 37.73 41.81
N PRO K 162 42.53 38.44 41.63
CA PRO K 162 43.26 38.35 40.37
C PRO K 162 44.05 37.06 40.22
N GLU K 163 43.38 36.02 39.77
CA GLU K 163 43.91 34.70 39.39
C GLU K 163 42.70 33.92 38.87
N PRO K 164 42.85 32.76 38.21
CA PRO K 164 41.78 32.27 37.34
C PRO K 164 40.67 31.63 38.17
N VAL K 165 39.62 31.21 37.46
CA VAL K 165 38.47 30.55 38.08
C VAL K 165 38.12 29.29 37.29
N THR K 166 37.90 28.20 38.01
CA THR K 166 37.48 26.94 37.41
C THR K 166 36.05 26.66 37.82
N VAL K 167 35.16 26.52 36.85
CA VAL K 167 33.75 26.27 37.09
C VAL K 167 33.40 24.96 36.40
N SER K 168 32.96 23.98 37.17
CA SER K 168 32.57 22.69 36.65
C SER K 168 31.05 22.56 36.74
N TRP K 169 30.49 21.69 35.91
CA TRP K 169 29.05 21.51 35.87
C TRP K 169 28.67 20.07 36.16
N ASN K 170 27.85 19.88 37.20
CA ASN K 170 27.32 18.59 37.62
C ASN K 170 28.45 17.58 37.87
N SER K 171 29.24 17.91 38.90
CA SER K 171 30.36 17.08 39.36
C SER K 171 31.37 16.82 38.25
N GLY K 172 31.32 17.62 37.18
CA GLY K 172 32.15 17.39 36.02
C GLY K 172 31.58 16.40 35.05
N ALA K 173 30.46 15.75 35.39
CA ALA K 173 29.83 14.82 34.46
C ALA K 173 29.19 15.55 33.29
N LEU K 174 28.62 16.73 33.53
CA LEU K 174 28.05 17.52 32.45
C LEU K 174 29.20 18.25 31.74
N THR K 175 29.55 17.79 30.55
CA THR K 175 30.56 18.43 29.72
C THR K 175 30.03 18.60 28.29
N SER K 176 28.73 18.68 28.13
CA SER K 176 28.06 18.72 26.83
C SER K 176 27.64 20.15 26.54
N GLY K 177 28.50 20.88 25.83
CA GLY K 177 28.19 22.25 25.47
C GLY K 177 28.28 23.24 26.61
N VAL K 178 29.14 22.98 27.59
CA VAL K 178 29.41 23.95 28.64
C VAL K 178 30.35 25.00 28.08
N HIS K 179 29.97 26.27 28.20
CA HIS K 179 30.79 27.38 27.72
C HIS K 179 31.04 28.33 28.87
N THR K 180 32.30 28.43 29.28
CA THR K 180 32.73 29.37 30.32
C THR K 180 33.30 30.59 29.58
N PHE K 181 32.52 31.66 29.53
CA PHE K 181 32.94 32.83 28.81
C PHE K 181 34.04 33.56 29.57
N PRO K 182 34.97 34.20 28.84
CA PRO K 182 36.02 34.98 29.52
C PRO K 182 35.42 36.11 30.33
N ALA K 183 36.13 36.48 31.39
CA ALA K 183 35.65 37.49 32.33
C ALA K 183 35.82 38.90 31.78
N VAL K 184 35.21 39.87 32.47
CA VAL K 184 35.28 41.28 32.12
C VAL K 184 35.93 42.03 33.26
N LEU K 185 36.79 43.01 32.92
CA LEU K 185 37.36 43.92 33.90
C LEU K 185 36.43 45.12 34.05
N GLN K 186 35.79 45.24 35.21
CA GLN K 186 34.93 46.38 35.47
C GLN K 186 35.78 47.55 35.97
N SER K 187 35.15 48.72 36.06
CA SER K 187 35.85 49.92 36.52
C SER K 187 36.47 49.74 37.90
N SER K 188 35.85 48.93 38.76
CA SER K 188 36.41 48.62 40.07
C SER K 188 37.74 47.88 39.97
N GLY K 189 38.06 47.31 38.82
CA GLY K 189 39.20 46.42 38.71
C GLY K 189 38.86 44.97 39.02
N LEU K 190 37.61 44.70 39.35
CA LEU K 190 37.14 43.36 39.63
C LEU K 190 36.67 42.70 38.35
N TYR K 191 36.85 41.40 38.28
CA TYR K 191 36.48 40.61 37.11
C TYR K 191 35.11 40.01 37.34
N SER K 192 34.38 39.76 36.26
CA SER K 192 33.14 38.98 36.36
C SER K 192 33.09 37.96 35.23
N LEU K 193 32.84 36.68 35.55
CA LEU K 193 32.90 35.60 34.56
C LEU K 193 31.58 34.81 34.54
N SER K 194 31.32 34.27 33.31
CA SER K 194 30.06 33.65 32.89
C SER K 194 30.30 32.25 32.39
N SER K 195 29.59 31.32 32.98
CA SER K 195 29.53 29.98 32.43
C SER K 195 28.08 29.63 32.13
N VAL K 196 27.85 29.03 30.96
CA VAL K 196 26.52 28.66 30.51
C VAL K 196 26.54 27.28 29.86
N VAL K 197 25.49 26.48 30.09
CA VAL K 197 25.36 25.19 29.43
C VAL K 197 24.01 25.13 28.75
N THR K 198 24.00 24.75 27.47
CA THR K 198 22.77 24.59 26.70
C THR K 198 22.15 23.24 27.02
N VAL K 199 20.86 23.25 27.36
CA VAL K 199 20.18 22.01 27.76
C VAL K 199 18.84 21.89 27.03
N PRO K 200 18.39 20.66 26.76
CA PRO K 200 17.04 20.49 26.21
C PRO K 200 15.97 21.04 27.14
N SER K 201 14.96 21.67 26.56
CA SER K 201 13.90 22.28 27.35
C SER K 201 13.02 21.24 28.03
N SER K 202 12.83 20.08 27.39
CA SER K 202 11.97 19.03 27.95
C SER K 202 12.50 18.53 29.28
N SER K 203 13.82 18.43 29.42
CA SER K 203 14.49 17.92 30.61
C SER K 203 13.90 18.42 31.93
N GLN K 207 16.82 16.79 34.64
CA GLN K 207 18.12 16.56 35.24
C GLN K 207 18.47 17.67 36.22
N THR K 208 19.09 17.30 37.34
CA THR K 208 19.54 18.30 38.30
C THR K 208 20.78 18.99 37.76
N TYR K 209 20.87 20.30 37.96
CA TYR K 209 21.99 21.09 37.45
C TYR K 209 22.60 21.90 38.58
N ILE K 210 23.91 21.70 38.81
CA ILE K 210 24.67 22.39 39.84
C ILE K 210 25.96 22.89 39.22
N CYS K 211 26.30 24.15 39.47
CA CYS K 211 27.57 24.70 39.00
C CYS K 211 28.61 24.59 40.11
N ASN K 212 29.74 23.94 39.79
CA ASN K 212 30.82 23.74 40.75
C ASN K 212 31.84 24.85 40.57
N VAL K 213 31.86 25.79 41.51
CA VAL K 213 32.72 26.97 41.46
C VAL K 213 33.83 26.82 42.49
N ASN K 214 35.07 26.93 42.02
CA ASN K 214 36.24 26.90 42.90
C ASN K 214 37.08 28.13 42.60
N HIS K 215 37.39 28.91 43.63
CA HIS K 215 38.32 30.03 43.49
C HIS K 215 39.51 29.77 44.40
N LYS K 216 40.60 29.27 43.83
CA LYS K 216 41.82 29.02 44.60
C LYS K 216 42.44 30.27 45.24
N PRO K 217 42.58 31.40 44.54
CA PRO K 217 43.12 32.59 45.22
C PRO K 217 42.29 32.92 46.41
N SER K 218 40.97 32.57 46.36
CA SER K 218 39.94 32.78 47.37
C SER K 218 39.86 31.69 48.39
N ASN K 219 40.33 30.54 48.01
CA ASN K 219 40.19 29.34 48.80
C ASN K 219 38.72 29.12 49.19
N THR K 220 37.80 29.66 48.39
CA THR K 220 36.37 29.55 48.61
C THR K 220 35.82 28.69 47.48
N LYS K 221 35.32 27.51 47.81
CA LYS K 221 34.72 26.59 46.85
C LYS K 221 33.24 26.48 47.12
N VAL K 222 32.43 26.84 46.13
CA VAL K 222 30.98 26.87 46.25
C VAL K 222 30.38 26.10 45.09
N ASP K 223 29.45 25.21 45.38
CA ASP K 223 28.65 24.53 44.37
C ASP K 223 27.21 24.97 44.56
N LYS K 224 26.60 25.52 43.53
CA LYS K 224 25.25 26.06 43.61
C LYS K 224 24.33 25.36 42.61
N ARG K 225 23.11 25.09 43.04
CA ARG K 225 22.11 24.42 42.21
C ARG K 225 21.17 25.46 41.59
N VAL K 226 21.08 25.45 40.26
CA VAL K 226 20.13 26.29 39.54
C VAL K 226 18.83 25.51 39.30
N GLU K 227 17.72 26.08 39.77
CA GLU K 227 16.38 25.53 39.63
C GLU K 227 15.51 26.51 38.87
N PRO K 228 14.59 26.03 38.01
CA PRO K 228 13.75 26.95 37.21
C PRO K 228 12.93 27.92 38.05
N SER L 2 72.09 35.99 20.84
CA SER L 2 71.38 34.80 20.41
C SER L 2 69.89 35.07 20.25
N ALA L 3 69.47 35.30 19.00
CA ALA L 3 68.11 35.72 18.71
C ALA L 3 67.66 35.17 17.36
N LEU L 4 66.44 34.67 17.31
CA LEU L 4 65.83 34.16 16.08
C LEU L 4 64.68 35.08 15.67
N THR L 5 64.65 35.44 14.40
CA THR L 5 63.64 36.35 13.85
C THR L 5 62.57 35.55 13.10
N GLN L 6 61.31 35.86 13.39
CA GLN L 6 60.16 35.21 12.80
C GLN L 6 59.19 36.27 12.31
N PRO L 7 58.43 35.97 11.24
CA PRO L 7 57.47 36.95 10.73
C PRO L 7 56.34 37.16 11.73
N PRO L 8 55.85 38.39 11.88
CA PRO L 8 54.75 38.61 12.83
C PRO L 8 53.51 37.81 12.49
N SER L 9 53.17 37.71 11.21
CA SER L 9 52.02 36.95 10.77
C SER L 9 52.21 36.54 9.32
N VAL L 10 51.58 35.43 8.94
CA VAL L 10 51.52 34.99 7.56
C VAL L 10 50.07 34.60 7.25
N SER L 11 49.59 35.04 6.10
CA SER L 11 48.21 34.79 5.67
C SER L 11 48.19 33.89 4.45
N VAL L 12 47.32 32.88 4.48
CA VAL L 12 47.29 31.84 3.45
C VAL L 12 45.84 31.58 3.05
N ALA L 13 45.66 31.18 1.79
CA ALA L 13 44.37 30.75 1.29
C ALA L 13 44.03 29.38 1.87
N PRO L 14 42.74 29.02 1.92
CA PRO L 14 42.38 27.79 2.65
C PRO L 14 43.02 26.52 2.11
N GLY L 15 43.32 26.44 0.82
CA GLY L 15 43.86 25.23 0.27
C GLY L 15 45.34 25.24 -0.04
N GLN L 16 46.05 26.32 0.27
CA GLN L 16 47.42 26.49 -0.17
C GLN L 16 48.40 26.11 0.93
N THR L 17 49.62 25.77 0.51
CA THR L 17 50.68 25.45 1.46
C THR L 17 51.17 26.71 2.18
N ALA L 18 51.55 26.53 3.43
CA ALA L 18 52.05 27.63 4.27
C ALA L 18 53.46 27.33 4.74
N ARG L 19 54.32 28.33 4.66
CA ARG L 19 55.71 28.23 5.09
C ARG L 19 55.99 29.34 6.10
N ILE L 20 56.49 28.96 7.28
CA ILE L 20 56.85 29.91 8.32
C ILE L 20 58.36 29.84 8.51
N THR L 21 59.02 31.00 8.46
CA THR L 21 60.47 31.08 8.45
C THR L 21 60.99 31.69 9.74
N CYS L 22 61.85 30.96 10.45
CA CYS L 22 62.55 31.48 11.62
C CYS L 22 64.01 31.67 11.25
N GLY L 23 64.50 32.89 11.42
CA GLY L 23 65.84 33.26 10.96
C GLY L 23 66.80 33.66 12.06
N GLY L 24 67.99 33.09 12.05
CA GLY L 24 69.01 33.44 13.02
C GLY L 24 70.40 33.28 12.45
N ASN L 25 71.31 34.16 12.87
CA ASN L 25 72.69 34.17 12.39
C ASN L 25 73.43 32.96 12.97
N ASN L 26 73.27 31.83 12.28
CA ASN L 26 73.89 30.56 12.64
C ASN L 26 73.44 30.05 14.00
N ILE L 27 72.31 30.57 14.50
CA ILE L 27 71.82 30.19 15.81
C ILE L 27 71.39 28.72 15.82
N GLY L 28 70.82 28.25 14.72
CA GLY L 28 70.25 26.92 14.67
C GLY L 28 71.22 25.82 14.32
N SER L 29 72.25 25.62 15.14
CA SER L 29 73.17 24.50 14.99
C SER L 29 72.76 23.29 15.79
N LYS L 30 71.90 23.46 16.80
CA LYS L 30 71.36 22.35 17.56
C LYS L 30 70.01 21.89 17.05
N GLY L 31 69.24 22.76 16.41
CA GLY L 31 67.95 22.38 15.87
C GLY L 31 66.87 23.39 16.17
N VAL L 32 66.00 23.64 15.20
CA VAL L 32 64.90 24.56 15.39
C VAL L 32 63.67 23.73 15.73
N GLN L 33 62.98 24.14 16.81
CA GLN L 33 61.81 23.43 17.31
C GLN L 33 60.61 24.36 17.26
N TRP L 34 59.49 23.82 16.78
CA TRP L 34 58.29 24.61 16.54
C TRP L 34 57.16 24.14 17.44
N TYR L 35 56.40 25.10 17.96
CA TYR L 35 55.27 24.82 18.83
C TYR L 35 54.05 25.57 18.32
N GLN L 36 52.89 24.96 18.50
CA GLN L 36 51.62 25.56 18.10
C GLN L 36 50.86 25.98 19.35
N GLN L 37 50.49 27.26 19.40
CA GLN L 37 49.73 27.81 20.52
C GLN L 37 48.44 28.39 19.96
N LYS L 38 47.32 27.74 20.29
CA LYS L 38 45.96 28.18 20.00
C LYS L 38 45.44 29.01 21.17
N PRO L 39 44.64 30.03 20.90
CA PRO L 39 44.18 30.90 22.00
C PRO L 39 43.50 30.09 23.09
N GLY L 40 43.91 30.36 24.34
CA GLY L 40 43.39 29.62 25.47
C GLY L 40 44.01 28.26 25.71
N GLN L 41 45.09 27.91 25.01
CA GLN L 41 45.65 26.57 25.11
C GLN L 41 47.16 26.58 25.32
N ALA L 42 47.63 25.47 25.90
CA ALA L 42 49.04 25.23 26.16
C ALA L 42 49.78 24.89 24.86
N PRO L 43 51.10 25.06 24.81
CA PRO L 43 51.82 24.78 23.57
C PRO L 43 51.82 23.31 23.18
N VAL L 44 51.82 23.07 21.87
CA VAL L 44 51.90 21.72 21.31
C VAL L 44 53.07 21.71 20.33
N LEU L 45 53.95 20.72 20.49
CA LEU L 45 55.12 20.59 19.63
C LEU L 45 54.70 19.99 18.29
N VAL L 46 55.01 20.69 17.19
CA VAL L 46 54.60 20.23 15.87
C VAL L 46 55.73 19.48 15.16
N VAL L 47 56.98 19.92 15.31
CA VAL L 47 58.14 19.21 14.76
C VAL L 47 59.33 19.47 15.68
N TYR L 48 60.21 18.48 15.76
CA TYR L 48 61.46 18.61 16.51
C TYR L 48 62.61 18.14 15.64
N ASP L 49 63.81 18.64 15.93
CA ASP L 49 65.00 18.42 15.11
C ASP L 49 64.78 18.96 13.69
N ASP L 50 63.86 19.92 13.58
CA ASP L 50 63.46 20.61 12.36
C ASP L 50 62.76 19.68 11.39
N SER L 51 62.86 18.36 11.59
CA SER L 51 62.36 17.43 10.59
C SER L 51 61.56 16.29 11.19
N ASP L 52 61.86 15.93 12.43
CA ASP L 52 61.11 14.87 13.08
C ASP L 52 59.81 15.44 13.62
N ARG L 53 58.72 14.71 13.42
CA ARG L 53 57.40 15.19 13.78
C ARG L 53 56.81 14.29 14.86
N PRO L 54 56.33 14.85 15.97
CA PRO L 54 55.80 14.00 17.04
C PRO L 54 54.59 13.20 16.59
N SER L 55 54.39 12.06 17.23
CA SER L 55 53.24 11.23 16.92
C SER L 55 51.95 11.96 17.27
N GLY L 56 50.91 11.73 16.48
CA GLY L 56 49.68 12.45 16.67
C GLY L 56 49.65 13.82 16.03
N ILE L 57 50.74 14.21 15.39
CA ILE L 57 50.85 15.49 14.69
C ILE L 57 50.56 15.22 13.22
N PRO L 58 49.70 16.01 12.57
CA PRO L 58 49.28 15.66 11.21
C PRO L 58 50.44 15.62 10.24
N GLU L 59 50.30 14.79 9.21
CA GLU L 59 51.32 14.67 8.16
C GLU L 59 51.54 16.01 7.47
N ARG L 60 50.61 16.93 7.69
CA ARG L 60 50.65 18.28 7.14
C ARG L 60 51.96 18.98 7.44
N PHE L 61 52.37 18.96 8.71
CA PHE L 61 53.55 19.68 9.15
C PHE L 61 54.84 18.91 8.90
N SER L 62 55.79 19.54 8.22
CA SER L 62 57.15 19.02 8.14
C SER L 62 58.07 20.22 7.94
N GLY L 63 59.31 20.09 8.39
CA GLY L 63 60.26 21.18 8.31
C GLY L 63 61.63 20.69 7.89
N SER L 64 62.45 21.65 7.44
CA SER L 64 63.86 21.40 7.24
C SER L 64 64.65 22.56 7.83
N ASN L 65 65.95 22.64 7.51
CA ASN L 65 66.80 23.70 8.00
C ASN L 65 67.69 24.17 6.84
N SER L 66 67.70 25.47 6.63
CA SER L 66 68.43 26.05 5.49
C SER L 66 69.46 27.05 6.00
N GLY L 67 70.24 26.66 6.99
CA GLY L 67 71.23 27.57 7.54
C GLY L 67 70.55 28.56 8.44
N ASN L 68 70.68 29.84 8.08
CA ASN L 68 70.17 30.91 8.94
C ASN L 68 68.65 30.84 9.06
N THR L 69 67.98 30.49 7.97
CA THR L 69 66.52 30.48 7.92
C THR L 69 66.03 29.03 8.00
N ALA L 70 65.07 28.79 8.89
CA ALA L 70 64.46 27.48 9.05
C ALA L 70 62.97 27.62 8.79
N THR L 71 62.40 26.64 8.10
CA THR L 71 61.03 26.75 7.63
C THR L 71 60.20 25.55 8.06
N LEU L 72 58.98 25.83 8.50
CA LEU L 72 57.96 24.82 8.75
C LEU L 72 56.90 24.93 7.66
N THR L 73 56.62 23.81 7.01
CA THR L 73 55.74 23.80 5.84
C THR L 73 54.47 23.04 6.17
N ILE L 74 53.34 23.69 5.96
CA ILE L 74 52.02 23.12 6.20
C ILE L 74 51.39 22.80 4.85
N SER L 75 51.21 21.51 4.57
CA SER L 75 50.74 21.10 3.26
C SER L 75 49.36 21.68 2.97
N ARG L 76 48.44 21.60 3.94
CA ARG L 76 47.09 22.18 3.81
C ARG L 76 46.67 22.95 5.06
N VAL L 77 46.13 24.14 4.90
CA VAL L 77 45.49 24.85 6.03
C VAL L 77 43.97 24.75 6.00
N GLU L 78 43.45 25.01 7.18
CA GLU L 78 42.06 24.96 7.60
C GLU L 78 41.88 26.07 8.62
N ALA L 79 40.63 26.39 8.94
CA ALA L 79 40.36 27.38 10.00
C ALA L 79 40.87 26.89 11.35
N GLY L 80 40.72 25.60 11.64
CA GLY L 80 41.26 25.06 12.88
C GLY L 80 42.78 25.13 12.95
N ASP L 81 43.44 25.16 11.80
CA ASP L 81 44.89 25.20 11.75
C ASP L 81 45.43 26.49 12.37
N GLU L 82 44.63 27.55 12.40
CA GLU L 82 45.07 28.85 12.90
C GLU L 82 45.61 28.74 14.32
N ALA L 83 46.77 29.34 14.54
CA ALA L 83 47.35 29.44 15.88
C ALA L 83 48.50 30.43 15.82
N ASP L 84 48.98 30.82 17.00
CA ASP L 84 50.28 31.47 17.12
C ASP L 84 51.37 30.41 17.07
N TYR L 85 52.40 30.65 16.25
CA TYR L 85 53.46 29.68 16.03
C TYR L 85 54.79 30.25 16.51
N TYR L 86 55.53 29.46 17.29
CA TYR L 86 56.78 29.87 17.89
C TYR L 86 57.88 28.90 17.49
N CYS L 87 59.12 29.40 17.37
CA CYS L 87 60.24 28.57 16.97
C CYS L 87 61.29 28.51 18.08
N GLN L 88 62.04 27.39 18.11
CA GLN L 88 62.95 27.13 19.22
C GLN L 88 64.31 26.59 18.82
N VAL L 89 65.32 27.14 19.54
CA VAL L 89 66.76 26.83 19.49
C VAL L 89 67.43 26.78 20.86
N TRP L 90 68.46 25.91 20.90
CA TRP L 90 69.32 25.73 22.06
C TRP L 90 70.70 26.29 21.78
N ASP L 91 71.25 27.00 22.76
CA ASP L 91 72.58 27.55 22.68
C ASP L 91 73.52 26.65 23.48
N SER L 92 74.52 26.08 22.80
CA SER L 92 75.45 25.17 23.46
C SER L 92 76.47 25.92 24.32
N SER L 93 77.14 26.92 23.74
CA SER L 93 78.17 27.66 24.48
C SER L 93 77.57 28.38 25.68
N SER L 94 76.45 29.07 25.47
CA SER L 94 75.74 29.68 26.58
C SER L 94 74.76 28.65 27.13
N ASP L 95 74.02 29.03 28.16
CA ASP L 95 73.10 28.11 28.80
C ASP L 95 71.68 28.63 28.71
N HIS L 96 71.27 29.09 27.52
CA HIS L 96 69.96 29.68 27.34
C HIS L 96 69.20 29.07 26.17
N TRP L 97 67.92 28.75 26.41
CA TRP L 97 66.97 28.38 25.36
C TRP L 97 66.39 29.65 24.76
N VAL L 98 66.36 29.73 23.43
CA VAL L 98 65.91 30.93 22.74
C VAL L 98 64.56 30.66 22.08
N PHE L 99 63.64 31.61 22.23
CA PHE L 99 62.28 31.54 21.72
C PHE L 99 62.10 32.51 20.57
N GLY L 100 61.14 32.20 19.68
CA GLY L 100 60.78 33.12 18.63
C GLY L 100 59.72 34.14 19.04
N GLY L 101 59.60 35.20 18.24
CA GLY L 101 58.59 36.21 18.52
C GLY L 101 57.18 35.73 18.24
N GLY L 102 56.99 34.93 17.19
CA GLY L 102 55.69 34.38 16.87
C GLY L 102 55.07 34.80 15.54
N THR L 103 54.36 33.85 14.90
CA THR L 103 53.68 34.08 13.63
C THR L 103 52.22 33.63 13.75
N LYS L 104 51.30 34.52 13.36
CA LYS L 104 49.87 34.26 13.40
C LYS L 104 49.37 33.82 12.03
N LEU L 105 48.81 32.61 11.96
CA LEU L 105 48.19 32.12 10.72
C LEU L 105 46.77 32.65 10.58
N THR L 106 46.48 33.31 9.45
CA THR L 106 45.13 33.76 9.11
C THR L 106 44.73 33.15 7.77
N VAL L 107 43.72 32.30 7.79
CA VAL L 107 43.24 31.62 6.59
C VAL L 107 42.15 32.44 5.89
N LEU L 108 42.30 32.62 4.58
CA LEU L 108 41.31 33.34 3.79
C LEU L 108 40.10 32.43 3.51
N GLY L 109 39.01 33.05 3.08
CA GLY L 109 37.81 32.28 2.82
C GLY L 109 37.05 31.96 4.08
N GLN L 110 37.12 32.83 5.07
CA GLN L 110 36.58 32.52 6.37
C GLN L 110 35.07 32.77 6.41
N PRO L 111 34.33 31.98 7.18
CA PRO L 111 32.86 32.02 7.12
C PRO L 111 32.20 33.28 7.67
N LYS L 112 31.00 33.56 7.16
CA LYS L 112 30.13 34.53 7.82
C LYS L 112 29.29 33.76 8.84
N ALA L 113 29.28 34.24 10.08
CA ALA L 113 28.63 33.54 11.18
C ALA L 113 27.61 34.42 11.88
N ALA L 114 26.45 33.86 12.21
CA ALA L 114 25.43 34.62 12.91
C ALA L 114 25.70 34.64 14.41
N PRO L 115 25.54 35.80 15.06
CA PRO L 115 25.70 35.87 16.53
C PRO L 115 24.47 35.31 17.24
N SER L 116 24.71 34.44 18.21
CA SER L 116 23.67 33.90 19.07
C SER L 116 23.52 34.75 20.33
N VAL L 117 22.27 35.00 20.73
CA VAL L 117 21.98 35.95 21.81
C VAL L 117 21.23 35.22 22.91
N THR L 118 21.72 35.37 24.14
CA THR L 118 21.07 34.85 25.35
C THR L 118 20.98 35.95 26.38
N LEU L 119 19.77 36.20 26.89
CA LEU L 119 19.55 37.24 27.88
C LEU L 119 19.04 36.62 29.17
N PHE L 120 19.68 36.93 30.30
CA PHE L 120 19.30 36.36 31.58
C PHE L 120 19.07 37.47 32.60
N PRO L 121 17.97 37.43 33.35
CA PRO L 121 17.77 38.43 34.41
C PRO L 121 18.67 38.25 35.51
N PRO L 122 19.03 39.28 36.33
CA PRO L 122 19.73 39.12 37.58
C PRO L 122 18.94 38.27 38.55
N SER L 123 19.64 37.48 39.36
CA SER L 123 18.96 36.59 40.28
C SER L 123 18.07 37.39 41.23
N SER L 124 16.85 36.88 41.44
CA SER L 124 15.95 37.47 42.43
C SER L 124 16.49 37.36 43.84
N GLU L 125 17.17 36.25 44.16
CA GLU L 125 17.65 36.06 45.53
C GLU L 125 18.71 37.11 45.87
N GLU L 126 19.56 37.44 44.89
CA GLU L 126 20.54 38.50 45.09
C GLU L 126 19.88 39.86 45.24
N LEU L 127 18.87 40.16 44.41
CA LEU L 127 18.18 41.43 44.55
C LEU L 127 17.42 41.52 45.87
N GLN L 128 16.94 40.39 46.39
CA GLN L 128 16.36 40.39 47.74
C GLN L 128 17.38 40.89 48.76
N ALA L 129 18.64 40.52 48.58
CA ALA L 129 19.70 41.06 49.41
C ALA L 129 19.91 42.53 49.07
N VAL L 135 22.28 38.65 32.28
CA VAL L 135 23.40 38.94 31.40
C VAL L 135 22.96 38.78 29.95
N CYS L 136 23.78 39.27 29.02
CA CYS L 136 23.54 39.10 27.59
C CYS L 136 24.73 38.35 27.02
N LEU L 137 24.49 37.17 26.48
CA LEU L 137 25.56 36.30 26.01
C LEU L 137 25.52 36.20 24.49
N ILE L 138 26.59 36.64 23.85
CA ILE L 138 26.74 36.58 22.40
C ILE L 138 27.85 35.57 22.12
N SER L 139 27.56 34.59 21.28
CA SER L 139 28.50 33.50 21.06
C SER L 139 28.51 33.10 19.60
N ASP L 140 29.63 32.53 19.18
CA ASP L 140 29.77 31.89 17.87
C ASP L 140 29.47 32.88 16.75
N PHE L 141 30.11 34.05 16.81
CA PHE L 141 30.01 35.05 15.76
C PHE L 141 31.39 35.27 15.18
N TYR L 142 31.48 35.18 13.86
CA TYR L 142 32.69 35.49 13.13
C TYR L 142 32.29 36.29 11.89
N PRO L 143 32.98 37.41 11.56
CA PRO L 143 34.12 37.99 12.28
C PRO L 143 33.82 38.60 13.65
N GLY L 144 34.91 38.84 14.37
CA GLY L 144 34.87 39.29 15.75
C GLY L 144 34.61 40.76 15.94
N ALA L 145 33.43 41.21 15.50
CA ALA L 145 32.99 42.58 15.70
C ALA L 145 31.56 42.54 16.21
N VAL L 146 31.32 43.08 17.40
CA VAL L 146 30.00 43.08 18.01
C VAL L 146 29.74 44.42 18.70
N THR L 147 28.51 44.92 18.56
CA THR L 147 28.05 46.13 19.26
C THR L 147 26.87 45.80 20.15
N VAL L 148 27.04 45.93 21.47
CA VAL L 148 26.00 45.65 22.46
C VAL L 148 25.36 46.95 22.93
N ALA L 149 24.02 47.01 22.89
CA ALA L 149 23.26 48.15 23.41
C ALA L 149 22.07 47.67 24.24
N TRP L 150 21.89 48.24 25.43
CA TRP L 150 20.77 47.90 26.31
C TRP L 150 19.75 49.03 26.35
N LYS L 151 18.47 48.69 26.15
CA LYS L 151 17.38 49.66 26.06
C LYS L 151 16.24 49.33 27.02
N ALA L 152 15.70 50.35 27.68
CA ALA L 152 14.56 50.22 28.58
C ALA L 152 13.33 50.87 27.94
N ASP L 153 12.29 50.08 27.70
CA ASP L 153 11.07 50.54 27.00
C ASP L 153 11.42 51.14 25.64
N SER L 154 12.35 50.47 24.94
CA SER L 154 12.87 50.94 23.66
C SER L 154 13.58 52.27 23.79
N SER L 155 14.01 52.62 25.00
CA SER L 155 14.82 53.78 25.23
C SER L 155 16.15 53.31 25.81
N PRO L 156 17.27 53.69 25.21
CA PRO L 156 18.56 53.11 25.59
C PRO L 156 19.00 53.52 27.00
N VAL L 157 19.77 52.63 27.63
CA VAL L 157 20.32 52.84 28.96
C VAL L 157 21.83 52.87 28.85
N LYS L 158 22.43 53.97 29.30
CA LYS L 158 23.87 54.20 29.26
C LYS L 158 24.51 54.21 30.65
N ALA L 159 23.86 53.61 31.65
CA ALA L 159 24.28 53.77 33.03
C ALA L 159 25.03 52.54 33.54
N GLY L 160 26.34 52.53 33.29
CA GLY L 160 27.18 51.46 33.81
C GLY L 160 27.18 50.15 33.04
N VAL L 161 26.76 50.15 31.79
CA VAL L 161 26.72 48.91 31.00
C VAL L 161 28.14 48.57 30.54
N GLU L 162 28.51 47.30 30.66
CA GLU L 162 29.88 46.84 30.40
C GLU L 162 29.91 45.66 29.45
N THR L 163 30.77 45.77 28.42
CA THR L 163 30.88 44.80 27.35
C THR L 163 32.33 44.31 27.29
N THR L 164 32.50 42.98 27.29
CA THR L 164 33.82 42.35 27.19
C THR L 164 34.46 42.56 25.82
N THR L 165 35.80 42.62 25.83
CA THR L 165 36.58 42.55 24.61
C THR L 165 36.55 41.14 24.02
N PRO L 166 36.59 41.03 22.68
CA PRO L 166 36.50 39.70 22.05
C PRO L 166 37.68 38.79 22.34
N SER L 167 37.37 37.51 22.54
CA SER L 167 38.36 36.46 22.75
C SER L 167 38.07 35.30 21.81
N LYS L 168 39.13 34.75 21.19
CA LYS L 168 38.96 33.65 20.25
C LYS L 168 38.67 32.35 20.99
N GLN L 169 37.60 31.65 20.59
CA GLN L 169 37.23 30.37 21.16
C GLN L 169 37.76 29.22 20.31
N SER L 170 37.54 27.99 20.80
CA SER L 170 37.90 26.79 20.04
C SER L 170 37.12 26.70 18.74
N ASN L 171 35.83 27.09 18.75
CA ASN L 171 35.04 27.05 17.52
C ASN L 171 35.44 28.12 16.51
N ASN L 172 36.49 28.90 16.82
CA ASN L 172 37.14 29.93 16.01
C ASN L 172 36.18 31.08 15.67
N LYS L 173 34.97 31.05 16.18
CA LYS L 173 34.07 32.19 16.13
C LYS L 173 34.06 32.87 17.50
N TYR L 174 34.19 34.18 17.49
CA TYR L 174 34.39 34.92 18.73
C TYR L 174 33.10 34.94 19.55
N ALA L 175 33.26 35.12 20.86
CA ALA L 175 32.13 35.26 21.74
C ALA L 175 32.43 36.40 22.71
N ALA L 176 31.41 37.19 23.02
CA ALA L 176 31.56 38.28 23.97
C ALA L 176 30.20 38.36 24.63
N SER L 177 30.13 38.84 25.86
CA SER L 177 28.85 38.97 26.53
C SER L 177 28.80 40.25 27.35
N SER L 178 27.59 40.74 27.60
CA SER L 178 27.41 42.07 28.14
C SER L 178 26.74 42.05 29.52
N TYR L 179 27.24 42.90 30.41
CA TYR L 179 26.73 43.05 31.76
C TYR L 179 26.23 44.46 32.06
N LEU L 180 25.02 44.57 32.59
CA LEU L 180 24.42 45.83 33.04
C LEU L 180 24.03 45.77 34.53
N SER L 181 24.47 46.74 35.31
CA SER L 181 24.16 46.81 36.74
C SER L 181 23.09 47.86 37.02
N LEU L 182 21.96 47.43 37.61
CA LEU L 182 20.85 48.32 37.92
C LEU L 182 20.32 48.02 39.32
N THR L 183 19.74 49.07 39.97
CA THR L 183 19.11 48.93 41.29
C THR L 183 17.69 48.35 41.17
N PRO L 184 17.21 47.66 42.22
CA PRO L 184 15.89 47.00 42.13
C PRO L 184 14.69 47.93 41.92
N GLU L 185 14.69 49.12 42.51
CA GLU L 185 13.52 50.00 42.40
C GLU L 185 13.26 50.39 40.95
N GLN L 186 14.31 50.70 40.20
CA GLN L 186 14.17 51.00 38.78
C GLN L 186 13.65 49.79 38.01
N TRP L 187 14.05 48.58 38.42
CA TRP L 187 13.55 47.35 37.81
C TRP L 187 12.03 47.25 37.92
N LYS L 188 11.45 47.81 38.99
CA LYS L 188 10.00 47.80 39.15
C LYS L 188 9.29 48.53 38.03
N SER L 189 9.95 49.51 37.41
CA SER L 189 9.31 50.30 36.37
C SER L 189 8.88 49.41 35.21
N HIS L 190 7.69 49.67 34.68
CA HIS L 190 7.12 48.81 33.65
C HIS L 190 8.01 48.74 32.42
N ARG L 191 8.80 49.78 32.17
CA ARG L 191 9.82 49.76 31.13
C ARG L 191 10.72 48.54 31.29
N SER L 192 10.74 47.69 30.27
CA SER L 192 11.51 46.46 30.29
C SER L 192 12.86 46.71 29.63
N TYR L 193 13.91 46.24 30.29
CA TYR L 193 15.27 46.38 29.79
C TYR L 193 15.60 45.20 28.88
N SER L 194 16.28 45.48 27.78
CA SER L 194 16.51 44.48 26.75
C SER L 194 17.85 44.71 26.07
N CYS L 195 18.46 43.61 25.65
CA CYS L 195 19.78 43.63 25.05
C CYS L 195 19.68 43.38 23.55
N GLN L 196 20.20 44.31 22.76
CA GLN L 196 20.21 44.20 21.31
C GLN L 196 21.67 44.24 20.84
N VAL L 197 22.06 43.26 20.05
CA VAL L 197 23.45 43.11 19.63
C VAL L 197 23.51 43.17 18.11
N THR L 198 24.32 44.09 17.60
CA THR L 198 24.53 44.28 16.17
C THR L 198 25.95 43.85 15.82
N HIS L 199 26.07 42.87 14.93
CA HIS L 199 27.36 42.38 14.46
C HIS L 199 27.41 42.48 12.94
N GLU L 200 28.38 43.24 12.43
CA GLU L 200 28.59 43.41 10.99
C GLU L 200 27.30 43.83 10.28
N GLY L 201 26.58 44.77 10.90
CA GLY L 201 25.35 45.26 10.32
C GLY L 201 24.15 44.35 10.42
N SER L 202 24.18 43.37 11.32
CA SER L 202 23.03 42.50 11.57
C SER L 202 22.62 42.63 13.04
N THR L 203 21.33 42.88 13.27
CA THR L 203 20.83 43.27 14.60
C THR L 203 19.93 42.19 15.19
N VAL L 204 20.39 41.58 16.29
CA VAL L 204 19.61 40.64 17.09
C VAL L 204 19.25 41.30 18.41
N GLU L 205 17.98 41.18 18.82
CA GLU L 205 17.50 41.81 20.05
C GLU L 205 16.87 40.78 20.97
N LYS L 206 17.14 40.91 22.27
CA LYS L 206 16.50 40.08 23.29
C LYS L 206 16.06 40.89 24.51
N THR L 207 14.88 40.55 25.02
CA THR L 207 14.26 41.12 26.21
C THR L 207 14.00 40.08 27.29
N VAL L 208 14.30 40.48 28.51
CA VAL L 208 14.04 39.73 29.74
C VAL L 208 13.22 40.65 30.64
N ALA L 209 11.91 40.41 30.71
CA ALA L 209 10.99 41.21 31.49
C ALA L 209 10.28 40.34 32.52
N PRO L 210 10.06 40.86 33.75
CA PRO L 210 9.36 40.10 34.79
C PRO L 210 7.91 39.82 34.41
C1 NAG M . 20.23 -14.40 -21.44
C2 NAG M . 21.57 -15.06 -21.02
C3 NAG M . 22.12 -14.48 -19.71
C4 NAG M . 22.14 -12.95 -19.76
C5 NAG M . 20.75 -12.44 -20.11
C6 NAG M . 20.69 -10.93 -20.21
C7 NAG M . 20.81 -17.33 -20.20
C8 NAG M . 19.82 -16.69 -19.25
N2 NAG M . 21.55 -16.53 -20.99
O3 NAG M . 23.42 -14.98 -19.47
O4 NAG M . 22.54 -12.43 -18.50
O5 NAG M . 20.35 -12.97 -21.38
O6 NAG M . 21.69 -10.44 -21.09
O7 NAG M . 20.93 -18.55 -20.26
C1 NAG N . 79.62 -5.23 5.04
C2 NAG N . 80.95 -5.27 5.78
C3 NAG N . 81.89 -4.18 5.27
C4 NAG N . 82.02 -4.26 3.76
C5 NAG N . 80.64 -4.25 3.11
C6 NAG N . 80.69 -4.43 1.60
C7 NAG N . 80.20 -4.09 7.83
C8 NAG N . 80.10 -4.17 9.32
N2 NAG N . 80.75 -5.16 7.22
O3 NAG N . 83.17 -4.33 5.88
O4 NAG N . 82.78 -3.16 3.27
O5 NAG N . 79.85 -5.33 3.63
O6 NAG N . 81.65 -3.56 1.01
O7 NAG N . 79.80 -3.12 7.20
#